data_1PIN
# 
_entry.id   1PIN 
# 
_audit_conform.dict_name       mmcif_pdbx.dic 
_audit_conform.dict_version    5.392 
_audit_conform.dict_location   http://mmcif.pdb.org/dictionaries/ascii/mmcif_pdbx.dic 
# 
loop_
_database_2.database_id 
_database_2.database_code 
_database_2.pdbx_database_accession 
_database_2.pdbx_DOI 
PDB   1PIN         pdb_00001pin 10.2210/pdb1pin/pdb 
WWPDB D_1000175700 ?            ?                   
# 
loop_
_pdbx_audit_revision_history.ordinal 
_pdbx_audit_revision_history.data_content_type 
_pdbx_audit_revision_history.major_revision 
_pdbx_audit_revision_history.minor_revision 
_pdbx_audit_revision_history.revision_date 
1 'Structure model' 1 0 1998-10-14 
2 'Structure model' 1 1 2008-03-24 
3 'Structure model' 1 2 2011-07-13 
4 'Structure model' 1 3 2013-04-24 
5 'Structure model' 1 4 2014-02-26 
6 'Structure model' 2 0 2023-07-26 
7 'Structure model' 2 1 2024-05-22 
# 
loop_
_pdbx_audit_revision_details.ordinal 
_pdbx_audit_revision_details.revision_ordinal 
_pdbx_audit_revision_details.data_content_type 
_pdbx_audit_revision_details.provider 
_pdbx_audit_revision_details.type 
_pdbx_audit_revision_details.description 
_pdbx_audit_revision_details.details 
1 1 'Structure model' repository 'Initial release' ? ? 
2 6 'Structure model' repository Remediation       ? 
'Coordinates and associated ncs operations (if present) transformed into standard crystal frame' 
# 
loop_
_pdbx_audit_revision_group.ordinal 
_pdbx_audit_revision_group.revision_ordinal 
_pdbx_audit_revision_group.data_content_type 
_pdbx_audit_revision_group.group 
1  2 'Structure model' 'Version format compliance' 
2  3 'Structure model' 'Version format compliance' 
3  4 'Structure model' Other                       
4  5 'Structure model' Other                       
5  6 'Structure model' Advisory                    
6  6 'Structure model' 'Atomic model'              
7  6 'Structure model' 'Data collection'           
8  6 'Structure model' 'Database references'       
9  6 'Structure model' 'Derived calculations'      
10 6 'Structure model' Other                       
11 7 'Structure model' 'Data collection'           
# 
loop_
_pdbx_audit_revision_category.ordinal 
_pdbx_audit_revision_category.revision_ordinal 
_pdbx_audit_revision_category.data_content_type 
_pdbx_audit_revision_category.category 
1  6 'Structure model' atom_site                  
2  6 'Structure model' database_2                 
3  6 'Structure model' database_PDB_matrix        
4  6 'Structure model' pdbx_database_remark       
5  6 'Structure model' pdbx_database_status       
6  6 'Structure model' pdbx_struct_oper_list      
7  6 'Structure model' pdbx_validate_symm_contact 
8  6 'Structure model' pdbx_validate_torsion      
9  6 'Structure model' struct_conn                
10 6 'Structure model' struct_site                
11 7 'Structure model' chem_comp_atom             
12 7 'Structure model' chem_comp_bond             
# 
loop_
_pdbx_audit_revision_item.ordinal 
_pdbx_audit_revision_item.revision_ordinal 
_pdbx_audit_revision_item.data_content_type 
_pdbx_audit_revision_item.item 
1  6 'Structure model' '_atom_site.Cartn_x'                   
2  6 'Structure model' '_atom_site.Cartn_y'                   
3  6 'Structure model' '_atom_site.Cartn_z'                   
4  6 'Structure model' '_database_2.pdbx_DOI'                 
5  6 'Structure model' '_database_2.pdbx_database_accession'  
6  6 'Structure model' '_database_PDB_matrix.origx[1][2]'     
7  6 'Structure model' '_database_PDB_matrix.origx[1][3]'     
8  6 'Structure model' '_database_PDB_matrix.origx[2][1]'     
9  6 'Structure model' '_database_PDB_matrix.origx[2][3]'     
10 6 'Structure model' '_database_PDB_matrix.origx[3][1]'     
11 6 'Structure model' '_database_PDB_matrix.origx[3][2]'     
12 6 'Structure model' '_database_PDB_matrix.origx_vector[1]' 
13 6 'Structure model' '_database_PDB_matrix.origx_vector[2]' 
14 6 'Structure model' '_database_PDB_matrix.origx_vector[3]' 
15 6 'Structure model' '_pdbx_database_status.process_site'   
16 6 'Structure model' '_pdbx_validate_torsion.phi'           
17 6 'Structure model' '_pdbx_validate_torsion.psi'           
18 6 'Structure model' '_struct_conn.pdbx_dist_value'         
19 6 'Structure model' '_struct_conn.pdbx_leaving_atom_flag'  
20 6 'Structure model' '_struct_site.pdbx_auth_asym_id'       
21 6 'Structure model' '_struct_site.pdbx_auth_comp_id'       
22 6 'Structure model' '_struct_site.pdbx_auth_seq_id'        
# 
_pdbx_database_status.status_code                     REL 
_pdbx_database_status.entry_id                        1PIN 
_pdbx_database_status.recvd_initial_deposition_date   1998-06-21 
_pdbx_database_status.deposit_site                    ? 
_pdbx_database_status.process_site                    BNL 
_pdbx_database_status.status_code_sf                  REL 
_pdbx_database_status.status_code_mr                  ? 
_pdbx_database_status.SG_entry                        ? 
_pdbx_database_status.status_code_cs                  ? 
_pdbx_database_status.methods_development_category    ? 
_pdbx_database_status.pdb_format_compatible           Y 
_pdbx_database_status.status_code_nmr_data            ? 
# 
loop_
_audit_author.name 
_audit_author.pdbx_ordinal 
'Noel, J.P.'      1 
'Ranganathan, R.' 2 
'Hunter, T.'      3 
# 
loop_
_citation.id 
_citation.title 
_citation.journal_abbrev 
_citation.journal_volume 
_citation.page_first 
_citation.page_last 
_citation.year 
_citation.journal_id_ASTM 
_citation.country 
_citation.journal_id_ISSN 
_citation.journal_id_CSD 
_citation.book_publisher 
_citation.pdbx_database_id_PubMed 
_citation.pdbx_database_id_DOI 
primary 
'Structural and functional analysis of the mitotic rotamase Pin1 suggests substrate recognition is phosphorylation dependent.' 
'Cell(Cambridge,Mass.)' 89  875 886 1997 CELLB5 US 0092-8674 0998 ? 9200606 '10.1016/S0092-8674(00)80273-1' 
1       'A Human Peptidyl-Prolyl Isomerase Essential for Regulation of Mitosis' Nature                  380 544 ?   1996 NATUAS UK 
0028-0836 0006 ? ?       ?                               
# 
loop_
_citation_author.citation_id 
_citation_author.name 
_citation_author.ordinal 
_citation_author.identifier_ORCID 
primary 'Ranganathan, R.' 1 ? 
primary 'Lu, K.P.'        2 ? 
primary 'Hunter, T.'      3 ? 
primary 'Noel, J.P.'      4 ? 
1       'Lu, K.P.'        5 ? 
1       'Hanes, S.D.'     6 ? 
1       'Hunter, T.'      7 ? 
# 
loop_
_entity.id 
_entity.type 
_entity.src_method 
_entity.pdbx_description 
_entity.formula_weight 
_entity.pdbx_number_of_molecules 
_entity.pdbx_ec 
_entity.pdbx_mutation 
_entity.pdbx_fragment 
_entity.details 
1 polymer     man 'PEPTIDYL-PROLYL CIS-TRANS ISOMERASE'                           18271.309 1   5.2.1.8 ? ? ? 
2 non-polymer syn ALANINE                                                         89.093    1   ?       ? ? ? 
3 non-polymer syn PROLINE                                                         115.130   1   ?       ? ? ? 
4 non-polymer syn 'SULFATE ION'                                                   96.063    1   ?       ? ? ? 
5 non-polymer syn '2-(2-{2-[2-(2-METHOXY-ETHOXY)-ETHOXY]-ETHOXY}-ETHOXY)-ETHANOL' 252.305   2   ?       ? ? ? 
6 water       nat water                                                           18.015    204 ?       ? ? ? 
# 
_entity_name_com.entity_id   1 
_entity_name_com.name        PIN1 
# 
_entity_poly.entity_id                      1 
_entity_poly.type                           'polypeptide(L)' 
_entity_poly.nstd_linkage                   no 
_entity_poly.nstd_monomer                   no 
_entity_poly.pdbx_seq_one_letter_code       
;MADEEKLPPGWEKRMSRSSGRVYYFNHITNASQWERPSGNSSSGGKNGQGEPARVRCSHLLVKHSQSRRPSSWRQEKITR
TKEEALELINGYIQKIKSGEEDFESLASQFSDCSSAKARGDLGAFSRGQMQKPFEDASFALRTGEMSGPVFTDSGIHIIL
RTE
;
_entity_poly.pdbx_seq_one_letter_code_can   
;MADEEKLPPGWEKRMSRSSGRVYYFNHITNASQWERPSGNSSSGGKNGQGEPARVRCSHLLVKHSQSRRPSSWRQEKITR
TKEEALELINGYIQKIKSGEEDFESLASQFSDCSSAKARGDLGAFSRGQMQKPFEDASFALRTGEMSGPVFTDSGIHIIL
RTE
;
_entity_poly.pdbx_strand_id                 A 
_entity_poly.pdbx_target_identifier         ? 
# 
loop_
_pdbx_entity_nonpoly.entity_id 
_pdbx_entity_nonpoly.name 
_pdbx_entity_nonpoly.comp_id 
2 ALANINE                                                         ALA 
3 PROLINE                                                         PRO 
4 'SULFATE ION'                                                   SO4 
5 '2-(2-{2-[2-(2-METHOXY-ETHOXY)-ETHOXY]-ETHOXY}-ETHOXY)-ETHANOL' 1PG 
6 water                                                           HOH 
# 
loop_
_entity_poly_seq.entity_id 
_entity_poly_seq.num 
_entity_poly_seq.mon_id 
_entity_poly_seq.hetero 
1 1   MET n 
1 2   ALA n 
1 3   ASP n 
1 4   GLU n 
1 5   GLU n 
1 6   LYS n 
1 7   LEU n 
1 8   PRO n 
1 9   PRO n 
1 10  GLY n 
1 11  TRP n 
1 12  GLU n 
1 13  LYS n 
1 14  ARG n 
1 15  MET n 
1 16  SER n 
1 17  ARG n 
1 18  SER n 
1 19  SER n 
1 20  GLY n 
1 21  ARG n 
1 22  VAL n 
1 23  TYR n 
1 24  TYR n 
1 25  PHE n 
1 26  ASN n 
1 27  HIS n 
1 28  ILE n 
1 29  THR n 
1 30  ASN n 
1 31  ALA n 
1 32  SER n 
1 33  GLN n 
1 34  TRP n 
1 35  GLU n 
1 36  ARG n 
1 37  PRO n 
1 38  SER n 
1 39  GLY n 
1 40  ASN n 
1 41  SER n 
1 42  SER n 
1 43  SER n 
1 44  GLY n 
1 45  GLY n 
1 46  LYS n 
1 47  ASN n 
1 48  GLY n 
1 49  GLN n 
1 50  GLY n 
1 51  GLU n 
1 52  PRO n 
1 53  ALA n 
1 54  ARG n 
1 55  VAL n 
1 56  ARG n 
1 57  CYS n 
1 58  SER n 
1 59  HIS n 
1 60  LEU n 
1 61  LEU n 
1 62  VAL n 
1 63  LYS n 
1 64  HIS n 
1 65  SER n 
1 66  GLN n 
1 67  SER n 
1 68  ARG n 
1 69  ARG n 
1 70  PRO n 
1 71  SER n 
1 72  SER n 
1 73  TRP n 
1 74  ARG n 
1 75  GLN n 
1 76  GLU n 
1 77  LYS n 
1 78  ILE n 
1 79  THR n 
1 80  ARG n 
1 81  THR n 
1 82  LYS n 
1 83  GLU n 
1 84  GLU n 
1 85  ALA n 
1 86  LEU n 
1 87  GLU n 
1 88  LEU n 
1 89  ILE n 
1 90  ASN n 
1 91  GLY n 
1 92  TYR n 
1 93  ILE n 
1 94  GLN n 
1 95  LYS n 
1 96  ILE n 
1 97  LYS n 
1 98  SER n 
1 99  GLY n 
1 100 GLU n 
1 101 GLU n 
1 102 ASP n 
1 103 PHE n 
1 104 GLU n 
1 105 SER n 
1 106 LEU n 
1 107 ALA n 
1 108 SER n 
1 109 GLN n 
1 110 PHE n 
1 111 SER n 
1 112 ASP n 
1 113 CYS n 
1 114 SER n 
1 115 SER n 
1 116 ALA n 
1 117 LYS n 
1 118 ALA n 
1 119 ARG n 
1 120 GLY n 
1 121 ASP n 
1 122 LEU n 
1 123 GLY n 
1 124 ALA n 
1 125 PHE n 
1 126 SER n 
1 127 ARG n 
1 128 GLY n 
1 129 GLN n 
1 130 MET n 
1 131 GLN n 
1 132 LYS n 
1 133 PRO n 
1 134 PHE n 
1 135 GLU n 
1 136 ASP n 
1 137 ALA n 
1 138 SER n 
1 139 PHE n 
1 140 ALA n 
1 141 LEU n 
1 142 ARG n 
1 143 THR n 
1 144 GLY n 
1 145 GLU n 
1 146 MET n 
1 147 SER n 
1 148 GLY n 
1 149 PRO n 
1 150 VAL n 
1 151 PHE n 
1 152 THR n 
1 153 ASP n 
1 154 SER n 
1 155 GLY n 
1 156 ILE n 
1 157 HIS n 
1 158 ILE n 
1 159 ILE n 
1 160 LEU n 
1 161 ARG n 
1 162 THR n 
1 163 GLU n 
# 
_entity_src_gen.entity_id                          1 
_entity_src_gen.pdbx_src_id                        1 
_entity_src_gen.pdbx_alt_source_flag               sample 
_entity_src_gen.pdbx_seq_type                      ? 
_entity_src_gen.pdbx_beg_seq_num                   ? 
_entity_src_gen.pdbx_end_seq_num                   ? 
_entity_src_gen.gene_src_common_name               human 
_entity_src_gen.gene_src_genus                     Homo 
_entity_src_gen.pdbx_gene_src_gene                 PIN1 
_entity_src_gen.gene_src_species                   ? 
_entity_src_gen.gene_src_strain                    ? 
_entity_src_gen.gene_src_tissue                    ? 
_entity_src_gen.gene_src_tissue_fraction           ? 
_entity_src_gen.gene_src_details                   ? 
_entity_src_gen.pdbx_gene_src_fragment             ? 
_entity_src_gen.pdbx_gene_src_scientific_name      'Homo sapiens' 
_entity_src_gen.pdbx_gene_src_ncbi_taxonomy_id     9606 
_entity_src_gen.pdbx_gene_src_variant              ? 
_entity_src_gen.pdbx_gene_src_cell_line            'HELA CELL' 
_entity_src_gen.pdbx_gene_src_atcc                 ? 
_entity_src_gen.pdbx_gene_src_organ                ? 
_entity_src_gen.pdbx_gene_src_organelle            ? 
_entity_src_gen.pdbx_gene_src_cell                 ? 
_entity_src_gen.pdbx_gene_src_cellular_location    ? 
_entity_src_gen.host_org_common_name               ? 
_entity_src_gen.pdbx_host_org_scientific_name      'Escherichia coli BL21(DE3)' 
_entity_src_gen.pdbx_host_org_ncbi_taxonomy_id     469008 
_entity_src_gen.host_org_genus                     Escherichia 
_entity_src_gen.pdbx_host_org_gene                 ? 
_entity_src_gen.pdbx_host_org_organ                ? 
_entity_src_gen.host_org_species                   'Escherichia coli' 
_entity_src_gen.pdbx_host_org_tissue               ? 
_entity_src_gen.pdbx_host_org_tissue_fraction      ? 
_entity_src_gen.pdbx_host_org_strain               'BL21 (DE3)' 
_entity_src_gen.pdbx_host_org_variant              ? 
_entity_src_gen.pdbx_host_org_cell_line            ? 
_entity_src_gen.pdbx_host_org_atcc                 ? 
_entity_src_gen.pdbx_host_org_culture_collection   ? 
_entity_src_gen.pdbx_host_org_cell                 ? 
_entity_src_gen.pdbx_host_org_organelle            ? 
_entity_src_gen.pdbx_host_org_cellular_location    CYTOPLASM 
_entity_src_gen.pdbx_host_org_vector_type          PLASMID 
_entity_src_gen.pdbx_host_org_vector               ? 
_entity_src_gen.host_org_details                   ? 
_entity_src_gen.expression_system_id               ? 
_entity_src_gen.plasmid_name                       'PET28A(+)' 
_entity_src_gen.plasmid_details                    ? 
_entity_src_gen.pdbx_description                   
;USING THE HUMAN GENE, THE PROTEIN WAS OVEREXPRESSED IN ESCHERICHIA COLI. THE GENE FOR HUMAN PIN1 WAS INSERTED INTO THE NCOI/BAMHI SITES OF PLASMID PET28A(+) - NOVAGEN -, TRANSFORMED INTO
E. COLI BL21(DE3), AND EXPRESSED AT 20 DEGREES CELSIUS AS A 6HIS N-TERMINAL FUSION PROTEIN.  FOLLOWING PURIFICATION
USING A NI-NTA RESIN, THE 6HIS FUSION WAS REMOVED BY THROMBIN DIGESTION.
;
# 
loop_
_chem_comp.id 
_chem_comp.type 
_chem_comp.mon_nstd_flag 
_chem_comp.name 
_chem_comp.pdbx_synonyms 
_chem_comp.formula 
_chem_comp.formula_weight 
1PG non-polymer         . '2-(2-{2-[2-(2-METHOXY-ETHOXY)-ETHOXY]-ETHOXY}-ETHOXY)-ETHANOL' ? 'C11 H24 O6'     252.305 
ALA 'L-peptide linking' y ALANINE                                                         ? 'C3 H7 N O2'     89.093  
ARG 'L-peptide linking' y ARGININE                                                        ? 'C6 H15 N4 O2 1' 175.209 
ASN 'L-peptide linking' y ASPARAGINE                                                      ? 'C4 H8 N2 O3'    132.118 
ASP 'L-peptide linking' y 'ASPARTIC ACID'                                                 ? 'C4 H7 N O4'     133.103 
CYS 'L-peptide linking' y CYSTEINE                                                        ? 'C3 H7 N O2 S'   121.158 
GLN 'L-peptide linking' y GLUTAMINE                                                       ? 'C5 H10 N2 O3'   146.144 
GLU 'L-peptide linking' y 'GLUTAMIC ACID'                                                 ? 'C5 H9 N O4'     147.129 
GLY 'peptide linking'   y GLYCINE                                                         ? 'C2 H5 N O2'     75.067  
HIS 'L-peptide linking' y HISTIDINE                                                       ? 'C6 H10 N3 O2 1' 156.162 
HOH non-polymer         . WATER                                                           ? 'H2 O'           18.015  
ILE 'L-peptide linking' y ISOLEUCINE                                                      ? 'C6 H13 N O2'    131.173 
LEU 'L-peptide linking' y LEUCINE                                                         ? 'C6 H13 N O2'    131.173 
LYS 'L-peptide linking' y LYSINE                                                          ? 'C6 H15 N2 O2 1' 147.195 
MET 'L-peptide linking' y METHIONINE                                                      ? 'C5 H11 N O2 S'  149.211 
PHE 'L-peptide linking' y PHENYLALANINE                                                   ? 'C9 H11 N O2'    165.189 
PRO 'L-peptide linking' y PROLINE                                                         ? 'C5 H9 N O2'     115.130 
SER 'L-peptide linking' y SERINE                                                          ? 'C3 H7 N O3'     105.093 
SO4 non-polymer         . 'SULFATE ION'                                                   ? 'O4 S -2'        96.063  
THR 'L-peptide linking' y THREONINE                                                       ? 'C4 H9 N O3'     119.119 
TRP 'L-peptide linking' y TRYPTOPHAN                                                      ? 'C11 H12 N2 O2'  204.225 
TYR 'L-peptide linking' y TYROSINE                                                        ? 'C9 H11 N O3'    181.189 
VAL 'L-peptide linking' y VALINE                                                          ? 'C5 H11 N O2'    117.146 
# 
loop_
_pdbx_poly_seq_scheme.asym_id 
_pdbx_poly_seq_scheme.entity_id 
_pdbx_poly_seq_scheme.seq_id 
_pdbx_poly_seq_scheme.mon_id 
_pdbx_poly_seq_scheme.ndb_seq_num 
_pdbx_poly_seq_scheme.pdb_seq_num 
_pdbx_poly_seq_scheme.auth_seq_num 
_pdbx_poly_seq_scheme.pdb_mon_id 
_pdbx_poly_seq_scheme.auth_mon_id 
_pdbx_poly_seq_scheme.pdb_strand_id 
_pdbx_poly_seq_scheme.pdb_ins_code 
_pdbx_poly_seq_scheme.hetero 
A 1 1   MET 1   1   ?   ?   ?   A . n 
A 1 2   ALA 2   2   ?   ?   ?   A . n 
A 1 3   ASP 3   3   ?   ?   ?   A . n 
A 1 4   GLU 4   4   ?   ?   ?   A . n 
A 1 5   GLU 5   5   ?   ?   ?   A . n 
A 1 6   LYS 6   6   6   LYS LYS A . n 
A 1 7   LEU 7   7   7   LEU LEU A . n 
A 1 8   PRO 8   8   8   PRO PRO A . n 
A 1 9   PRO 9   9   9   PRO PRO A . n 
A 1 10  GLY 10  10  10  GLY GLY A . n 
A 1 11  TRP 11  11  11  TRP TRP A . n 
A 1 12  GLU 12  12  12  GLU GLU A . n 
A 1 13  LYS 13  13  13  LYS LYS A . n 
A 1 14  ARG 14  14  14  ARG ARG A . n 
A 1 15  MET 15  15  15  MET MET A . n 
A 1 16  SER 16  16  16  SER SER A . n 
A 1 17  ARG 17  17  17  ARG ARG A . n 
A 1 18  SER 18  18  18  SER SER A . n 
A 1 19  SER 19  19  19  SER SER A . n 
A 1 20  GLY 20  20  20  GLY GLY A . n 
A 1 21  ARG 21  21  21  ARG ARG A . n 
A 1 22  VAL 22  22  22  VAL VAL A . n 
A 1 23  TYR 23  23  23  TYR TYR A . n 
A 1 24  TYR 24  24  24  TYR TYR A . n 
A 1 25  PHE 25  25  25  PHE PHE A . n 
A 1 26  ASN 26  26  26  ASN ASN A . n 
A 1 27  HIS 27  27  27  HIS HIS A . n 
A 1 28  ILE 28  28  28  ILE ILE A . n 
A 1 29  THR 29  29  29  THR THR A . n 
A 1 30  ASN 30  30  30  ASN ASN A . n 
A 1 31  ALA 31  31  31  ALA ALA A . n 
A 1 32  SER 32  32  32  SER SER A . n 
A 1 33  GLN 33  33  33  GLN GLN A . n 
A 1 34  TRP 34  34  34  TRP TRP A . n 
A 1 35  GLU 35  35  35  GLU GLU A . n 
A 1 36  ARG 36  36  36  ARG ARG A . n 
A 1 37  PRO 37  37  37  PRO PRO A . n 
A 1 38  SER 38  38  38  SER SER A . n 
A 1 39  GLY 39  39  39  GLY GLY A . n 
A 1 40  ASN 40  40  ?   ?   ?   A . n 
A 1 41  SER 41  41  ?   ?   ?   A . n 
A 1 42  SER 42  42  ?   ?   ?   A . n 
A 1 43  SER 43  43  ?   ?   ?   A . n 
A 1 44  GLY 44  44  ?   ?   ?   A . n 
A 1 45  GLY 45  45  45  GLY GLY A . n 
A 1 46  LYS 46  46  46  LYS LYS A . n 
A 1 47  ASN 47  47  47  ASN ASN A . n 
A 1 48  GLY 48  48  48  GLY GLY A . n 
A 1 49  GLN 49  49  49  GLN GLN A . n 
A 1 50  GLY 50  50  50  GLY GLY A . n 
A 1 51  GLU 51  51  51  GLU GLU A . n 
A 1 52  PRO 52  52  52  PRO PRO A . n 
A 1 53  ALA 53  53  53  ALA ALA A . n 
A 1 54  ARG 54  54  54  ARG ARG A . n 
A 1 55  VAL 55  55  55  VAL VAL A . n 
A 1 56  ARG 56  56  56  ARG ARG A . n 
A 1 57  CYS 57  57  57  CYS CYS A . n 
A 1 58  SER 58  58  58  SER SER A . n 
A 1 59  HIS 59  59  59  HIS HIS A . n 
A 1 60  LEU 60  60  60  LEU LEU A . n 
A 1 61  LEU 61  61  61  LEU LEU A . n 
A 1 62  VAL 62  62  62  VAL VAL A . n 
A 1 63  LYS 63  63  63  LYS LYS A . n 
A 1 64  HIS 64  64  64  HIS HIS A . n 
A 1 65  SER 65  65  65  SER SER A . n 
A 1 66  GLN 66  66  66  GLN GLN A . n 
A 1 67  SER 67  67  67  SER SER A . n 
A 1 68  ARG 68  68  68  ARG ARG A . n 
A 1 69  ARG 69  69  69  ARG ARG A . n 
A 1 70  PRO 70  70  70  PRO PRO A . n 
A 1 71  SER 71  71  71  SER SER A . n 
A 1 72  SER 72  72  72  SER SER A . n 
A 1 73  TRP 73  73  73  TRP TRP A . n 
A 1 74  ARG 74  74  74  ARG ARG A . n 
A 1 75  GLN 75  75  75  GLN GLN A . n 
A 1 76  GLU 76  76  76  GLU GLU A . n 
A 1 77  LYS 77  77  77  LYS LYS A . n 
A 1 78  ILE 78  78  78  ILE ILE A . n 
A 1 79  THR 79  79  79  THR THR A . n 
A 1 80  ARG 80  80  80  ARG ARG A . n 
A 1 81  THR 81  81  81  THR THR A . n 
A 1 82  LYS 82  82  82  LYS LYS A . n 
A 1 83  GLU 83  83  83  GLU GLU A . n 
A 1 84  GLU 84  84  84  GLU GLU A . n 
A 1 85  ALA 85  85  85  ALA ALA A . n 
A 1 86  LEU 86  86  86  LEU LEU A . n 
A 1 87  GLU 87  87  87  GLU GLU A . n 
A 1 88  LEU 88  88  88  LEU LEU A . n 
A 1 89  ILE 89  89  89  ILE ILE A . n 
A 1 90  ASN 90  90  90  ASN ASN A . n 
A 1 91  GLY 91  91  91  GLY GLY A . n 
A 1 92  TYR 92  92  92  TYR TYR A . n 
A 1 93  ILE 93  93  93  ILE ILE A . n 
A 1 94  GLN 94  94  94  GLN GLN A . n 
A 1 95  LYS 95  95  95  LYS LYS A . n 
A 1 96  ILE 96  96  96  ILE ILE A . n 
A 1 97  LYS 97  97  97  LYS LYS A . n 
A 1 98  SER 98  98  98  SER SER A . n 
A 1 99  GLY 99  99  99  GLY GLY A . n 
A 1 100 GLU 100 100 100 GLU GLU A . n 
A 1 101 GLU 101 101 101 GLU GLU A . n 
A 1 102 ASP 102 102 102 ASP ASP A . n 
A 1 103 PHE 103 103 103 PHE PHE A . n 
A 1 104 GLU 104 104 104 GLU GLU A . n 
A 1 105 SER 105 105 105 SER SER A . n 
A 1 106 LEU 106 106 106 LEU LEU A . n 
A 1 107 ALA 107 107 107 ALA ALA A . n 
A 1 108 SER 108 108 108 SER SER A . n 
A 1 109 GLN 109 109 109 GLN GLN A . n 
A 1 110 PHE 110 110 110 PHE PHE A . n 
A 1 111 SER 111 111 111 SER SER A . n 
A 1 112 ASP 112 112 112 ASP ASP A . n 
A 1 113 CYS 113 113 113 CYS CYS A . n 
A 1 114 SER 114 114 114 SER SER A . n 
A 1 115 SER 115 115 115 SER SER A . n 
A 1 116 ALA 116 116 116 ALA ALA A . n 
A 1 117 LYS 117 117 117 LYS LYS A . n 
A 1 118 ALA 118 118 118 ALA ALA A . n 
A 1 119 ARG 119 119 119 ARG ARG A . n 
A 1 120 GLY 120 120 120 GLY GLY A . n 
A 1 121 ASP 121 121 121 ASP ASP A . n 
A 1 122 LEU 122 122 122 LEU LEU A . n 
A 1 123 GLY 123 123 123 GLY GLY A . n 
A 1 124 ALA 124 124 124 ALA ALA A . n 
A 1 125 PHE 125 125 125 PHE PHE A . n 
A 1 126 SER 126 126 126 SER SER A . n 
A 1 127 ARG 127 127 127 ARG ARG A . n 
A 1 128 GLY 128 128 128 GLY GLY A . n 
A 1 129 GLN 129 129 129 GLN GLN A . n 
A 1 130 MET 130 130 130 MET MET A . n 
A 1 131 GLN 131 131 131 GLN GLN A . n 
A 1 132 LYS 132 132 132 LYS LYS A . n 
A 1 133 PRO 133 133 133 PRO PRO A . n 
A 1 134 PHE 134 134 134 PHE PHE A . n 
A 1 135 GLU 135 135 135 GLU GLU A . n 
A 1 136 ASP 136 136 136 ASP ASP A . n 
A 1 137 ALA 137 137 137 ALA ALA A . n 
A 1 138 SER 138 138 138 SER SER A . n 
A 1 139 PHE 139 139 139 PHE PHE A . n 
A 1 140 ALA 140 140 140 ALA ALA A . n 
A 1 141 LEU 141 141 141 LEU LEU A . n 
A 1 142 ARG 142 142 142 ARG ARG A . n 
A 1 143 THR 143 143 143 THR THR A . n 
A 1 144 GLY 144 144 144 GLY GLY A . n 
A 1 145 GLU 145 145 145 GLU GLU A . n 
A 1 146 MET 146 146 146 MET MET A . n 
A 1 147 SER 147 147 147 SER SER A . n 
A 1 148 GLY 148 148 148 GLY GLY A . n 
A 1 149 PRO 149 149 149 PRO PRO A . n 
A 1 150 VAL 150 150 150 VAL VAL A . n 
A 1 151 PHE 151 151 151 PHE PHE A . n 
A 1 152 THR 152 152 152 THR THR A . n 
A 1 153 ASP 153 153 153 ASP ASP A . n 
A 1 154 SER 154 154 154 SER SER A . n 
A 1 155 GLY 155 155 155 GLY GLY A . n 
A 1 156 ILE 156 156 156 ILE ILE A . n 
A 1 157 HIS 157 157 157 HIS HIS A . n 
A 1 158 ILE 158 158 158 ILE ILE A . n 
A 1 159 ILE 159 159 159 ILE ILE A . n 
A 1 160 LEU 160 160 160 LEU LEU A . n 
A 1 161 ARG 161 161 161 ARG ARG A . n 
A 1 162 THR 162 162 162 THR THR A . n 
A 1 163 GLU 163 163 163 GLU GLU A . n 
# 
loop_
_pdbx_nonpoly_scheme.asym_id 
_pdbx_nonpoly_scheme.entity_id 
_pdbx_nonpoly_scheme.mon_id 
_pdbx_nonpoly_scheme.ndb_seq_num 
_pdbx_nonpoly_scheme.pdb_seq_num 
_pdbx_nonpoly_scheme.auth_seq_num 
_pdbx_nonpoly_scheme.pdb_mon_id 
_pdbx_nonpoly_scheme.auth_mon_id 
_pdbx_nonpoly_scheme.pdb_strand_id 
_pdbx_nonpoly_scheme.pdb_ins_code 
B 2 ALA 1   201  201  ALA ALA A . 
C 3 PRO 1   202  202  PRO PRO A . 
D 4 SO4 1   400  400  SO4 SO4 A . 
E 5 1PG 1   300  300  1PG 1PG A . 
F 5 1PG 1   301  301  1PG 1PG A . 
G 6 HOH 1   1001 1001 HOH HOH A . 
G 6 HOH 2   1002 1002 HOH HOH A . 
G 6 HOH 3   1003 1003 HOH HOH A . 
G 6 HOH 4   1004 1004 HOH HOH A . 
G 6 HOH 5   1005 1005 HOH HOH A . 
G 6 HOH 6   1006 1006 HOH HOH A . 
G 6 HOH 7   1007 1007 HOH HOH A . 
G 6 HOH 8   1008 1008 HOH HOH A . 
G 6 HOH 9   1009 1009 HOH HOH A . 
G 6 HOH 10  1010 1010 HOH HOH A . 
G 6 HOH 11  1011 1011 HOH HOH A . 
G 6 HOH 12  1012 1012 HOH HOH A . 
G 6 HOH 13  1013 1013 HOH HOH A . 
G 6 HOH 14  1014 1014 HOH HOH A . 
G 6 HOH 15  1015 1015 HOH HOH A . 
G 6 HOH 16  1016 1016 HOH HOH A . 
G 6 HOH 17  1017 1017 HOH HOH A . 
G 6 HOH 18  1018 1018 HOH HOH A . 
G 6 HOH 19  1019 1019 HOH HOH A . 
G 6 HOH 20  1020 1020 HOH HOH A . 
G 6 HOH 21  1021 1021 HOH HOH A . 
G 6 HOH 22  1022 1022 HOH HOH A . 
G 6 HOH 23  1023 1023 HOH HOH A . 
G 6 HOH 24  1024 1024 HOH HOH A . 
G 6 HOH 25  1025 1025 HOH HOH A . 
G 6 HOH 26  1026 1026 HOH HOH A . 
G 6 HOH 27  1027 1027 HOH HOH A . 
G 6 HOH 28  1028 1028 HOH HOH A . 
G 6 HOH 29  1029 1029 HOH HOH A . 
G 6 HOH 30  1030 1030 HOH HOH A . 
G 6 HOH 31  1031 1031 HOH HOH A . 
G 6 HOH 32  1032 1032 HOH HOH A . 
G 6 HOH 33  1033 1033 HOH HOH A . 
G 6 HOH 34  1034 1034 HOH HOH A . 
G 6 HOH 35  1035 1035 HOH HOH A . 
G 6 HOH 36  1036 1036 HOH HOH A . 
G 6 HOH 37  1037 1037 HOH HOH A . 
G 6 HOH 38  1038 1038 HOH HOH A . 
G 6 HOH 39  1039 1039 HOH HOH A . 
G 6 HOH 40  1040 1040 HOH HOH A . 
G 6 HOH 41  1041 1041 HOH HOH A . 
G 6 HOH 42  1042 1042 HOH HOH A . 
G 6 HOH 43  1043 1043 HOH HOH A . 
G 6 HOH 44  1044 1044 HOH HOH A . 
G 6 HOH 45  1045 1045 HOH HOH A . 
G 6 HOH 46  1046 1046 HOH HOH A . 
G 6 HOH 47  1047 1047 HOH HOH A . 
G 6 HOH 48  1048 1048 HOH HOH A . 
G 6 HOH 49  1049 1049 HOH HOH A . 
G 6 HOH 50  1050 1050 HOH HOH A . 
G 6 HOH 51  1051 1051 HOH HOH A . 
G 6 HOH 52  1052 1052 HOH HOH A . 
G 6 HOH 53  1053 1053 HOH HOH A . 
G 6 HOH 54  1054 1054 HOH HOH A . 
G 6 HOH 55  1055 1055 HOH HOH A . 
G 6 HOH 56  1056 1056 HOH HOH A . 
G 6 HOH 57  1057 1057 HOH HOH A . 
G 6 HOH 58  1058 1058 HOH HOH A . 
G 6 HOH 59  1059 1059 HOH HOH A . 
G 6 HOH 60  1060 1060 HOH HOH A . 
G 6 HOH 61  1061 1061 HOH HOH A . 
G 6 HOH 62  1062 1062 HOH HOH A . 
G 6 HOH 63  1063 1063 HOH HOH A . 
G 6 HOH 64  1064 1064 HOH HOH A . 
G 6 HOH 65  1065 1065 HOH HOH A . 
G 6 HOH 66  1066 1066 HOH HOH A . 
G 6 HOH 67  1067 1067 HOH HOH A . 
G 6 HOH 68  1068 1068 HOH HOH A . 
G 6 HOH 69  1069 1069 HOH HOH A . 
G 6 HOH 70  1070 1070 HOH HOH A . 
G 6 HOH 71  1071 1071 HOH HOH A . 
G 6 HOH 72  1072 1072 HOH HOH A . 
G 6 HOH 73  1073 1073 HOH HOH A . 
G 6 HOH 74  1074 1074 HOH HOH A . 
G 6 HOH 75  1075 1075 HOH HOH A . 
G 6 HOH 76  1076 1076 HOH HOH A . 
G 6 HOH 77  1077 1077 HOH HOH A . 
G 6 HOH 78  1078 1078 HOH HOH A . 
G 6 HOH 79  1079 1079 HOH HOH A . 
G 6 HOH 80  1080 1080 HOH HOH A . 
G 6 HOH 81  1081 1081 HOH HOH A . 
G 6 HOH 82  1082 1082 HOH HOH A . 
G 6 HOH 83  1083 1083 HOH HOH A . 
G 6 HOH 84  1084 1084 HOH HOH A . 
G 6 HOH 85  1085 1085 HOH HOH A . 
G 6 HOH 86  1086 1086 HOH HOH A . 
G 6 HOH 87  1087 1087 HOH HOH A . 
G 6 HOH 88  1088 1088 HOH HOH A . 
G 6 HOH 89  1089 1089 HOH HOH A . 
G 6 HOH 90  1090 1090 HOH HOH A . 
G 6 HOH 91  1091 1091 HOH HOH A . 
G 6 HOH 92  1092 1092 HOH HOH A . 
G 6 HOH 93  1093 1093 HOH HOH A . 
G 6 HOH 94  1094 1094 HOH HOH A . 
G 6 HOH 95  1095 1095 HOH HOH A . 
G 6 HOH 96  1096 1096 HOH HOH A . 
G 6 HOH 97  1097 1097 HOH HOH A . 
G 6 HOH 98  1098 1098 HOH HOH A . 
G 6 HOH 99  1099 1099 HOH HOH A . 
G 6 HOH 100 1100 1100 HOH HOH A . 
G 6 HOH 101 1101 1101 HOH HOH A . 
G 6 HOH 102 1102 1102 HOH HOH A . 
G 6 HOH 103 1103 1103 HOH HOH A . 
G 6 HOH 104 1104 1104 HOH HOH A . 
G 6 HOH 105 1105 1105 HOH HOH A . 
G 6 HOH 106 1106 1106 HOH HOH A . 
G 6 HOH 107 1107 1107 HOH HOH A . 
G 6 HOH 108 1108 1108 HOH HOH A . 
G 6 HOH 109 1109 1109 HOH HOH A . 
G 6 HOH 110 1110 1110 HOH HOH A . 
G 6 HOH 111 1111 1111 HOH HOH A . 
G 6 HOH 112 1112 1112 HOH HOH A . 
G 6 HOH 113 1113 1113 HOH HOH A . 
G 6 HOH 114 1114 1114 HOH HOH A . 
G 6 HOH 115 1115 1115 HOH HOH A . 
G 6 HOH 116 1116 1116 HOH HOH A . 
G 6 HOH 117 1117 1117 HOH HOH A . 
G 6 HOH 118 1118 1118 HOH HOH A . 
G 6 HOH 119 1119 1119 HOH HOH A . 
G 6 HOH 120 1120 1120 HOH HOH A . 
G 6 HOH 121 1121 1121 HOH HOH A . 
G 6 HOH 122 1122 1122 HOH HOH A . 
G 6 HOH 123 1123 1123 HOH HOH A . 
G 6 HOH 124 1124 1124 HOH HOH A . 
G 6 HOH 125 1125 1125 HOH HOH A . 
G 6 HOH 126 1126 1126 HOH HOH A . 
G 6 HOH 127 1127 1127 HOH HOH A . 
G 6 HOH 128 1128 1128 HOH HOH A . 
G 6 HOH 129 1129 1129 HOH HOH A . 
G 6 HOH 130 1130 1130 HOH HOH A . 
G 6 HOH 131 1131 1131 HOH HOH A . 
G 6 HOH 132 1132 1132 HOH HOH A . 
G 6 HOH 133 1133 1133 HOH HOH A . 
G 6 HOH 134 1134 1134 HOH HOH A . 
G 6 HOH 135 1135 1135 HOH HOH A . 
G 6 HOH 136 1136 1136 HOH HOH A . 
G 6 HOH 137 1137 1137 HOH HOH A . 
G 6 HOH 138 1138 1138 HOH HOH A . 
G 6 HOH 139 1139 1139 HOH HOH A . 
G 6 HOH 140 1140 1140 HOH HOH A . 
G 6 HOH 141 1141 1141 HOH HOH A . 
G 6 HOH 142 1142 1142 HOH HOH A . 
G 6 HOH 143 1143 1143 HOH HOH A . 
G 6 HOH 144 1144 1144 HOH HOH A . 
G 6 HOH 145 1145 1145 HOH HOH A . 
G 6 HOH 146 1146 1146 HOH HOH A . 
G 6 HOH 147 1147 1147 HOH HOH A . 
G 6 HOH 148 1148 1148 HOH HOH A . 
G 6 HOH 149 1149 1149 HOH HOH A . 
G 6 HOH 150 1150 1150 HOH HOH A . 
G 6 HOH 151 1151 1151 HOH HOH A . 
G 6 HOH 152 1152 1152 HOH HOH A . 
G 6 HOH 153 1153 1153 HOH HOH A . 
G 6 HOH 154 1154 1154 HOH HOH A . 
G 6 HOH 155 1155 1155 HOH HOH A . 
G 6 HOH 156 1156 1156 HOH HOH A . 
G 6 HOH 157 1157 1157 HOH HOH A . 
G 6 HOH 158 1158 1158 HOH HOH A . 
G 6 HOH 159 1159 1159 HOH HOH A . 
G 6 HOH 160 1160 1160 HOH HOH A . 
G 6 HOH 161 1161 1161 HOH HOH A . 
G 6 HOH 162 1162 1162 HOH HOH A . 
G 6 HOH 163 1163 1163 HOH HOH A . 
G 6 HOH 164 1164 1164 HOH HOH A . 
G 6 HOH 165 1165 1165 HOH HOH A . 
G 6 HOH 166 1166 1166 HOH HOH A . 
G 6 HOH 167 1167 1167 HOH HOH A . 
G 6 HOH 168 1168 1168 HOH HOH A . 
G 6 HOH 169 1169 1169 HOH HOH A . 
G 6 HOH 170 1170 1170 HOH HOH A . 
G 6 HOH 171 1171 1171 HOH HOH A . 
G 6 HOH 172 1172 1172 HOH HOH A . 
G 6 HOH 173 1173 1173 HOH HOH A . 
G 6 HOH 174 1174 1174 HOH HOH A . 
G 6 HOH 175 1175 1175 HOH HOH A . 
G 6 HOH 176 1176 1176 HOH HOH A . 
G 6 HOH 177 1177 1177 HOH HOH A . 
G 6 HOH 178 1178 1178 HOH HOH A . 
G 6 HOH 179 1179 1179 HOH HOH A . 
G 6 HOH 180 1180 1180 HOH HOH A . 
G 6 HOH 181 1181 1181 HOH HOH A . 
G 6 HOH 182 1182 1182 HOH HOH A . 
G 6 HOH 183 1183 1183 HOH HOH A . 
G 6 HOH 184 1184 1184 HOH HOH A . 
G 6 HOH 185 1185 1185 HOH HOH A . 
G 6 HOH 186 1186 1186 HOH HOH A . 
G 6 HOH 187 1187 1187 HOH HOH A . 
G 6 HOH 188 1188 1188 HOH HOH A . 
G 6 HOH 189 1189 1189 HOH HOH A . 
G 6 HOH 190 1190 1190 HOH HOH A . 
G 6 HOH 191 1191 1191 HOH HOH A . 
G 6 HOH 192 1192 1192 HOH HOH A . 
G 6 HOH 193 1193 1193 HOH HOH A . 
G 6 HOH 194 1194 1194 HOH HOH A . 
G 6 HOH 195 1195 1195 HOH HOH A . 
G 6 HOH 196 1196 1196 HOH HOH A . 
G 6 HOH 197 1197 1197 HOH HOH A . 
G 6 HOH 198 1198 1198 HOH HOH A . 
G 6 HOH 199 1199 1199 HOH HOH A . 
G 6 HOH 200 1200 1200 HOH HOH A . 
G 6 HOH 201 1201 1201 HOH HOH A . 
G 6 HOH 202 1202 1202 HOH HOH A . 
G 6 HOH 203 1203 1203 HOH HOH A . 
G 6 HOH 204 1204 1204 HOH HOH A . 
# 
loop_
_pdbx_unobs_or_zero_occ_atoms.id 
_pdbx_unobs_or_zero_occ_atoms.PDB_model_num 
_pdbx_unobs_or_zero_occ_atoms.polymer_flag 
_pdbx_unobs_or_zero_occ_atoms.occupancy_flag 
_pdbx_unobs_or_zero_occ_atoms.auth_asym_id 
_pdbx_unobs_or_zero_occ_atoms.auth_comp_id 
_pdbx_unobs_or_zero_occ_atoms.auth_seq_id 
_pdbx_unobs_or_zero_occ_atoms.PDB_ins_code 
_pdbx_unobs_or_zero_occ_atoms.auth_atom_id 
_pdbx_unobs_or_zero_occ_atoms.label_alt_id 
_pdbx_unobs_or_zero_occ_atoms.label_asym_id 
_pdbx_unobs_or_zero_occ_atoms.label_comp_id 
_pdbx_unobs_or_zero_occ_atoms.label_seq_id 
_pdbx_unobs_or_zero_occ_atoms.label_atom_id 
1  1 N 1 A 1PG 301 ? C1  ? F 1PG 1 C1  
2  1 N 1 A 1PG 301 ? O1  ? F 1PG 1 O1  
3  1 N 1 A 1PG 301 ? C6  ? F 1PG 1 C6  
4  1 N 1 A 1PG 301 ? C7  ? F 1PG 1 C7  
5  1 N 1 A 1PG 301 ? O4  ? F 1PG 1 O4  
6  1 N 1 A 1PG 301 ? C8  ? F 1PG 1 C8  
7  1 N 1 A 1PG 301 ? C9  ? F 1PG 1 C9  
8  1 N 1 A 1PG 301 ? O5  ? F 1PG 1 O5  
9  1 N 1 A 1PG 301 ? C10 ? F 1PG 1 C10 
10 1 N 1 A 1PG 301 ? C11 ? F 1PG 1 C11 
11 1 N 1 A 1PG 301 ? O6  ? F 1PG 1 O6  
# 
loop_
_software.name 
_software.classification 
_software.version 
_software.citation_id 
_software.pdbx_ordinal 
X-PLOR    'model building' 3.851 ? 1 
X-PLOR    refinement       3.851 ? 2 
DENZO     'data reduction' .     ? 3 
SCALEPACK 'data scaling'   .     ? 4 
X-PLOR    phasing          3.851 ? 5 
# 
_cell.entry_id           1PIN 
_cell.length_a           49.000 
_cell.length_b           49.000 
_cell.length_c           137.800 
_cell.angle_alpha        90.00 
_cell.angle_beta         90.00 
_cell.angle_gamma        90.00 
_cell.Z_PDB              8 
_cell.pdbx_unique_axis   ? 
_cell.length_a_esd       ? 
_cell.length_b_esd       ? 
_cell.length_c_esd       ? 
_cell.angle_alpha_esd    ? 
_cell.angle_beta_esd     ? 
_cell.angle_gamma_esd    ? 
# 
_symmetry.entry_id                         1PIN 
_symmetry.space_group_name_H-M             'P 43 21 2' 
_symmetry.pdbx_full_space_group_name_H-M   ? 
_symmetry.cell_setting                     ? 
_symmetry.Int_Tables_number                96 
_symmetry.space_group_name_Hall            ? 
# 
_exptl.entry_id          1PIN 
_exptl.method            'X-RAY DIFFRACTION' 
_exptl.crystals_number   1 
# 
_exptl_crystal.id                    1 
_exptl_crystal.density_meas          ? 
_exptl_crystal.density_Matthews      2.24 
_exptl_crystal.density_percent_sol   42 
_exptl_crystal.description           ? 
_exptl_crystal.F_000                 ? 
_exptl_crystal.preparation           ? 
# 
_exptl_crystal_grow.crystal_id      1 
_exptl_crystal_grow.method          ? 
_exptl_crystal_grow.temp            277 
_exptl_crystal_grow.temp_details    ? 
_exptl_crystal_grow.pH              7.5 
_exptl_crystal_grow.pdbx_pH_range   ? 
_exptl_crystal_grow.pdbx_details    
;PROTEIN WAS CRYSTALLIZED AT 4 DEGREES CELSIUS FROM 2.4 M (NH4)2SO4, 1% (V/V) PEG 400, 0.1 M NA-HEPES, PH 7.5. PRIOR TO DATA COLLECTION, THE CRYSTALS WERE TRANSFERRED TO SOLUTIONS OF 40 % (V/V) PEG 400, 0.1 M NA-HEPES, PH 7.5 CONTAINING 0.05 M ALANINE-PROLINE DIPEPTIDE., temperature 277K
;
# 
_diffrn.id                     1 
_diffrn.ambient_temp           100 
_diffrn.ambient_temp_details   ? 
_diffrn.crystal_id             1 
# 
_diffrn_detector.diffrn_id              1 
_diffrn_detector.detector               'IMAGE PLATE' 
_diffrn_detector.type                   MARRESEARCH 
_diffrn_detector.pdbx_collection_date   1996-03 
_diffrn_detector.details                ? 
# 
_diffrn_radiation.diffrn_id                        1 
_diffrn_radiation.wavelength_id                    1 
_diffrn_radiation.pdbx_monochromatic_or_laue_m_l   M 
_diffrn_radiation.monochromator                    ? 
_diffrn_radiation.pdbx_diffrn_protocol             ? 
_diffrn_radiation.pdbx_scattering_type             x-ray 
# 
_diffrn_radiation_wavelength.id           1 
_diffrn_radiation_wavelength.wavelength   1.08 
_diffrn_radiation_wavelength.wt           1.0 
# 
_diffrn_source.diffrn_id                   1 
_diffrn_source.source                      SYNCHROTRON 
_diffrn_source.type                        'SSRL BEAMLINE BL7-1' 
_diffrn_source.pdbx_synchrotron_site       SSRL 
_diffrn_source.pdbx_synchrotron_beamline   BL7-1 
_diffrn_source.pdbx_wavelength             1.08 
_diffrn_source.pdbx_wavelength_list        ? 
# 
_reflns.entry_id                     1PIN 
_reflns.observed_criterion_sigma_I   ? 
_reflns.observed_criterion_sigma_F   ? 
_reflns.d_resolution_low             25.0 
_reflns.d_resolution_high            1.35 
_reflns.number_obs                   33672 
_reflns.number_all                   ? 
_reflns.percent_possible_obs         95.5 
_reflns.pdbx_Rmerge_I_obs            ? 
_reflns.pdbx_Rsym_value              0.0530000 
_reflns.pdbx_netI_over_sigmaI        18 
_reflns.B_iso_Wilson_estimate        ? 
_reflns.pdbx_redundancy              4.5 
_reflns.R_free_details               ? 
_reflns.limit_h_max                  ? 
_reflns.limit_h_min                  ? 
_reflns.limit_k_max                  ? 
_reflns.limit_k_min                  ? 
_reflns.limit_l_max                  ? 
_reflns.limit_l_min                  ? 
_reflns.observed_criterion_F_max     ? 
_reflns.observed_criterion_F_min     ? 
_reflns.pdbx_chi_squared             ? 
_reflns.pdbx_scaling_rejects         ? 
_reflns.pdbx_ordinal                 1 
_reflns.pdbx_diffrn_id               1 
# 
_reflns_shell.d_res_high             1.35 
_reflns_shell.d_res_low              1.39 
_reflns_shell.percent_possible_all   69.0 
_reflns_shell.Rmerge_I_obs           ? 
_reflns_shell.pdbx_Rsym_value        0.5920000 
_reflns_shell.meanI_over_sigI_obs    2 
_reflns_shell.pdbx_redundancy        ? 
_reflns_shell.percent_possible_obs   ? 
_reflns_shell.number_unique_all      ? 
_reflns_shell.number_measured_all    ? 
_reflns_shell.number_measured_obs    ? 
_reflns_shell.number_unique_obs      ? 
_reflns_shell.pdbx_chi_squared       ? 
_reflns_shell.pdbx_ordinal           1 
_reflns_shell.pdbx_diffrn_id         1 
# 
_refine.entry_id                                 1PIN 
_refine.ls_number_reflns_obs                     31532 
_refine.ls_number_reflns_all                     ? 
_refine.pdbx_ls_sigma_I                          ? 
_refine.pdbx_ls_sigma_F                          0 
_refine.pdbx_data_cutoff_high_absF               1000000 
_refine.pdbx_data_cutoff_low_absF                0.1 
_refine.pdbx_data_cutoff_high_rms_absF           ? 
_refine.ls_d_res_low                             6.00 
_refine.ls_d_res_high                            1.35 
_refine.ls_percent_reflns_obs                    95 
_refine.ls_R_factor_obs                          0.2230000 
_refine.ls_R_factor_all                          ? 
_refine.ls_R_factor_R_work                       0.2230000 
_refine.ls_R_factor_R_free                       0.2660000 
_refine.ls_R_factor_R_free_error                 0.01 
_refine.ls_R_factor_R_free_error_details         ? 
_refine.ls_percent_reflns_R_free                 5 
_refine.ls_number_reflns_R_free                  1678 
_refine.ls_number_parameters                     ? 
_refine.ls_number_restraints                     ? 
_refine.occupancy_min                            ? 
_refine.occupancy_max                            ? 
_refine.B_iso_mean                               20 
_refine.aniso_B[1][1]                            ? 
_refine.aniso_B[2][2]                            ? 
_refine.aniso_B[3][3]                            ? 
_refine.aniso_B[1][2]                            ? 
_refine.aniso_B[1][3]                            ? 
_refine.aniso_B[2][3]                            ? 
_refine.solvent_model_details                    ? 
_refine.solvent_model_param_ksol                 ? 
_refine.solvent_model_param_bsol                 ? 
_refine.pdbx_ls_cross_valid_method               THROUGHOUT 
_refine.details                                  
;RESIDUES  1 - 5 AND 40 - 44 (WHICH LINK THE WW DOMAIN TO
THE PPIASE DOMAIN) WERE NOT VISIBLE IN THE FINAL ELECTRON
DENSITY MAP AND SO WERE NOT MODELLED.
;
_refine.pdbx_starting_model                      ? 
_refine.pdbx_method_to_determine_struct          'RIGID BODY REFINEMENT USING MIRAS DERIVED STRUCTURE' 
_refine.pdbx_isotropic_thermal_model             RESTRAINED 
_refine.pdbx_stereochemistry_target_values       ? 
_refine.pdbx_stereochem_target_val_spec_case     ? 
_refine.pdbx_R_Free_selection_details            RANDOM 
_refine.pdbx_overall_ESU_R                       ? 
_refine.pdbx_overall_ESU_R_Free                  ? 
_refine.overall_SU_ML                            ? 
_refine.overall_SU_B                             ? 
_refine.pdbx_refine_id                           'X-RAY DIFFRACTION' 
_refine.ls_redundancy_reflns_obs                 ? 
_refine.pdbx_overall_phase_error                 ? 
_refine.B_iso_min                                ? 
_refine.B_iso_max                                ? 
_refine.correlation_coeff_Fo_to_Fc               ? 
_refine.correlation_coeff_Fo_to_Fc_free          ? 
_refine.pdbx_solvent_vdw_probe_radii             ? 
_refine.pdbx_solvent_ion_probe_radii             ? 
_refine.pdbx_solvent_shrinkage_radii             ? 
_refine.overall_SU_R_Cruickshank_DPI             ? 
_refine.overall_SU_R_free                        ? 
_refine.ls_wR_factor_R_free                      ? 
_refine.ls_wR_factor_R_work                      ? 
_refine.overall_FOM_free_R_set                   ? 
_refine.overall_FOM_work_R_set                   ? 
_refine.pdbx_diffrn_id                           1 
_refine.pdbx_TLS_residual_ADP_flag               ? 
_refine.pdbx_overall_SU_R_free_Cruickshank_DPI   ? 
_refine.pdbx_overall_SU_R_Blow_DPI               ? 
_refine.pdbx_overall_SU_R_free_Blow_DPI          ? 
# 
_refine_hist.pdbx_refine_id                   'X-RAY DIFFRACTION' 
_refine_hist.cycle_id                         LAST 
_refine_hist.pdbx_number_atoms_protein        1213 
_refine_hist.pdbx_number_atoms_nucleic_acid   0 
_refine_hist.pdbx_number_atoms_ligand         41 
_refine_hist.number_atoms_solvent             204 
_refine_hist.number_atoms_total               1458 
_refine_hist.d_res_high                       1.35 
_refine_hist.d_res_low                        6.00 
# 
loop_
_refine_ls_restr.type 
_refine_ls_restr.dev_ideal 
_refine_ls_restr.dev_ideal_target 
_refine_ls_restr.weight 
_refine_ls_restr.number 
_refine_ls_restr.pdbx_refine_id 
_refine_ls_restr.pdbx_restraint_function 
x_bond_d                0.008 ?   ? ? 'X-RAY DIFFRACTION' ? 
x_bond_d_na             ?     ?   ? ? 'X-RAY DIFFRACTION' ? 
x_bond_d_prot           ?     ?   ? ? 'X-RAY DIFFRACTION' ? 
x_angle_d               ?     ?   ? ? 'X-RAY DIFFRACTION' ? 
x_angle_d_na            ?     ?   ? ? 'X-RAY DIFFRACTION' ? 
x_angle_d_prot          ?     ?   ? ? 'X-RAY DIFFRACTION' ? 
x_angle_deg             1.78  ?   ? ? 'X-RAY DIFFRACTION' ? 
x_angle_deg_na          ?     ?   ? ? 'X-RAY DIFFRACTION' ? 
x_angle_deg_prot        ?     ?   ? ? 'X-RAY DIFFRACTION' ? 
x_dihedral_angle_d      ?     ?   ? ? 'X-RAY DIFFRACTION' ? 
x_dihedral_angle_d_na   ?     ?   ? ? 'X-RAY DIFFRACTION' ? 
x_dihedral_angle_d_prot ?     ?   ? ? 'X-RAY DIFFRACTION' ? 
x_improper_angle_d      1.27  ?   ? ? 'X-RAY DIFFRACTION' ? 
x_improper_angle_d_na   ?     ?   ? ? 'X-RAY DIFFRACTION' ? 
x_improper_angle_d_prot ?     ?   ? ? 'X-RAY DIFFRACTION' ? 
x_mcbond_it             1.0   2.0 ? ? 'X-RAY DIFFRACTION' ? 
x_mcangle_it            1.5   1.5 ? ? 'X-RAY DIFFRACTION' ? 
x_scbond_it             2.0   2.5 ? ? 'X-RAY DIFFRACTION' ? 
x_scangle_it            2.0   2.0 ? ? 'X-RAY DIFFRACTION' ? 
# 
_refine_ls_shell.pdbx_total_number_of_bins_used   12 
_refine_ls_shell.d_res_high                       1.35 
_refine_ls_shell.d_res_low                        1.39 
_refine_ls_shell.number_reflns_R_work             2054 
_refine_ls_shell.R_factor_R_work                  0.3770000 
_refine_ls_shell.percent_reflns_obs               69 
_refine_ls_shell.R_factor_R_free                  0.3720000 
_refine_ls_shell.R_factor_R_free_error            0.05 
_refine_ls_shell.percent_reflns_R_free            5 
_refine_ls_shell.number_reflns_R_free             106 
_refine_ls_shell.pdbx_refine_id                   'X-RAY DIFFRACTION' 
_refine_ls_shell.redundancy_reflns_obs            ? 
_refine_ls_shell.number_reflns_all                ? 
_refine_ls_shell.number_reflns_obs                ? 
_refine_ls_shell.R_factor_all                     ? 
# 
loop_
_pdbx_xplor_file.serial_no 
_pdbx_xplor_file.param_file 
_pdbx_xplor_file.topol_file 
_pdbx_xplor_file.pdbx_refine_id 
1 PARAM19X.PRO TOPH19X.PRO  'X-RAY DIFFRACTION' 
2 PARHCSDX.PRO TOPHCSDX.PRO 'X-RAY DIFFRACTION' 
# 
_struct.entry_id                  1PIN 
_struct.title                     'PIN1 PEPTIDYL-PROLYL CIS-TRANS ISOMERASE FROM HOMO SAPIENS' 
_struct.pdbx_model_details        ? 
_struct.pdbx_CASP_flag            ? 
_struct.pdbx_model_type_details   ? 
# 
_struct_keywords.entry_id        1PIN 
_struct_keywords.pdbx_keywords   ISOMERASE 
_struct_keywords.text            'PEPTIDYL-PROLYL CIS-TRANS ISOMERASE, ROTAMASE, COMPLEX (ISOMERASE-DIPEPTIDE), ISOMERASE' 
# 
loop_
_struct_asym.id 
_struct_asym.pdbx_blank_PDB_chainid_flag 
_struct_asym.pdbx_modified 
_struct_asym.entity_id 
_struct_asym.details 
A N N 1 ? 
B N N 2 ? 
C N N 3 ? 
D N N 4 ? 
E N N 5 ? 
F N N 5 ? 
G N N 6 ? 
# 
_struct_ref.id                         1 
_struct_ref.db_name                    UNP 
_struct_ref.db_code                    PIN1_HUMAN 
_struct_ref.entity_id                  1 
_struct_ref.pdbx_db_accession          Q13526 
_struct_ref.pdbx_align_begin           1 
_struct_ref.pdbx_seq_one_letter_code   
;MADEEKLPPGWEKRMSRSSGRVYYFNHITNASQWERPSGNSSSGGKNGQGEPARVRCSHLLVKHSQSRRPSSWRQEKITR
TKEEALELINGYIQKIKSGEEDFESLASQFSDCSSAKARGDLGAFSRGQMQKPFEDASFALRTGEMSGPVFTDSGIHIIL
RTE
;
_struct_ref.pdbx_db_isoform            ? 
# 
_struct_ref_seq.align_id                      1 
_struct_ref_seq.ref_id                        1 
_struct_ref_seq.pdbx_PDB_id_code              1PIN 
_struct_ref_seq.pdbx_strand_id                A 
_struct_ref_seq.seq_align_beg                 1 
_struct_ref_seq.pdbx_seq_align_beg_ins_code   ? 
_struct_ref_seq.seq_align_end                 163 
_struct_ref_seq.pdbx_seq_align_end_ins_code   ? 
_struct_ref_seq.pdbx_db_accession             Q13526 
_struct_ref_seq.db_align_beg                  1 
_struct_ref_seq.pdbx_db_align_beg_ins_code    ? 
_struct_ref_seq.db_align_end                  163 
_struct_ref_seq.pdbx_db_align_end_ins_code    ? 
_struct_ref_seq.pdbx_auth_seq_align_beg       1 
_struct_ref_seq.pdbx_auth_seq_align_end       163 
# 
_pdbx_struct_assembly.id                   1 
_pdbx_struct_assembly.details              author_defined_assembly 
_pdbx_struct_assembly.method_details       ? 
_pdbx_struct_assembly.oligomeric_details   dimeric 
_pdbx_struct_assembly.oligomeric_count     2 
# 
_pdbx_struct_assembly_gen.assembly_id       1 
_pdbx_struct_assembly_gen.oper_expression   1,2 
_pdbx_struct_assembly_gen.asym_id_list      A,B,C,D,E,F,G 
# 
loop_
_pdbx_struct_oper_list.id 
_pdbx_struct_oper_list.type 
_pdbx_struct_oper_list.name 
_pdbx_struct_oper_list.symmetry_operation 
_pdbx_struct_oper_list.matrix[1][1] 
_pdbx_struct_oper_list.matrix[1][2] 
_pdbx_struct_oper_list.matrix[1][3] 
_pdbx_struct_oper_list.vector[1] 
_pdbx_struct_oper_list.matrix[2][1] 
_pdbx_struct_oper_list.matrix[2][2] 
_pdbx_struct_oper_list.matrix[2][3] 
_pdbx_struct_oper_list.vector[2] 
_pdbx_struct_oper_list.matrix[3][1] 
_pdbx_struct_oper_list.matrix[3][2] 
_pdbx_struct_oper_list.matrix[3][3] 
_pdbx_struct_oper_list.vector[3] 
1 'identity operation'         1_555 x,y,z 1.0000000000 0.0000000000 0.0000000000 0.0000000000 0.0000000000 1.0000000000 0.0000000000 0.0000000000 0.0000000000 0.0000000000 1.0000000000 0.0000000000 
2 'crystal symmetry operation' ?     ?     0.73309295   -0.45211814  0.50809833   2.16565      -0.45211814  -0.88205433  -0.13254942  -15.79739    0.50809833   -0.13254942  -0.85103862  -21.73858    
# 
_struct_biol.id        1 
_struct_biol.details   ? 
# 
loop_
_struct_conf.conf_type_id 
_struct_conf.id 
_struct_conf.pdbx_PDB_helix_id 
_struct_conf.beg_label_comp_id 
_struct_conf.beg_label_asym_id 
_struct_conf.beg_label_seq_id 
_struct_conf.pdbx_beg_PDB_ins_code 
_struct_conf.end_label_comp_id 
_struct_conf.end_label_asym_id 
_struct_conf.end_label_seq_id 
_struct_conf.pdbx_end_PDB_ins_code 
_struct_conf.beg_auth_comp_id 
_struct_conf.beg_auth_asym_id 
_struct_conf.beg_auth_seq_id 
_struct_conf.end_auth_comp_id 
_struct_conf.end_auth_asym_id 
_struct_conf.end_auth_seq_id 
_struct_conf.pdbx_PDB_helix_class 
_struct_conf.details 
_struct_conf.pdbx_PDB_helix_length 
HELX_P HELX_P1 1 LYS A 82  ? SER A 98  ? LYS A 82  SER A 98  1 ? 17 
HELX_P HELX_P2 2 PHE A 103 ? PHE A 110 ? PHE A 103 PHE A 110 1 ? 8  
HELX_P HELX_P3 3 SER A 114 ? ALA A 118 ? SER A 114 ALA A 118 5 ? 5  
HELX_P HELX_P4 4 LYS A 132 ? ALA A 140 ? LYS A 132 ALA A 140 1 ? 9  
# 
_struct_conf_type.id          HELX_P 
_struct_conf_type.criteria    ? 
_struct_conf_type.reference   ? 
# 
_struct_conn.id                            covale1 
_struct_conn.conn_type_id                  covale 
_struct_conn.pdbx_leaving_atom_flag        both 
_struct_conn.pdbx_PDB_id                   ? 
_struct_conn.ptnr1_label_asym_id           B 
_struct_conn.ptnr1_label_comp_id           ALA 
_struct_conn.ptnr1_label_seq_id            . 
_struct_conn.ptnr1_label_atom_id           C 
_struct_conn.pdbx_ptnr1_label_alt_id       ? 
_struct_conn.pdbx_ptnr1_PDB_ins_code       ? 
_struct_conn.pdbx_ptnr1_standard_comp_id   ? 
_struct_conn.ptnr1_symmetry                1_555 
_struct_conn.ptnr2_label_asym_id           C 
_struct_conn.ptnr2_label_comp_id           PRO 
_struct_conn.ptnr2_label_seq_id            . 
_struct_conn.ptnr2_label_atom_id           N 
_struct_conn.pdbx_ptnr2_label_alt_id       ? 
_struct_conn.pdbx_ptnr2_PDB_ins_code       ? 
_struct_conn.ptnr1_auth_asym_id            A 
_struct_conn.ptnr1_auth_comp_id            ALA 
_struct_conn.ptnr1_auth_seq_id             201 
_struct_conn.ptnr2_auth_asym_id            A 
_struct_conn.ptnr2_auth_comp_id            PRO 
_struct_conn.ptnr2_auth_seq_id             202 
_struct_conn.ptnr2_symmetry                1_555 
_struct_conn.pdbx_ptnr3_label_atom_id      ? 
_struct_conn.pdbx_ptnr3_label_seq_id       ? 
_struct_conn.pdbx_ptnr3_label_comp_id      ? 
_struct_conn.pdbx_ptnr3_label_asym_id      ? 
_struct_conn.pdbx_ptnr3_label_alt_id       ? 
_struct_conn.pdbx_ptnr3_PDB_ins_code       ? 
_struct_conn.details                       ? 
_struct_conn.pdbx_dist_value               1.344 
_struct_conn.pdbx_value_order              ? 
_struct_conn.pdbx_role                     ? 
# 
_struct_conn_type.id          covale 
_struct_conn_type.criteria    ? 
_struct_conn_type.reference   ? 
# 
loop_
_struct_sheet.id 
_struct_sheet.type 
_struct_sheet.number_strands 
_struct_sheet.details 
A ? 2 ? 
B ? 2 ? 
# 
loop_
_struct_sheet_order.sheet_id 
_struct_sheet_order.range_id_1 
_struct_sheet_order.range_id_2 
_struct_sheet_order.offset 
_struct_sheet_order.sense 
A 1 2 ? anti-parallel 
B 1 2 ? anti-parallel 
# 
loop_
_struct_sheet_range.sheet_id 
_struct_sheet_range.id 
_struct_sheet_range.beg_label_comp_id 
_struct_sheet_range.beg_label_asym_id 
_struct_sheet_range.beg_label_seq_id 
_struct_sheet_range.pdbx_beg_PDB_ins_code 
_struct_sheet_range.end_label_comp_id 
_struct_sheet_range.end_label_asym_id 
_struct_sheet_range.end_label_seq_id 
_struct_sheet_range.pdbx_end_PDB_ins_code 
_struct_sheet_range.beg_auth_comp_id 
_struct_sheet_range.beg_auth_asym_id 
_struct_sheet_range.beg_auth_seq_id 
_struct_sheet_range.end_auth_comp_id 
_struct_sheet_range.end_auth_asym_id 
_struct_sheet_range.end_auth_seq_id 
A 1 TRP A 11  ? MET A 15  ? TRP A 11  MET A 15  
A 2 VAL A 22  ? ASN A 26  ? VAL A 22  ASN A 26  
B 1 ARG A 56  ? VAL A 62  ? ARG A 56  VAL A 62  
B 2 ILE A 156 ? GLU A 163 ? ILE A 156 GLU A 163 
# 
loop_
_pdbx_struct_sheet_hbond.sheet_id 
_pdbx_struct_sheet_hbond.range_id_1 
_pdbx_struct_sheet_hbond.range_id_2 
_pdbx_struct_sheet_hbond.range_1_label_atom_id 
_pdbx_struct_sheet_hbond.range_1_label_comp_id 
_pdbx_struct_sheet_hbond.range_1_label_asym_id 
_pdbx_struct_sheet_hbond.range_1_label_seq_id 
_pdbx_struct_sheet_hbond.range_1_PDB_ins_code 
_pdbx_struct_sheet_hbond.range_1_auth_atom_id 
_pdbx_struct_sheet_hbond.range_1_auth_comp_id 
_pdbx_struct_sheet_hbond.range_1_auth_asym_id 
_pdbx_struct_sheet_hbond.range_1_auth_seq_id 
_pdbx_struct_sheet_hbond.range_2_label_atom_id 
_pdbx_struct_sheet_hbond.range_2_label_comp_id 
_pdbx_struct_sheet_hbond.range_2_label_asym_id 
_pdbx_struct_sheet_hbond.range_2_label_seq_id 
_pdbx_struct_sheet_hbond.range_2_PDB_ins_code 
_pdbx_struct_sheet_hbond.range_2_auth_atom_id 
_pdbx_struct_sheet_hbond.range_2_auth_comp_id 
_pdbx_struct_sheet_hbond.range_2_auth_asym_id 
_pdbx_struct_sheet_hbond.range_2_auth_seq_id 
A 1 2 O GLU A 12 ? O GLU A 12 N PHE A 25  ? N PHE A 25  
B 1 2 O ARG A 56 ? O ARG A 56 N GLU A 163 ? N GLU A 163 
# 
loop_
_struct_site.id 
_struct_site.pdbx_evidence_code 
_struct_site.pdbx_auth_asym_id 
_struct_site.pdbx_auth_comp_id 
_struct_site.pdbx_auth_seq_id 
_struct_site.pdbx_auth_ins_code 
_struct_site.pdbx_num_residues 
_struct_site.details 
ACT Unknown  ? ?   ?   ? 3 'THE ACTIVE SITE OF THE PPIASE DOMAIN IS MARKED BY THE BOUND ALA-PRO DIPEPTIDE (CHAIN B).' 
AC1 Software A ALA 201 ? 2 'BINDING SITE FOR RESIDUE ALA A 201'                                                       
AC2 Software A PRO 202 ? 6 'BINDING SITE FOR RESIDUE PRO A 202'                                                       
AC3 Software A SO4 400 ? 5 'BINDING SITE FOR RESIDUE SO4 A 400'                                                       
AC4 Software A 1PG 300 ? 9 'BINDING SITE FOR RESIDUE 1PG A 300'                                                       
AC5 Software A 1PG 301 ? 1 'BINDING SITE FOR RESIDUE 1PG A 301'                                                       
# 
loop_
_struct_site_gen.id 
_struct_site_gen.site_id 
_struct_site_gen.pdbx_num_res 
_struct_site_gen.label_comp_id 
_struct_site_gen.label_asym_id 
_struct_site_gen.label_seq_id 
_struct_site_gen.pdbx_auth_ins_code 
_struct_site_gen.auth_comp_id 
_struct_site_gen.auth_asym_id 
_struct_site_gen.auth_seq_id 
_struct_site_gen.label_atom_id 
_struct_site_gen.label_alt_id 
_struct_site_gen.symmetry 
_struct_site_gen.details 
1  ACT 3 HIS A 59  ? HIS A 59   . ? 1_555 ? 
2  ACT 3 CYS A 113 ? CYS A 113  . ? 1_555 ? 
3  ACT 3 HIS A 157 ? HIS A 157  . ? 1_555 ? 
4  AC1 2 PRO C .   ? PRO A 202  . ? 1_555 ? 
5  AC1 2 HOH G .   ? HOH A 1113 . ? 1_555 ? 
6  AC2 6 LEU A 122 ? LEU A 122  . ? 1_555 ? 
7  AC2 6 GLN A 129 ? GLN A 129  . ? 1_555 ? 
8  AC2 6 MET A 130 ? MET A 130  . ? 1_555 ? 
9  AC2 6 ALA B .   ? ALA A 201  . ? 1_555 ? 
10 AC2 6 HOH G .   ? HOH A 1141 . ? 1_555 ? 
11 AC2 6 HOH G .   ? HOH A 1142 . ? 1_555 ? 
12 AC3 5 LYS A 63  ? LYS A 63   . ? 1_555 ? 
13 AC3 5 ARG A 68  ? ARG A 68   . ? 1_555 ? 
14 AC3 5 ARG A 69  ? ARG A 69   . ? 1_555 ? 
15 AC3 5 SER A 154 ? SER A 154  . ? 1_555 ? 
16 AC3 5 HOH G .   ? HOH A 1113 . ? 1_555 ? 
17 AC4 9 TYR A 23  ? TYR A 23   . ? 1_555 ? 
18 AC4 9 SER A 32  ? SER A 32   . ? 1_555 ? 
19 AC4 9 GLN A 33  ? GLN A 33   . ? 1_555 ? 
20 AC4 9 TRP A 34  ? TRP A 34   . ? 1_555 ? 
21 AC4 9 LYS A 97  ? LYS A 97   . ? 1_555 ? 
22 AC4 9 HOH G .   ? HOH A 1020 . ? 8_665 ? 
23 AC4 9 HOH G .   ? HOH A 1036 . ? 1_555 ? 
24 AC4 9 HOH G .   ? HOH A 1116 . ? 1_555 ? 
25 AC4 9 HOH G .   ? HOH A 1163 . ? 8_665 ? 
26 AC5 1 HOH G .   ? HOH A 1198 . ? 8_665 ? 
# 
loop_
_pdbx_validate_close_contact.id 
_pdbx_validate_close_contact.PDB_model_num 
_pdbx_validate_close_contact.auth_atom_id_1 
_pdbx_validate_close_contact.auth_asym_id_1 
_pdbx_validate_close_contact.auth_comp_id_1 
_pdbx_validate_close_contact.auth_seq_id_1 
_pdbx_validate_close_contact.PDB_ins_code_1 
_pdbx_validate_close_contact.label_alt_id_1 
_pdbx_validate_close_contact.auth_atom_id_2 
_pdbx_validate_close_contact.auth_asym_id_2 
_pdbx_validate_close_contact.auth_comp_id_2 
_pdbx_validate_close_contact.auth_seq_id_2 
_pdbx_validate_close_contact.PDB_ins_code_2 
_pdbx_validate_close_contact.label_alt_id_2 
_pdbx_validate_close_contact.dist 
1 1 SD A MET 130 ? ? OXT A PRO 202 ? ? 1.44 
2 1 SD A MET 130 ? ? C   A PRO 202 ? ? 1.98 
3 1 O  A ALA 201 ? ? N   A PRO 202 ? ? 2.12 
# 
loop_
_pdbx_validate_symm_contact.id 
_pdbx_validate_symm_contact.PDB_model_num 
_pdbx_validate_symm_contact.auth_atom_id_1 
_pdbx_validate_symm_contact.auth_asym_id_1 
_pdbx_validate_symm_contact.auth_comp_id_1 
_pdbx_validate_symm_contact.auth_seq_id_1 
_pdbx_validate_symm_contact.PDB_ins_code_1 
_pdbx_validate_symm_contact.label_alt_id_1 
_pdbx_validate_symm_contact.site_symmetry_1 
_pdbx_validate_symm_contact.auth_atom_id_2 
_pdbx_validate_symm_contact.auth_asym_id_2 
_pdbx_validate_symm_contact.auth_comp_id_2 
_pdbx_validate_symm_contact.auth_seq_id_2 
_pdbx_validate_symm_contact.PDB_ins_code_2 
_pdbx_validate_symm_contact.label_alt_id_2 
_pdbx_validate_symm_contact.site_symmetry_2 
_pdbx_validate_symm_contact.dist 
1  1 O   A HOH 1089 ? ? 1_555 O A HOH 1089 ? ? 8_556 1.32 
2  1 O   A HOH 1102 ? ? 1_555 O A HOH 1102 ? ? 8_556 1.48 
3  1 CD1 A PHE 25   ? ? 1_555 O A HOH 1176 ? ? 5_646 1.67 
4  1 CE1 A PHE 25   ? ? 1_555 O A HOH 1176 ? ? 5_646 1.94 
5  1 NZ  A LYS 77   ? ? 1_555 O A HOH 1146 ? ? 1_455 2.10 
6  1 OG  A SER 32   ? ? 1_555 O A HOH 1176 ? ? 5_646 2.13 
7  1 OH  A TYR 23   ? ? 1_555 O A GLY 48   ? ? 5_646 2.14 
8  1 OE1 A GLN 49   ? ? 1_555 O A HOH 1196 ? ? 8_666 2.15 
9  1 O   A HOH 1129 ? ? 1_555 O A HOH 1161 ? ? 8_666 2.16 
10 1 NZ  A LYS 97   ? ? 1_555 O A HOH 1144 ? ? 8_666 2.18 
# 
_pdbx_validate_torsion.id              1 
_pdbx_validate_torsion.PDB_model_num   1 
_pdbx_validate_torsion.auth_comp_id    LEU 
_pdbx_validate_torsion.auth_asym_id    A 
_pdbx_validate_torsion.auth_seq_id     7 
_pdbx_validate_torsion.PDB_ins_code    ? 
_pdbx_validate_torsion.label_alt_id    ? 
_pdbx_validate_torsion.phi             88.82 
_pdbx_validate_torsion.psi             130.70 
# 
_pdbx_entry_details.entry_id                 1PIN 
_pdbx_entry_details.nonpolymer_details       
'RESIDUES 201 AND 202 WITH FORMS A DIPEPTIDE (ALA-PRO) THAT IS BOUND TO THE PEPTIDYL-PROLYL CIS-TRANS ISOMERASE' 
_pdbx_entry_details.sequence_details         ? 
_pdbx_entry_details.compound_details         ? 
_pdbx_entry_details.source_details           ? 
_pdbx_entry_details.has_ligand_of_interest   ? 
# 
loop_
_pdbx_unobs_or_zero_occ_residues.id 
_pdbx_unobs_or_zero_occ_residues.PDB_model_num 
_pdbx_unobs_or_zero_occ_residues.polymer_flag 
_pdbx_unobs_or_zero_occ_residues.occupancy_flag 
_pdbx_unobs_or_zero_occ_residues.auth_asym_id 
_pdbx_unobs_or_zero_occ_residues.auth_comp_id 
_pdbx_unobs_or_zero_occ_residues.auth_seq_id 
_pdbx_unobs_or_zero_occ_residues.PDB_ins_code 
_pdbx_unobs_or_zero_occ_residues.label_asym_id 
_pdbx_unobs_or_zero_occ_residues.label_comp_id 
_pdbx_unobs_or_zero_occ_residues.label_seq_id 
1  1 Y 1 A MET 1  ? A MET 1  
2  1 Y 1 A ALA 2  ? A ALA 2  
3  1 Y 1 A ASP 3  ? A ASP 3  
4  1 Y 1 A GLU 4  ? A GLU 4  
5  1 Y 1 A GLU 5  ? A GLU 5  
6  1 Y 1 A ASN 40 ? A ASN 40 
7  1 Y 1 A SER 41 ? A SER 41 
8  1 Y 1 A SER 42 ? A SER 42 
9  1 Y 1 A SER 43 ? A SER 43 
10 1 Y 1 A GLY 44 ? A GLY 44 
# 
loop_
_chem_comp_atom.comp_id 
_chem_comp_atom.atom_id 
_chem_comp_atom.type_symbol 
_chem_comp_atom.pdbx_aromatic_flag 
_chem_comp_atom.pdbx_stereo_config 
_chem_comp_atom.pdbx_ordinal 
1PG C2   C N N 1   
1PG C1   C N N 2   
1PG O1   O N N 3   
1PG O2   O N N 4   
1PG C3   C N N 5   
1PG C4   C N N 6   
1PG C5   C N N 7   
1PG O3   O N N 8   
1PG C6   C N N 9   
1PG C7   C N N 10  
1PG O4   O N N 11  
1PG C8   C N N 12  
1PG C9   C N N 13  
1PG O5   O N N 14  
1PG C10  C N N 15  
1PG C11  C N N 16  
1PG O6   O N N 17  
1PG H21  H N N 18  
1PG H22  H N N 19  
1PG H11  H N N 20  
1PG H12  H N N 21  
1PG H13  H N N 22  
1PG H31  H N N 23  
1PG H32  H N N 24  
1PG H41  H N N 25  
1PG H42  H N N 26  
1PG H51  H N N 27  
1PG H52  H N N 28  
1PG H61  H N N 29  
1PG H62  H N N 30  
1PG H71  H N N 31  
1PG H72  H N N 32  
1PG H81  H N N 33  
1PG H82  H N N 34  
1PG H91  H N N 35  
1PG H92  H N N 36  
1PG H101 H N N 37  
1PG H102 H N N 38  
1PG H111 H N N 39  
1PG H112 H N N 40  
1PG HO6  H N N 41  
ALA N    N N N 42  
ALA CA   C N S 43  
ALA C    C N N 44  
ALA O    O N N 45  
ALA CB   C N N 46  
ALA OXT  O N N 47  
ALA H    H N N 48  
ALA H2   H N N 49  
ALA HA   H N N 50  
ALA HB1  H N N 51  
ALA HB2  H N N 52  
ALA HB3  H N N 53  
ALA HXT  H N N 54  
ARG N    N N N 55  
ARG CA   C N S 56  
ARG C    C N N 57  
ARG O    O N N 58  
ARG CB   C N N 59  
ARG CG   C N N 60  
ARG CD   C N N 61  
ARG NE   N N N 62  
ARG CZ   C N N 63  
ARG NH1  N N N 64  
ARG NH2  N N N 65  
ARG OXT  O N N 66  
ARG H    H N N 67  
ARG H2   H N N 68  
ARG HA   H N N 69  
ARG HB2  H N N 70  
ARG HB3  H N N 71  
ARG HG2  H N N 72  
ARG HG3  H N N 73  
ARG HD2  H N N 74  
ARG HD3  H N N 75  
ARG HE   H N N 76  
ARG HH11 H N N 77  
ARG HH12 H N N 78  
ARG HH21 H N N 79  
ARG HH22 H N N 80  
ARG HXT  H N N 81  
ASN N    N N N 82  
ASN CA   C N S 83  
ASN C    C N N 84  
ASN O    O N N 85  
ASN CB   C N N 86  
ASN CG   C N N 87  
ASN OD1  O N N 88  
ASN ND2  N N N 89  
ASN OXT  O N N 90  
ASN H    H N N 91  
ASN H2   H N N 92  
ASN HA   H N N 93  
ASN HB2  H N N 94  
ASN HB3  H N N 95  
ASN HD21 H N N 96  
ASN HD22 H N N 97  
ASN HXT  H N N 98  
ASP N    N N N 99  
ASP CA   C N S 100 
ASP C    C N N 101 
ASP O    O N N 102 
ASP CB   C N N 103 
ASP CG   C N N 104 
ASP OD1  O N N 105 
ASP OD2  O N N 106 
ASP OXT  O N N 107 
ASP H    H N N 108 
ASP H2   H N N 109 
ASP HA   H N N 110 
ASP HB2  H N N 111 
ASP HB3  H N N 112 
ASP HD2  H N N 113 
ASP HXT  H N N 114 
CYS N    N N N 115 
CYS CA   C N R 116 
CYS C    C N N 117 
CYS O    O N N 118 
CYS CB   C N N 119 
CYS SG   S N N 120 
CYS OXT  O N N 121 
CYS H    H N N 122 
CYS H2   H N N 123 
CYS HA   H N N 124 
CYS HB2  H N N 125 
CYS HB3  H N N 126 
CYS HG   H N N 127 
CYS HXT  H N N 128 
GLN N    N N N 129 
GLN CA   C N S 130 
GLN C    C N N 131 
GLN O    O N N 132 
GLN CB   C N N 133 
GLN CG   C N N 134 
GLN CD   C N N 135 
GLN OE1  O N N 136 
GLN NE2  N N N 137 
GLN OXT  O N N 138 
GLN H    H N N 139 
GLN H2   H N N 140 
GLN HA   H N N 141 
GLN HB2  H N N 142 
GLN HB3  H N N 143 
GLN HG2  H N N 144 
GLN HG3  H N N 145 
GLN HE21 H N N 146 
GLN HE22 H N N 147 
GLN HXT  H N N 148 
GLU N    N N N 149 
GLU CA   C N S 150 
GLU C    C N N 151 
GLU O    O N N 152 
GLU CB   C N N 153 
GLU CG   C N N 154 
GLU CD   C N N 155 
GLU OE1  O N N 156 
GLU OE2  O N N 157 
GLU OXT  O N N 158 
GLU H    H N N 159 
GLU H2   H N N 160 
GLU HA   H N N 161 
GLU HB2  H N N 162 
GLU HB3  H N N 163 
GLU HG2  H N N 164 
GLU HG3  H N N 165 
GLU HE2  H N N 166 
GLU HXT  H N N 167 
GLY N    N N N 168 
GLY CA   C N N 169 
GLY C    C N N 170 
GLY O    O N N 171 
GLY OXT  O N N 172 
GLY H    H N N 173 
GLY H2   H N N 174 
GLY HA2  H N N 175 
GLY HA3  H N N 176 
GLY HXT  H N N 177 
HIS N    N N N 178 
HIS CA   C N S 179 
HIS C    C N N 180 
HIS O    O N N 181 
HIS CB   C N N 182 
HIS CG   C Y N 183 
HIS ND1  N Y N 184 
HIS CD2  C Y N 185 
HIS CE1  C Y N 186 
HIS NE2  N Y N 187 
HIS OXT  O N N 188 
HIS H    H N N 189 
HIS H2   H N N 190 
HIS HA   H N N 191 
HIS HB2  H N N 192 
HIS HB3  H N N 193 
HIS HD1  H N N 194 
HIS HD2  H N N 195 
HIS HE1  H N N 196 
HIS HE2  H N N 197 
HIS HXT  H N N 198 
HOH O    O N N 199 
HOH H1   H N N 200 
HOH H2   H N N 201 
ILE N    N N N 202 
ILE CA   C N S 203 
ILE C    C N N 204 
ILE O    O N N 205 
ILE CB   C N S 206 
ILE CG1  C N N 207 
ILE CG2  C N N 208 
ILE CD1  C N N 209 
ILE OXT  O N N 210 
ILE H    H N N 211 
ILE H2   H N N 212 
ILE HA   H N N 213 
ILE HB   H N N 214 
ILE HG12 H N N 215 
ILE HG13 H N N 216 
ILE HG21 H N N 217 
ILE HG22 H N N 218 
ILE HG23 H N N 219 
ILE HD11 H N N 220 
ILE HD12 H N N 221 
ILE HD13 H N N 222 
ILE HXT  H N N 223 
LEU N    N N N 224 
LEU CA   C N S 225 
LEU C    C N N 226 
LEU O    O N N 227 
LEU CB   C N N 228 
LEU CG   C N N 229 
LEU CD1  C N N 230 
LEU CD2  C N N 231 
LEU OXT  O N N 232 
LEU H    H N N 233 
LEU H2   H N N 234 
LEU HA   H N N 235 
LEU HB2  H N N 236 
LEU HB3  H N N 237 
LEU HG   H N N 238 
LEU HD11 H N N 239 
LEU HD12 H N N 240 
LEU HD13 H N N 241 
LEU HD21 H N N 242 
LEU HD22 H N N 243 
LEU HD23 H N N 244 
LEU HXT  H N N 245 
LYS N    N N N 246 
LYS CA   C N S 247 
LYS C    C N N 248 
LYS O    O N N 249 
LYS CB   C N N 250 
LYS CG   C N N 251 
LYS CD   C N N 252 
LYS CE   C N N 253 
LYS NZ   N N N 254 
LYS OXT  O N N 255 
LYS H    H N N 256 
LYS H2   H N N 257 
LYS HA   H N N 258 
LYS HB2  H N N 259 
LYS HB3  H N N 260 
LYS HG2  H N N 261 
LYS HG3  H N N 262 
LYS HD2  H N N 263 
LYS HD3  H N N 264 
LYS HE2  H N N 265 
LYS HE3  H N N 266 
LYS HZ1  H N N 267 
LYS HZ2  H N N 268 
LYS HZ3  H N N 269 
LYS HXT  H N N 270 
MET N    N N N 271 
MET CA   C N S 272 
MET C    C N N 273 
MET O    O N N 274 
MET CB   C N N 275 
MET CG   C N N 276 
MET SD   S N N 277 
MET CE   C N N 278 
MET OXT  O N N 279 
MET H    H N N 280 
MET H2   H N N 281 
MET HA   H N N 282 
MET HB2  H N N 283 
MET HB3  H N N 284 
MET HG2  H N N 285 
MET HG3  H N N 286 
MET HE1  H N N 287 
MET HE2  H N N 288 
MET HE3  H N N 289 
MET HXT  H N N 290 
PHE N    N N N 291 
PHE CA   C N S 292 
PHE C    C N N 293 
PHE O    O N N 294 
PHE CB   C N N 295 
PHE CG   C Y N 296 
PHE CD1  C Y N 297 
PHE CD2  C Y N 298 
PHE CE1  C Y N 299 
PHE CE2  C Y N 300 
PHE CZ   C Y N 301 
PHE OXT  O N N 302 
PHE H    H N N 303 
PHE H2   H N N 304 
PHE HA   H N N 305 
PHE HB2  H N N 306 
PHE HB3  H N N 307 
PHE HD1  H N N 308 
PHE HD2  H N N 309 
PHE HE1  H N N 310 
PHE HE2  H N N 311 
PHE HZ   H N N 312 
PHE HXT  H N N 313 
PRO N    N N N 314 
PRO CA   C N S 315 
PRO C    C N N 316 
PRO O    O N N 317 
PRO CB   C N N 318 
PRO CG   C N N 319 
PRO CD   C N N 320 
PRO OXT  O N N 321 
PRO H    H N N 322 
PRO HA   H N N 323 
PRO HB2  H N N 324 
PRO HB3  H N N 325 
PRO HG2  H N N 326 
PRO HG3  H N N 327 
PRO HD2  H N N 328 
PRO HD3  H N N 329 
PRO HXT  H N N 330 
SER N    N N N 331 
SER CA   C N S 332 
SER C    C N N 333 
SER O    O N N 334 
SER CB   C N N 335 
SER OG   O N N 336 
SER OXT  O N N 337 
SER H    H N N 338 
SER H2   H N N 339 
SER HA   H N N 340 
SER HB2  H N N 341 
SER HB3  H N N 342 
SER HG   H N N 343 
SER HXT  H N N 344 
SO4 S    S N N 345 
SO4 O1   O N N 346 
SO4 O2   O N N 347 
SO4 O3   O N N 348 
SO4 O4   O N N 349 
THR N    N N N 350 
THR CA   C N S 351 
THR C    C N N 352 
THR O    O N N 353 
THR CB   C N R 354 
THR OG1  O N N 355 
THR CG2  C N N 356 
THR OXT  O N N 357 
THR H    H N N 358 
THR H2   H N N 359 
THR HA   H N N 360 
THR HB   H N N 361 
THR HG1  H N N 362 
THR HG21 H N N 363 
THR HG22 H N N 364 
THR HG23 H N N 365 
THR HXT  H N N 366 
TRP N    N N N 367 
TRP CA   C N S 368 
TRP C    C N N 369 
TRP O    O N N 370 
TRP CB   C N N 371 
TRP CG   C Y N 372 
TRP CD1  C Y N 373 
TRP CD2  C Y N 374 
TRP NE1  N Y N 375 
TRP CE2  C Y N 376 
TRP CE3  C Y N 377 
TRP CZ2  C Y N 378 
TRP CZ3  C Y N 379 
TRP CH2  C Y N 380 
TRP OXT  O N N 381 
TRP H    H N N 382 
TRP H2   H N N 383 
TRP HA   H N N 384 
TRP HB2  H N N 385 
TRP HB3  H N N 386 
TRP HD1  H N N 387 
TRP HE1  H N N 388 
TRP HE3  H N N 389 
TRP HZ2  H N N 390 
TRP HZ3  H N N 391 
TRP HH2  H N N 392 
TRP HXT  H N N 393 
TYR N    N N N 394 
TYR CA   C N S 395 
TYR C    C N N 396 
TYR O    O N N 397 
TYR CB   C N N 398 
TYR CG   C Y N 399 
TYR CD1  C Y N 400 
TYR CD2  C Y N 401 
TYR CE1  C Y N 402 
TYR CE2  C Y N 403 
TYR CZ   C Y N 404 
TYR OH   O N N 405 
TYR OXT  O N N 406 
TYR H    H N N 407 
TYR H2   H N N 408 
TYR HA   H N N 409 
TYR HB2  H N N 410 
TYR HB3  H N N 411 
TYR HD1  H N N 412 
TYR HD2  H N N 413 
TYR HE1  H N N 414 
TYR HE2  H N N 415 
TYR HH   H N N 416 
TYR HXT  H N N 417 
VAL N    N N N 418 
VAL CA   C N S 419 
VAL C    C N N 420 
VAL O    O N N 421 
VAL CB   C N N 422 
VAL CG1  C N N 423 
VAL CG2  C N N 424 
VAL OXT  O N N 425 
VAL H    H N N 426 
VAL H2   H N N 427 
VAL HA   H N N 428 
VAL HB   H N N 429 
VAL HG11 H N N 430 
VAL HG12 H N N 431 
VAL HG13 H N N 432 
VAL HG21 H N N 433 
VAL HG22 H N N 434 
VAL HG23 H N N 435 
VAL HXT  H N N 436 
# 
loop_
_chem_comp_bond.comp_id 
_chem_comp_bond.atom_id_1 
_chem_comp_bond.atom_id_2 
_chem_comp_bond.value_order 
_chem_comp_bond.pdbx_aromatic_flag 
_chem_comp_bond.pdbx_stereo_config 
_chem_comp_bond.pdbx_ordinal 
1PG C2  O1   sing N N 1   
1PG C2  C3   sing N N 2   
1PG C2  H21  sing N N 3   
1PG C2  H22  sing N N 4   
1PG C1  O1   sing N N 5   
1PG C1  H11  sing N N 6   
1PG C1  H12  sing N N 7   
1PG C1  H13  sing N N 8   
1PG O2  C3   sing N N 9   
1PG O2  C4   sing N N 10  
1PG C3  H31  sing N N 11  
1PG C3  H32  sing N N 12  
1PG C4  C5   sing N N 13  
1PG C4  H41  sing N N 14  
1PG C4  H42  sing N N 15  
1PG C5  O3   sing N N 16  
1PG C5  H51  sing N N 17  
1PG C5  H52  sing N N 18  
1PG O3  C6   sing N N 19  
1PG C6  C7   sing N N 20  
1PG C6  H61  sing N N 21  
1PG C6  H62  sing N N 22  
1PG C7  O4   sing N N 23  
1PG C7  H71  sing N N 24  
1PG C7  H72  sing N N 25  
1PG O4  C8   sing N N 26  
1PG C8  C9   sing N N 27  
1PG C8  H81  sing N N 28  
1PG C8  H82  sing N N 29  
1PG C9  O5   sing N N 30  
1PG C9  H91  sing N N 31  
1PG C9  H92  sing N N 32  
1PG O5  C10  sing N N 33  
1PG C10 C11  sing N N 34  
1PG C10 H101 sing N N 35  
1PG C10 H102 sing N N 36  
1PG C11 O6   sing N N 37  
1PG C11 H111 sing N N 38  
1PG C11 H112 sing N N 39  
1PG O6  HO6  sing N N 40  
ALA N   CA   sing N N 41  
ALA N   H    sing N N 42  
ALA N   H2   sing N N 43  
ALA CA  C    sing N N 44  
ALA CA  CB   sing N N 45  
ALA CA  HA   sing N N 46  
ALA C   O    doub N N 47  
ALA C   OXT  sing N N 48  
ALA CB  HB1  sing N N 49  
ALA CB  HB2  sing N N 50  
ALA CB  HB3  sing N N 51  
ALA OXT HXT  sing N N 52  
ARG N   CA   sing N N 53  
ARG N   H    sing N N 54  
ARG N   H2   sing N N 55  
ARG CA  C    sing N N 56  
ARG CA  CB   sing N N 57  
ARG CA  HA   sing N N 58  
ARG C   O    doub N N 59  
ARG C   OXT  sing N N 60  
ARG CB  CG   sing N N 61  
ARG CB  HB2  sing N N 62  
ARG CB  HB3  sing N N 63  
ARG CG  CD   sing N N 64  
ARG CG  HG2  sing N N 65  
ARG CG  HG3  sing N N 66  
ARG CD  NE   sing N N 67  
ARG CD  HD2  sing N N 68  
ARG CD  HD3  sing N N 69  
ARG NE  CZ   sing N N 70  
ARG NE  HE   sing N N 71  
ARG CZ  NH1  sing N N 72  
ARG CZ  NH2  doub N N 73  
ARG NH1 HH11 sing N N 74  
ARG NH1 HH12 sing N N 75  
ARG NH2 HH21 sing N N 76  
ARG NH2 HH22 sing N N 77  
ARG OXT HXT  sing N N 78  
ASN N   CA   sing N N 79  
ASN N   H    sing N N 80  
ASN N   H2   sing N N 81  
ASN CA  C    sing N N 82  
ASN CA  CB   sing N N 83  
ASN CA  HA   sing N N 84  
ASN C   O    doub N N 85  
ASN C   OXT  sing N N 86  
ASN CB  CG   sing N N 87  
ASN CB  HB2  sing N N 88  
ASN CB  HB3  sing N N 89  
ASN CG  OD1  doub N N 90  
ASN CG  ND2  sing N N 91  
ASN ND2 HD21 sing N N 92  
ASN ND2 HD22 sing N N 93  
ASN OXT HXT  sing N N 94  
ASP N   CA   sing N N 95  
ASP N   H    sing N N 96  
ASP N   H2   sing N N 97  
ASP CA  C    sing N N 98  
ASP CA  CB   sing N N 99  
ASP CA  HA   sing N N 100 
ASP C   O    doub N N 101 
ASP C   OXT  sing N N 102 
ASP CB  CG   sing N N 103 
ASP CB  HB2  sing N N 104 
ASP CB  HB3  sing N N 105 
ASP CG  OD1  doub N N 106 
ASP CG  OD2  sing N N 107 
ASP OD2 HD2  sing N N 108 
ASP OXT HXT  sing N N 109 
CYS N   CA   sing N N 110 
CYS N   H    sing N N 111 
CYS N   H2   sing N N 112 
CYS CA  C    sing N N 113 
CYS CA  CB   sing N N 114 
CYS CA  HA   sing N N 115 
CYS C   O    doub N N 116 
CYS C   OXT  sing N N 117 
CYS CB  SG   sing N N 118 
CYS CB  HB2  sing N N 119 
CYS CB  HB3  sing N N 120 
CYS SG  HG   sing N N 121 
CYS OXT HXT  sing N N 122 
GLN N   CA   sing N N 123 
GLN N   H    sing N N 124 
GLN N   H2   sing N N 125 
GLN CA  C    sing N N 126 
GLN CA  CB   sing N N 127 
GLN CA  HA   sing N N 128 
GLN C   O    doub N N 129 
GLN C   OXT  sing N N 130 
GLN CB  CG   sing N N 131 
GLN CB  HB2  sing N N 132 
GLN CB  HB3  sing N N 133 
GLN CG  CD   sing N N 134 
GLN CG  HG2  sing N N 135 
GLN CG  HG3  sing N N 136 
GLN CD  OE1  doub N N 137 
GLN CD  NE2  sing N N 138 
GLN NE2 HE21 sing N N 139 
GLN NE2 HE22 sing N N 140 
GLN OXT HXT  sing N N 141 
GLU N   CA   sing N N 142 
GLU N   H    sing N N 143 
GLU N   H2   sing N N 144 
GLU CA  C    sing N N 145 
GLU CA  CB   sing N N 146 
GLU CA  HA   sing N N 147 
GLU C   O    doub N N 148 
GLU C   OXT  sing N N 149 
GLU CB  CG   sing N N 150 
GLU CB  HB2  sing N N 151 
GLU CB  HB3  sing N N 152 
GLU CG  CD   sing N N 153 
GLU CG  HG2  sing N N 154 
GLU CG  HG3  sing N N 155 
GLU CD  OE1  doub N N 156 
GLU CD  OE2  sing N N 157 
GLU OE2 HE2  sing N N 158 
GLU OXT HXT  sing N N 159 
GLY N   CA   sing N N 160 
GLY N   H    sing N N 161 
GLY N   H2   sing N N 162 
GLY CA  C    sing N N 163 
GLY CA  HA2  sing N N 164 
GLY CA  HA3  sing N N 165 
GLY C   O    doub N N 166 
GLY C   OXT  sing N N 167 
GLY OXT HXT  sing N N 168 
HIS N   CA   sing N N 169 
HIS N   H    sing N N 170 
HIS N   H2   sing N N 171 
HIS CA  C    sing N N 172 
HIS CA  CB   sing N N 173 
HIS CA  HA   sing N N 174 
HIS C   O    doub N N 175 
HIS C   OXT  sing N N 176 
HIS CB  CG   sing N N 177 
HIS CB  HB2  sing N N 178 
HIS CB  HB3  sing N N 179 
HIS CG  ND1  sing Y N 180 
HIS CG  CD2  doub Y N 181 
HIS ND1 CE1  doub Y N 182 
HIS ND1 HD1  sing N N 183 
HIS CD2 NE2  sing Y N 184 
HIS CD2 HD2  sing N N 185 
HIS CE1 NE2  sing Y N 186 
HIS CE1 HE1  sing N N 187 
HIS NE2 HE2  sing N N 188 
HIS OXT HXT  sing N N 189 
HOH O   H1   sing N N 190 
HOH O   H2   sing N N 191 
ILE N   CA   sing N N 192 
ILE N   H    sing N N 193 
ILE N   H2   sing N N 194 
ILE CA  C    sing N N 195 
ILE CA  CB   sing N N 196 
ILE CA  HA   sing N N 197 
ILE C   O    doub N N 198 
ILE C   OXT  sing N N 199 
ILE CB  CG1  sing N N 200 
ILE CB  CG2  sing N N 201 
ILE CB  HB   sing N N 202 
ILE CG1 CD1  sing N N 203 
ILE CG1 HG12 sing N N 204 
ILE CG1 HG13 sing N N 205 
ILE CG2 HG21 sing N N 206 
ILE CG2 HG22 sing N N 207 
ILE CG2 HG23 sing N N 208 
ILE CD1 HD11 sing N N 209 
ILE CD1 HD12 sing N N 210 
ILE CD1 HD13 sing N N 211 
ILE OXT HXT  sing N N 212 
LEU N   CA   sing N N 213 
LEU N   H    sing N N 214 
LEU N   H2   sing N N 215 
LEU CA  C    sing N N 216 
LEU CA  CB   sing N N 217 
LEU CA  HA   sing N N 218 
LEU C   O    doub N N 219 
LEU C   OXT  sing N N 220 
LEU CB  CG   sing N N 221 
LEU CB  HB2  sing N N 222 
LEU CB  HB3  sing N N 223 
LEU CG  CD1  sing N N 224 
LEU CG  CD2  sing N N 225 
LEU CG  HG   sing N N 226 
LEU CD1 HD11 sing N N 227 
LEU CD1 HD12 sing N N 228 
LEU CD1 HD13 sing N N 229 
LEU CD2 HD21 sing N N 230 
LEU CD2 HD22 sing N N 231 
LEU CD2 HD23 sing N N 232 
LEU OXT HXT  sing N N 233 
LYS N   CA   sing N N 234 
LYS N   H    sing N N 235 
LYS N   H2   sing N N 236 
LYS CA  C    sing N N 237 
LYS CA  CB   sing N N 238 
LYS CA  HA   sing N N 239 
LYS C   O    doub N N 240 
LYS C   OXT  sing N N 241 
LYS CB  CG   sing N N 242 
LYS CB  HB2  sing N N 243 
LYS CB  HB3  sing N N 244 
LYS CG  CD   sing N N 245 
LYS CG  HG2  sing N N 246 
LYS CG  HG3  sing N N 247 
LYS CD  CE   sing N N 248 
LYS CD  HD2  sing N N 249 
LYS CD  HD3  sing N N 250 
LYS CE  NZ   sing N N 251 
LYS CE  HE2  sing N N 252 
LYS CE  HE3  sing N N 253 
LYS NZ  HZ1  sing N N 254 
LYS NZ  HZ2  sing N N 255 
LYS NZ  HZ3  sing N N 256 
LYS OXT HXT  sing N N 257 
MET N   CA   sing N N 258 
MET N   H    sing N N 259 
MET N   H2   sing N N 260 
MET CA  C    sing N N 261 
MET CA  CB   sing N N 262 
MET CA  HA   sing N N 263 
MET C   O    doub N N 264 
MET C   OXT  sing N N 265 
MET CB  CG   sing N N 266 
MET CB  HB2  sing N N 267 
MET CB  HB3  sing N N 268 
MET CG  SD   sing N N 269 
MET CG  HG2  sing N N 270 
MET CG  HG3  sing N N 271 
MET SD  CE   sing N N 272 
MET CE  HE1  sing N N 273 
MET CE  HE2  sing N N 274 
MET CE  HE3  sing N N 275 
MET OXT HXT  sing N N 276 
PHE N   CA   sing N N 277 
PHE N   H    sing N N 278 
PHE N   H2   sing N N 279 
PHE CA  C    sing N N 280 
PHE CA  CB   sing N N 281 
PHE CA  HA   sing N N 282 
PHE C   O    doub N N 283 
PHE C   OXT  sing N N 284 
PHE CB  CG   sing N N 285 
PHE CB  HB2  sing N N 286 
PHE CB  HB3  sing N N 287 
PHE CG  CD1  doub Y N 288 
PHE CG  CD2  sing Y N 289 
PHE CD1 CE1  sing Y N 290 
PHE CD1 HD1  sing N N 291 
PHE CD2 CE2  doub Y N 292 
PHE CD2 HD2  sing N N 293 
PHE CE1 CZ   doub Y N 294 
PHE CE1 HE1  sing N N 295 
PHE CE2 CZ   sing Y N 296 
PHE CE2 HE2  sing N N 297 
PHE CZ  HZ   sing N N 298 
PHE OXT HXT  sing N N 299 
PRO N   CA   sing N N 300 
PRO N   CD   sing N N 301 
PRO N   H    sing N N 302 
PRO CA  C    sing N N 303 
PRO CA  CB   sing N N 304 
PRO CA  HA   sing N N 305 
PRO C   O    doub N N 306 
PRO C   OXT  sing N N 307 
PRO CB  CG   sing N N 308 
PRO CB  HB2  sing N N 309 
PRO CB  HB3  sing N N 310 
PRO CG  CD   sing N N 311 
PRO CG  HG2  sing N N 312 
PRO CG  HG3  sing N N 313 
PRO CD  HD2  sing N N 314 
PRO CD  HD3  sing N N 315 
PRO OXT HXT  sing N N 316 
SER N   CA   sing N N 317 
SER N   H    sing N N 318 
SER N   H2   sing N N 319 
SER CA  C    sing N N 320 
SER CA  CB   sing N N 321 
SER CA  HA   sing N N 322 
SER C   O    doub N N 323 
SER C   OXT  sing N N 324 
SER CB  OG   sing N N 325 
SER CB  HB2  sing N N 326 
SER CB  HB3  sing N N 327 
SER OG  HG   sing N N 328 
SER OXT HXT  sing N N 329 
SO4 S   O1   doub N N 330 
SO4 S   O2   doub N N 331 
SO4 S   O3   sing N N 332 
SO4 S   O4   sing N N 333 
THR N   CA   sing N N 334 
THR N   H    sing N N 335 
THR N   H2   sing N N 336 
THR CA  C    sing N N 337 
THR CA  CB   sing N N 338 
THR CA  HA   sing N N 339 
THR C   O    doub N N 340 
THR C   OXT  sing N N 341 
THR CB  OG1  sing N N 342 
THR CB  CG2  sing N N 343 
THR CB  HB   sing N N 344 
THR OG1 HG1  sing N N 345 
THR CG2 HG21 sing N N 346 
THR CG2 HG22 sing N N 347 
THR CG2 HG23 sing N N 348 
THR OXT HXT  sing N N 349 
TRP N   CA   sing N N 350 
TRP N   H    sing N N 351 
TRP N   H2   sing N N 352 
TRP CA  C    sing N N 353 
TRP CA  CB   sing N N 354 
TRP CA  HA   sing N N 355 
TRP C   O    doub N N 356 
TRP C   OXT  sing N N 357 
TRP CB  CG   sing N N 358 
TRP CB  HB2  sing N N 359 
TRP CB  HB3  sing N N 360 
TRP CG  CD1  doub Y N 361 
TRP CG  CD2  sing Y N 362 
TRP CD1 NE1  sing Y N 363 
TRP CD1 HD1  sing N N 364 
TRP CD2 CE2  doub Y N 365 
TRP CD2 CE3  sing Y N 366 
TRP NE1 CE2  sing Y N 367 
TRP NE1 HE1  sing N N 368 
TRP CE2 CZ2  sing Y N 369 
TRP CE3 CZ3  doub Y N 370 
TRP CE3 HE3  sing N N 371 
TRP CZ2 CH2  doub Y N 372 
TRP CZ2 HZ2  sing N N 373 
TRP CZ3 CH2  sing Y N 374 
TRP CZ3 HZ3  sing N N 375 
TRP CH2 HH2  sing N N 376 
TRP OXT HXT  sing N N 377 
TYR N   CA   sing N N 378 
TYR N   H    sing N N 379 
TYR N   H2   sing N N 380 
TYR CA  C    sing N N 381 
TYR CA  CB   sing N N 382 
TYR CA  HA   sing N N 383 
TYR C   O    doub N N 384 
TYR C   OXT  sing N N 385 
TYR CB  CG   sing N N 386 
TYR CB  HB2  sing N N 387 
TYR CB  HB3  sing N N 388 
TYR CG  CD1  doub Y N 389 
TYR CG  CD2  sing Y N 390 
TYR CD1 CE1  sing Y N 391 
TYR CD1 HD1  sing N N 392 
TYR CD2 CE2  doub Y N 393 
TYR CD2 HD2  sing N N 394 
TYR CE1 CZ   doub Y N 395 
TYR CE1 HE1  sing N N 396 
TYR CE2 CZ   sing Y N 397 
TYR CE2 HE2  sing N N 398 
TYR CZ  OH   sing N N 399 
TYR OH  HH   sing N N 400 
TYR OXT HXT  sing N N 401 
VAL N   CA   sing N N 402 
VAL N   H    sing N N 403 
VAL N   H2   sing N N 404 
VAL CA  C    sing N N 405 
VAL CA  CB   sing N N 406 
VAL CA  HA   sing N N 407 
VAL C   O    doub N N 408 
VAL C   OXT  sing N N 409 
VAL CB  CG1  sing N N 410 
VAL CB  CG2  sing N N 411 
VAL CB  HB   sing N N 412 
VAL CG1 HG11 sing N N 413 
VAL CG1 HG12 sing N N 414 
VAL CG1 HG13 sing N N 415 
VAL CG2 HG21 sing N N 416 
VAL CG2 HG22 sing N N 417 
VAL CG2 HG23 sing N N 418 
VAL OXT HXT  sing N N 419 
# 
_atom_sites.entry_id                    1PIN 
_atom_sites.fract_transf_matrix[1][1]   0.01729457 
_atom_sites.fract_transf_matrix[1][2]   -0.00430315 
_atom_sites.fract_transf_matrix[1][3]   -0.00994319 
_atom_sites.fract_transf_vector[1]      0.522613 
_atom_sites.fract_transf_matrix[2][1]   -0.00957194 
_atom_sites.fract_transf_matrix[2][2]   0.00270561 
_atom_sites.fract_transf_matrix[2][3]   -0.01781976 
_atom_sites.fract_transf_vector[2]      0.173715 
_atom_sites.fract_transf_matrix[3][1]   0.00180487 
_atom_sites.fract_transf_matrix[3][2]   0.00702830 
_atom_sites.fract_transf_matrix[3][3]   0.00009763 
_atom_sites.fract_transf_vector[3]      0.811452 
# 
loop_
_atom_type.symbol 
C 
N 
O 
S 
# 
loop_
_atom_site.group_PDB 
_atom_site.id 
_atom_site.type_symbol 
_atom_site.label_atom_id 
_atom_site.label_alt_id 
_atom_site.label_comp_id 
_atom_site.label_asym_id 
_atom_site.label_entity_id 
_atom_site.label_seq_id 
_atom_site.pdbx_PDB_ins_code 
_atom_site.Cartn_x 
_atom_site.Cartn_y 
_atom_site.Cartn_z 
_atom_site.occupancy 
_atom_site.B_iso_or_equiv 
_atom_site.pdbx_formal_charge 
_atom_site.auth_seq_id 
_atom_site.auth_comp_id 
_atom_site.auth_asym_id 
_atom_site.auth_atom_id 
_atom_site.pdbx_PDB_model_num 
ATOM   1    N N   . LYS A 1 6   ? 18.674  7.387   -13.723 1.00 43.60 ? 6    LYS A N   1 
ATOM   2    C CA  . LYS A 1 6   ? 17.788  6.256   -14.111 1.00 43.76 ? 6    LYS A CA  1 
ATOM   3    C C   . LYS A 1 6   ? 17.047  5.773   -12.872 1.00 40.62 ? 6    LYS A C   1 
ATOM   4    O O   . LYS A 1 6   ? 17.435  6.083   -11.748 1.00 46.11 ? 6    LYS A O   1 
ATOM   5    C CB  . LYS A 1 6   ? 18.604  5.117   -14.713 1.00 46.57 ? 6    LYS A CB  1 
ATOM   6    C CG  . LYS A 1 6   ? 17.884  4.364   -15.820 1.00 49.49 ? 6    LYS A CG  1 
ATOM   7    C CD  . LYS A 1 6   ? 16.882  3.355   -15.293 1.00 49.77 ? 6    LYS A CD  1 
ATOM   8    C CE  . LYS A 1 6   ? 15.583  3.404   -16.075 1.00 50.94 ? 6    LYS A CE  1 
ATOM   9    N NZ  . LYS A 1 6   ? 14.553  4.271   -15.423 1.00 49.86 ? 6    LYS A NZ  1 
ATOM   10   N N   . LEU A 1 7   ? 16.002  4.998   -13.111 1.00 35.79 ? 7    LEU A N   1 
ATOM   11   C CA  . LEU A 1 7   ? 15.107  4.436   -12.106 1.00 28.10 ? 7    LEU A CA  1 
ATOM   12   C C   . LEU A 1 7   ? 14.025  5.480   -11.910 1.00 26.09 ? 7    LEU A C   1 
ATOM   13   O O   . LEU A 1 7   ? 14.313  6.674   -11.840 1.00 26.38 ? 7    LEU A O   1 
ATOM   14   C CB  . LEU A 1 7   ? 15.789  4.086   -10.772 1.00 23.79 ? 7    LEU A CB  1 
ATOM   15   C CG  . LEU A 1 7   ? 16.767  2.905   -10.687 1.00 21.43 ? 7    LEU A CG  1 
ATOM   16   C CD1 . LEU A 1 7   ? 16.820  2.379   -9.260  1.00 19.51 ? 7    LEU A CD1 1 
ATOM   17   C CD2 . LEU A 1 7   ? 16.346  1.776   -11.615 1.00 21.22 ? 7    LEU A CD2 1 
ATOM   18   N N   . PRO A 1 8   ? 12.760  5.049   -11.958 1.00 24.48 ? 8    PRO A N   1 
ATOM   19   C CA  . PRO A 1 8   ? 11.578  5.898   -11.797 1.00 23.01 ? 8    PRO A CA  1 
ATOM   20   C C   . PRO A 1 8   ? 11.503  6.528   -10.403 1.00 23.50 ? 8    PRO A C   1 
ATOM   21   O O   . PRO A 1 8   ? 12.181  6.089   -9.466  1.00 21.78 ? 8    PRO A O   1 
ATOM   22   C CB  . PRO A 1 8   ? 10.422  4.917   -12.040 1.00 21.52 ? 8    PRO A CB  1 
ATOM   23   C CG  . PRO A 1 8   ? 11.041  3.843   -12.891 1.00 22.37 ? 8    PRO A CG  1 
ATOM   24   C CD  . PRO A 1 8   ? 12.362  3.658   -12.234 1.00 23.70 ? 8    PRO A CD  1 
ATOM   25   N N   . PRO A 1 9   ? 10.646  7.551   -10.244 1.00 24.60 ? 9    PRO A N   1 
ATOM   26   C CA  . PRO A 1 9   ? 10.429  8.286   -8.997  1.00 24.04 ? 9    PRO A CA  1 
ATOM   27   C C   . PRO A 1 9   ? 10.378  7.469   -7.713  1.00 22.94 ? 9    PRO A C   1 
ATOM   28   O O   . PRO A 1 9   ? 9.564   6.552   -7.560  1.00 23.44 ? 9    PRO A O   1 
ATOM   29   C CB  . PRO A 1 9   ? 9.106   9.007   -9.263  1.00 26.02 ? 9    PRO A CB  1 
ATOM   30   C CG  . PRO A 1 9   ? 9.233   9.380   -10.693 1.00 24.56 ? 9    PRO A CG  1 
ATOM   31   C CD  . PRO A 1 9   ? 9.806   8.114   -11.324 1.00 26.06 ? 9    PRO A CD  1 
ATOM   32   N N   . GLY A 1 10  ? 11.233  7.847   -6.775  1.00 18.67 ? 10   GLY A N   1 
ATOM   33   C CA  . GLY A 1 10  ? 11.289  7.191   -5.491  1.00 17.14 ? 10   GLY A CA  1 
ATOM   34   C C   . GLY A 1 10  ? 12.069  5.898   -5.435  1.00 14.08 ? 10   GLY A C   1 
ATOM   35   O O   . GLY A 1 10  ? 12.402  5.460   -4.337  1.00 15.65 ? 10   GLY A O   1 
ATOM   36   N N   . TRP A 1 11  ? 12.414  5.318   -6.583  1.00 14.65 ? 11   TRP A N   1 
ATOM   37   C CA  . TRP A 1 11  ? 13.136  4.042   -6.603  1.00 14.34 ? 11   TRP A CA  1 
ATOM   38   C C   . TRP A 1 11  ? 14.647  4.131   -6.374  1.00 14.64 ? 11   TRP A C   1 
ATOM   39   O O   . TRP A 1 11  ? 15.309  5.014   -6.917  1.00 14.20 ? 11   TRP A O   1 
ATOM   40   C CB  . TRP A 1 11  ? 12.883  3.305   -7.924  1.00 13.87 ? 11   TRP A CB  1 
ATOM   41   C CG  . TRP A 1 11  ? 11.512  2.722   -8.076  1.00 14.17 ? 11   TRP A CG  1 
ATOM   42   C CD1 . TRP A 1 11  ? 10.507  3.190   -8.878  1.00 14.89 ? 11   TRP A CD1 1 
ATOM   43   C CD2 . TRP A 1 11  ? 11.007  1.512   -7.468  1.00 14.34 ? 11   TRP A CD2 1 
ATOM   44   N NE1 . TRP A 1 11  ? 9.418   2.342   -8.817  1.00 15.40 ? 11   TRP A NE1 1 
ATOM   45   C CE2 . TRP A 1 11  ? 9.698   1.309   -7.958  1.00 15.32 ? 11   TRP A CE2 1 
ATOM   46   C CE3 . TRP A 1 11  ? 11.544  0.581   -6.561  1.00 14.38 ? 11   TRP A CE3 1 
ATOM   47   C CZ2 . TRP A 1 11  ? 8.911   0.208   -7.576  1.00 12.25 ? 11   TRP A CZ2 1 
ATOM   48   C CZ3 . TRP A 1 11  ? 10.754  -0.517  -6.180  1.00 13.51 ? 11   TRP A CZ3 1 
ATOM   49   C CH2 . TRP A 1 11  ? 9.455   -0.687  -6.690  1.00 13.26 ? 11   TRP A CH2 1 
ATOM   50   N N   . GLU A 1 12  ? 15.186  3.186   -5.600  1.00 13.61 ? 12   GLU A N   1 
ATOM   51   C CA  . GLU A 1 12  ? 16.625  3.116   -5.333  1.00 12.30 ? 12   GLU A CA  1 
ATOM   52   C C   . GLU A 1 12  ? 17.047  1.665   -5.047  1.00 12.71 ? 12   GLU A C   1 
ATOM   53   O O   . GLU A 1 12  ? 16.269  0.893   -4.475  1.00 11.30 ? 12   GLU A O   1 
ATOM   54   C CB  . GLU A 1 12  ? 16.995  4.007   -4.140  1.00 12.83 ? 12   GLU A CB  1 
ATOM   55   C CG  . GLU A 1 12  ? 18.492  4.029   -3.842  1.00 14.17 ? 12   GLU A CG  1 
ATOM   56   C CD  . GLU A 1 12  ? 18.859  4.706   -2.514  1.00 18.50 ? 12   GLU A CD  1 
ATOM   57   O OE1 . GLU A 1 12  ? 17.993  4.863   -1.634  1.00 17.19 ? 12   GLU A OE1 1 
ATOM   58   O OE2 . GLU A 1 12  ? 20.045  5.058   -2.336  1.00 22.01 ? 12   GLU A OE2 1 
ATOM   59   N N   . LYS A 1 13  ? 18.251  1.285   -5.484  1.00 12.57 ? 13   LYS A N   1 
ATOM   60   C CA  . LYS A 1 13  ? 18.778  -0.060  -5.226  1.00 12.87 ? 13   LYS A CA  1 
ATOM   61   C C   . LYS A 1 13  ? 19.226  -0.075  -3.760  1.00 13.57 ? 13   LYS A C   1 
ATOM   62   O O   . LYS A 1 13  ? 19.961  0.822   -3.311  1.00 12.12 ? 13   LYS A O   1 
ATOM   63   C CB  . LYS A 1 13  ? 19.976  -0.400  -6.133  1.00 12.91 ? 13   LYS A CB  1 
ATOM   64   C CG  . LYS A 1 13  ? 20.366  -1.897  -6.084  1.00 13.83 ? 13   LYS A CG  1 
ATOM   65   C CD  . LYS A 1 13  ? 21.771  -2.216  -6.643  1.00 17.70 ? 13   LYS A CD  1 
ATOM   66   C CE  . LYS A 1 13  ? 21.904  -1.987  -8.137  1.00 25.89 ? 13   LYS A CE  1 
ATOM   67   N NZ  . LYS A 1 13  ? 23.290  -2.293  -8.692  1.00 26.38 ? 13   LYS A NZ  1 
ATOM   68   N N   . ARG A 1 14  ? 18.783  -1.079  -3.016  1.00 11.98 ? 14   ARG A N   1 
ATOM   69   C CA  . ARG A 1 14  ? 19.119  -1.194  -1.606  1.00 11.58 ? 14   ARG A CA  1 
ATOM   70   C C   . ARG A 1 14  ? 19.632  -2.596  -1.298  1.00 13.80 ? 14   ARG A C   1 
ATOM   71   O O   . ARG A 1 14  ? 19.646  -3.481  -2.162  1.00 12.99 ? 14   ARG A O   1 
ATOM   72   C CB  . ARG A 1 14  ? 17.879  -0.902  -0.743  1.00 11.10 ? 14   ARG A CB  1 
ATOM   73   C CG  . ARG A 1 14  ? 17.182  0.423   -1.059  1.00 12.02 ? 14   ARG A CG  1 
ATOM   74   C CD  . ARG A 1 14  ? 17.977  1.659   -0.616  1.00 13.34 ? 14   ARG A CD  1 
ATOM   75   N NE  . ARG A 1 14  ? 17.967  1.831   0.840   1.00 14.62 ? 14   ARG A NE  1 
ATOM   76   C CZ  . ARG A 1 14  ? 18.423  2.900   1.487   1.00 13.72 ? 14   ARG A CZ  1 
ATOM   77   N NH1 . ARG A 1 14  ? 18.940  3.926   0.815   1.00 13.22 ? 14   ARG A NH1 1 
ATOM   78   N NH2 . ARG A 1 14  ? 18.375  2.927   2.814   1.00 13.00 ? 14   ARG A NH2 1 
ATOM   79   N N   . MET A 1 15  ? 20.075  -2.790  -0.062  1.00 13.65 ? 15   MET A N   1 
ATOM   80   C CA  . MET A 1 15  ? 20.562  -4.073  0.398   1.00 15.80 ? 15   MET A CA  1 
ATOM   81   C C   . MET A 1 15  ? 20.024  -4.290  1.796   1.00 16.12 ? 15   MET A C   1 
ATOM   82   O O   . MET A 1 15  ? 19.890  -3.343  2.577   1.00 14.06 ? 15   MET A O   1 
ATOM   83   C CB  . MET A 1 15  ? 22.087  -4.099  0.421   1.00 19.69 ? 15   MET A CB  1 
ATOM   84   C CG  . MET A 1 15  ? 22.656  -5.394  0.956   1.00 25.80 ? 15   MET A CG  1 
ATOM   85   S SD  . MET A 1 15  ? 24.394  -5.591  0.563   1.00 32.03 ? 15   MET A SD  1 
ATOM   86   C CE  . MET A 1 15  ? 24.253  -6.507  -0.929  1.00 30.54 ? 15   MET A CE  1 
ATOM   87   N N   . SER A 1 16  ? 19.652  -5.528  2.096   1.00 16.71 ? 16   SER A N   1 
ATOM   88   C CA  . SER A 1 16  ? 19.149  -5.859  3.422   1.00 18.47 ? 16   SER A CA  1 
ATOM   89   C C   . SER A 1 16  ? 20.290  -5.749  4.431   1.00 17.14 ? 16   SER A C   1 
ATOM   90   O O   . SER A 1 16  ? 21.431  -6.106  4.143   1.00 16.09 ? 16   SER A O   1 
ATOM   91   C CB  . SER A 1 16  ? 18.577  -7.280  3.447   1.00 20.00 ? 16   SER A CB  1 
ATOM   92   O OG  . SER A 1 16  ? 17.450  -7.384  2.605   1.00 23.58 ? 16   SER A OG  1 
ATOM   93   N N   . ARG A 1 17  ? 19.988  -5.220  5.607   1.00 17.41 ? 17   ARG A N   1 
ATOM   94   C CA  . ARG A 1 17  ? 21.017  -5.085  6.615   1.00 20.41 ? 17   ARG A CA  1 
ATOM   95   C C   . ARG A 1 17  ? 21.507  -6.453  7.074   1.00 19.53 ? 17   ARG A C   1 
ATOM   96   O O   . ARG A 1 17  ? 20.733  -7.415  7.167   1.00 17.27 ? 17   ARG A O   1 
ATOM   97   C CB  . ARG A 1 17  ? 20.528  -4.232  7.785   1.00 23.90 ? 17   ARG A CB  1 
ATOM   98   C CG  . ARG A 1 17  ? 20.696  -2.743  7.509   1.00 29.17 ? 17   ARG A CG  1 
ATOM   99   C CD  . ARG A 1 17  ? 20.207  -1.849  8.641   1.00 33.19 ? 17   ARG A CD  1 
ATOM   100  N NE  . ARG A 1 17  ? 20.645  -2.245  9.988   1.00 36.71 ? 17   ARG A NE  1 
ATOM   101  C CZ  . ARG A 1 17  ? 21.903  -2.469  10.381  1.00 35.22 ? 17   ARG A CZ  1 
ATOM   102  N NH1 . ARG A 1 17  ? 22.931  -2.350  9.546   1.00 31.72 ? 17   ARG A NH1 1 
ATOM   103  N NH2 . ARG A 1 17  ? 22.130  -2.818  11.637  1.00 37.13 ? 17   ARG A NH2 1 
ATOM   104  N N   . SER A 1 18  ? 22.814  -6.540  7.270   1.00 18.91 ? 18   SER A N   1 
ATOM   105  C CA  . SER A 1 18  ? 23.470  -7.769  7.704   1.00 18.38 ? 18   SER A CA  1 
ATOM   106  C C   . SER A 1 18  ? 23.308  -8.879  6.680   1.00 19.19 ? 18   SER A C   1 
ATOM   107  O O   . SER A 1 18  ? 23.356  -10.063 7.022   1.00 17.19 ? 18   SER A O   1 
ATOM   108  C CB  . SER A 1 18  ? 22.948  -8.224  9.071   1.00 18.53 ? 18   SER A CB  1 
ATOM   109  O OG  . SER A 1 18  ? 24.026  -8.689  9.866   1.00 21.63 ? 18   SER A OG  1 
ATOM   110  N N   . SER A 1 19  ? 23.141  -8.495  5.417   1.00 18.50 ? 19   SER A N   1 
ATOM   111  C CA  . SER A 1 19  ? 22.993  -9.483  4.358   1.00 20.71 ? 19   SER A CA  1 
ATOM   112  C C   . SER A 1 19  ? 23.558  -8.993  3.034   1.00 19.20 ? 19   SER A C   1 
ATOM   113  O O   . SER A 1 19  ? 23.999  -7.845  2.903   1.00 18.06 ? 19   SER A O   1 
ATOM   114  C CB  . SER A 1 19  ? 21.517  -9.912  4.199   1.00 22.66 ? 19   SER A CB  1 
ATOM   115  O OG  . SER A 1 19  ? 20.833  -9.183  3.199   1.00 28.00 ? 19   SER A OG  1 
ATOM   116  N N   . GLY A 1 20  ? 23.582  -9.895  2.067   1.00 16.82 ? 20   GLY A N   1 
ATOM   117  C CA  . GLY A 1 20  ? 24.079  -9.556  0.751   1.00 18.05 ? 20   GLY A CA  1 
ATOM   118  C C   . GLY A 1 20  ? 22.925  -9.472  -0.227  1.00 15.55 ? 20   GLY A C   1 
ATOM   119  O O   . GLY A 1 20  ? 23.145  -9.347  -1.427  1.00 17.73 ? 20   GLY A O   1 
ATOM   120  N N   . ARG A 1 21  ? 21.700  -9.523  0.276   1.00 15.25 ? 21   ARG A N   1 
ATOM   121  C CA  . ARG A 1 21  ? 20.507  -9.468  -0.579  1.00 16.34 ? 21   ARG A CA  1 
ATOM   122  C C   . ARG A 1 21  ? 20.268  -8.051  -1.093  1.00 16.85 ? 21   ARG A C   1 
ATOM   123  O O   . ARG A 1 21  ? 19.981  -7.144  -0.313  1.00 16.55 ? 21   ARG A O   1 
ATOM   124  C CB  . ARG A 1 21  ? 19.262  -9.947  0.181   1.00 16.28 ? 21   ARG A CB  1 
ATOM   125  C CG  . ARG A 1 21  ? 19.019  -11.456 0.187   1.00 18.59 ? 21   ARG A CG  1 
ATOM   126  C CD  . ARG A 1 21  ? 20.227  -12.267 0.640   1.00 22.00 ? 21   ARG A CD  1 
ATOM   127  N NE  . ARG A 1 21  ? 19.882  -13.680 0.835   1.00 25.13 ? 21   ARG A NE  1 
ATOM   128  C CZ  . ARG A 1 21  ? 19.541  -14.516 -0.139  1.00 26.89 ? 21   ARG A CZ  1 
ATOM   129  N NH1 . ARG A 1 21  ? 19.554  -14.119 -1.406  1.00 26.01 ? 21   ARG A NH1 1 
ATOM   130  N NH2 . ARG A 1 21  ? 19.233  -15.772 0.148   1.00 27.68 ? 21   ARG A NH2 1 
ATOM   131  N N   . VAL A 1 22  ? 20.397  -7.887  -2.406  1.00 14.89 ? 22   VAL A N   1 
ATOM   132  C CA  . VAL A 1 22  ? 20.201  -6.613  -3.103  1.00 12.80 ? 22   VAL A CA  1 
ATOM   133  C C   . VAL A 1 22  ? 18.790  -6.567  -3.688  1.00 12.66 ? 22   VAL A C   1 
ATOM   134  O O   . VAL A 1 22  ? 18.341  -7.521  -4.319  1.00 13.84 ? 22   VAL A O   1 
ATOM   135  C CB  . VAL A 1 22  ? 21.185  -6.511  -4.285  1.00 14.07 ? 22   VAL A CB  1 
ATOM   136  C CG1 . VAL A 1 22  ? 20.868  -5.309  -5.145  1.00 15.72 ? 22   VAL A CG1 1 
ATOM   137  C CG2 . VAL A 1 22  ? 22.604  -6.463  -3.781  1.00 16.91 ? 22   VAL A CG2 1 
ATOM   138  N N   . TYR A 1 23  ? 18.100  -5.446  -3.530  1.00 12.29 ? 23   TYR A N   1 
ATOM   139  C CA  . TYR A 1 23  ? 16.754  -5.329  -4.059  1.00 11.40 ? 23   TYR A CA  1 
ATOM   140  C C   . TYR A 1 23  ? 16.499  -3.878  -4.393  1.00 13.34 ? 23   TYR A C   1 
ATOM   141  O O   . TYR A 1 23  ? 17.402  -3.041  -4.267  1.00 11.80 ? 23   TYR A O   1 
ATOM   142  C CB  . TYR A 1 23  ? 15.717  -5.825  -3.040  1.00 13.12 ? 23   TYR A CB  1 
ATOM   143  C CG  . TYR A 1 23  ? 15.677  -5.070  -1.727  1.00 14.15 ? 23   TYR A CG  1 
ATOM   144  C CD1 . TYR A 1 23  ? 16.599  -5.342  -0.715  1.00 14.05 ? 23   TYR A CD1 1 
ATOM   145  C CD2 . TYR A 1 23  ? 14.692  -4.102  -1.480  1.00 14.80 ? 23   TYR A CD2 1 
ATOM   146  C CE1 . TYR A 1 23  ? 16.551  -4.673  0.506   1.00 15.95 ? 23   TYR A CE1 1 
ATOM   147  C CE2 . TYR A 1 23  ? 14.633  -3.424  -0.258  1.00 15.11 ? 23   TYR A CE2 1 
ATOM   148  C CZ  . TYR A 1 23  ? 15.568  -3.717  0.733   1.00 14.94 ? 23   TYR A CZ  1 
ATOM   149  O OH  . TYR A 1 23  ? 15.527  -3.066  1.949   1.00 14.95 ? 23   TYR A OH  1 
ATOM   150  N N   . TYR A 1 24  ? 15.285  -3.595  -4.859  1.00 11.14 ? 24   TYR A N   1 
ATOM   151  C CA  . TYR A 1 24  ? 14.879  -2.246  -5.209  1.00 11.63 ? 24   TYR A CA  1 
ATOM   152  C C   . TYR A 1 24  ? 13.751  -1.829  -4.283  1.00 13.00 ? 24   TYR A C   1 
ATOM   153  O O   . TYR A 1 24  ? 12.809  -2.597  -4.037  1.00 12.88 ? 24   TYR A O   1 
ATOM   154  C CB  . TYR A 1 24  ? 14.468  -2.184  -6.672  1.00 12.04 ? 24   TYR A CB  1 
ATOM   155  C CG  . TYR A 1 24  ? 15.635  -2.472  -7.582  1.00 13.43 ? 24   TYR A CG  1 
ATOM   156  C CD1 . TYR A 1 24  ? 15.947  -3.787  -7.954  1.00 13.80 ? 24   TYR A CD1 1 
ATOM   157  C CD2 . TYR A 1 24  ? 16.463  -1.437  -8.036  1.00 13.20 ? 24   TYR A CD2 1 
ATOM   158  C CE1 . TYR A 1 24  ? 17.058  -4.066  -8.755  1.00 16.55 ? 24   TYR A CE1 1 
ATOM   159  C CE2 . TYR A 1 24  ? 17.570  -1.700  -8.833  1.00 16.61 ? 24   TYR A CE2 1 
ATOM   160  C CZ  . TYR A 1 24  ? 17.861  -3.016  -9.190  1.00 16.76 ? 24   TYR A CZ  1 
ATOM   161  O OH  . TYR A 1 24  ? 18.948  -3.266  -9.993  1.00 19.40 ? 24   TYR A OH  1 
ATOM   162  N N   . PHE A 1 25  ? 13.861  -0.611  -3.767  1.00 12.58 ? 25   PHE A N   1 
ATOM   163  C CA  . PHE A 1 25  ? 12.911  -0.069  -2.817  1.00 11.72 ? 25   PHE A CA  1 
ATOM   164  C C   . PHE A 1 25  ? 12.397  1.279   -3.291  1.00 12.73 ? 25   PHE A C   1 
ATOM   165  O O   . PHE A 1 25  ? 13.148  2.076   -3.871  1.00 13.02 ? 25   PHE A O   1 
ATOM   166  C CB  . PHE A 1 25  ? 13.631  0.085   -1.475  1.00 13.70 ? 25   PHE A CB  1 
ATOM   167  C CG  . PHE A 1 25  ? 12.802  0.705   -0.389  1.00 16.53 ? 25   PHE A CG  1 
ATOM   168  C CD1 . PHE A 1 25  ? 11.852  -0.040  0.279   1.00 15.31 ? 25   PHE A CD1 1 
ATOM   169  C CD2 . PHE A 1 25  ? 12.986  2.033   -0.012  1.00 18.28 ? 25   PHE A CD2 1 
ATOM   170  C CE1 . PHE A 1 25  ? 11.090  0.514   1.307   1.00 15.93 ? 25   PHE A CE1 1 
ATOM   171  C CE2 . PHE A 1 25  ? 12.218  2.596   1.024   1.00 17.57 ? 25   PHE A CE2 1 
ATOM   172  C CZ  . PHE A 1 25  ? 11.272  1.825   1.678   1.00 17.72 ? 25   PHE A CZ  1 
ATOM   173  N N   . ASN A 1 26  ? 11.108  1.526   -3.072  1.00 11.69 ? 26   ASN A N   1 
ATOM   174  C CA  . ASN A 1 26  ? 10.521  2.798   -3.459  1.00 12.56 ? 26   ASN A CA  1 
ATOM   175  C C   . ASN A 1 26  ? 10.270  3.614   -2.199  1.00 11.26 ? 26   ASN A C   1 
ATOM   176  O O   . ASN A 1 26  ? 9.509   3.204   -1.324  1.00 11.98 ? 26   ASN A O   1 
ATOM   177  C CB  . ASN A 1 26  ? 9.238   2.612   -4.265  1.00 12.01 ? 26   ASN A CB  1 
ATOM   178  C CG  . ASN A 1 26  ? 8.731   3.915   -4.822  1.00 12.23 ? 26   ASN A CG  1 
ATOM   179  O OD1 . ASN A 1 26  ? 8.355   4.795   -4.062  1.00 13.49 ? 26   ASN A OD1 1 
ATOM   180  N ND2 . ASN A 1 26  ? 8.789   4.085   -6.136  1.00 13.02 ? 26   ASN A ND2 1 
ATOM   181  N N   . HIS A 1 27  ? 10.945  4.759   -2.095  1.00 13.87 ? 27   HIS A N   1 
ATOM   182  C CA  . HIS A 1 27  ? 10.844  5.632   -0.927  1.00 13.29 ? 27   HIS A CA  1 
ATOM   183  C C   . HIS A 1 27  ? 9.500   6.321   -0.720  1.00 14.04 ? 27   HIS A C   1 
ATOM   184  O O   . HIS A 1 27  ? 9.219   6.781   0.381   1.00 16.13 ? 27   HIS A O   1 
ATOM   185  C CB  . HIS A 1 27  ? 11.978  6.662   -0.934  1.00 15.46 ? 27   HIS A CB  1 
ATOM   186  C CG  . HIS A 1 27  ? 13.337  6.055   -0.775  1.00 16.74 ? 27   HIS A CG  1 
ATOM   187  N ND1 . HIS A 1 27  ? 13.852  5.667   0.441   1.00 18.99 ? 27   HIS A ND1 1 
ATOM   188  C CD2 . HIS A 1 27  ? 14.284  5.744   -1.696  1.00 17.63 ? 27   HIS A CD2 1 
ATOM   189  C CE1 . HIS A 1 27  ? 15.051  5.149   0.272   1.00 18.06 ? 27   HIS A CE1 1 
ATOM   190  N NE2 . HIS A 1 27  ? 15.339  5.182   -1.015  1.00 16.97 ? 27   HIS A NE2 1 
ATOM   191  N N   . ILE A 1 28  ? 8.683   6.389   -1.763  1.00 13.48 ? 28   ILE A N   1 
ATOM   192  C CA  . ILE A 1 28  ? 7.369   7.016   -1.688  1.00 13.80 ? 28   ILE A CA  1 
ATOM   193  C C   . ILE A 1 28  ? 6.244   6.010   -1.370  1.00 15.41 ? 28   ILE A C   1 
ATOM   194  O O   . ILE A 1 28  ? 5.323   6.318   -0.620  1.00 15.10 ? 28   ILE A O   1 
ATOM   195  C CB  . ILE A 1 28  ? 7.028   7.720   -3.014  1.00 13.95 ? 28   ILE A CB  1 
ATOM   196  C CG1 . ILE A 1 28  ? 8.167   8.658   -3.427  1.00 15.98 ? 28   ILE A CG1 1 
ATOM   197  C CG2 . ILE A 1 28  ? 5.726   8.492   -2.883  1.00 14.55 ? 28   ILE A CG2 1 
ATOM   198  C CD1 . ILE A 1 28  ? 8.047   9.191   -4.860  1.00 13.51 ? 28   ILE A CD1 1 
ATOM   199  N N   . THR A 1 29  ? 6.319   4.814   -1.956  1.00 13.11 ? 29   THR A N   1 
ATOM   200  C CA  . THR A 1 29  ? 5.296   3.780   -1.761  1.00 12.24 ? 29   THR A CA  1 
ATOM   201  C C   . THR A 1 29  ? 5.699   2.707   -0.771  1.00 13.10 ? 29   THR A C   1 
ATOM   202  O O   . THR A 1 29  ? 4.886   1.849   -0.422  1.00 13.19 ? 29   THR A O   1 
ATOM   203  C CB  . THR A 1 29  ? 5.012   3.033   -3.076  1.00 12.15 ? 29   THR A CB  1 
ATOM   204  O OG1 . THR A 1 29  ? 6.192   2.300   -3.447  1.00 11.77 ? 29   THR A OG1 1 
ATOM   205  C CG2 . THR A 1 29  ? 4.627   4.001   -4.206  1.00 9.89  ? 29   THR A CG2 1 
ATOM   206  N N   . ASN A 1 30  ? 6.971   2.701   -0.378  1.00 12.76 ? 30   ASN A N   1 
ATOM   207  C CA  . ASN A 1 30  ? 7.517   1.706   0.548   1.00 13.57 ? 30   ASN A CA  1 
ATOM   208  C C   . ASN A 1 30  ? 7.529   0.297   -0.050  1.00 12.06 ? 30   ASN A C   1 
ATOM   209  O O   . ASN A 1 30  ? 7.634   -0.678  0.686   1.00 14.18 ? 30   ASN A O   1 
ATOM   210  C CB  . ASN A 1 30  ? 6.766   1.692   1.899   1.00 14.06 ? 30   ASN A CB  1 
ATOM   211  C CG  . ASN A 1 30  ? 7.051   2.930   2.751   1.00 18.35 ? 30   ASN A CG  1 
ATOM   212  O OD1 . ASN A 1 30  ? 6.255   3.298   3.616   1.00 19.43 ? 30   ASN A OD1 1 
ATOM   213  N ND2 . ASN A 1 30  ? 8.198   3.552   2.534   1.00 14.45 ? 30   ASN A ND2 1 
ATOM   214  N N   . ALA A 1 31  ? 7.374   0.178   -1.363  1.00 12.59 ? 31   ALA A N   1 
ATOM   215  C CA  . ALA A 1 31  ? 7.395   -1.146  -2.020  1.00 11.94 ? 31   ALA A CA  1 
ATOM   216  C C   . ALA A 1 31  ? 8.822   -1.672  -2.168  1.00 13.36 ? 31   ALA A C   1 
ATOM   217  O O   . ALA A 1 31  ? 9.751   -0.893  -2.374  1.00 13.91 ? 31   ALA A O   1 
ATOM   218  C CB  . ALA A 1 31  ? 6.738   -1.075  -3.399  1.00 11.89 ? 31   ALA A CB  1 
ATOM   219  N N   . SER A 1 32  ? 9.000   -2.983  -2.006  1.00 12.99 ? 32   SER A N   1 
ATOM   220  C CA  . SER A 1 32  ? 10.306  -3.633  -2.150  1.00 13.14 ? 32   SER A CA  1 
ATOM   221  C C   . SER A 1 32  ? 10.146  -4.778  -3.151  1.00 14.05 ? 32   SER A C   1 
ATOM   222  O O   . SER A 1 32  ? 9.150   -5.500  -3.105  1.00 15.24 ? 32   SER A O   1 
ATOM   223  C CB  . SER A 1 32  ? 10.756  -4.248  -0.827  1.00 13.80 ? 32   SER A CB  1 
ATOM   224  O OG  . SER A 1 32  ? 11.017  -3.256  0.138   1.00 18.61 ? 32   SER A OG  1 
ATOM   225  N N   . GLN A 1 33  ? 11.103  -4.947  -4.051  1.00 11.97 ? 33   GLN A N   1 
ATOM   226  C CA  . GLN A 1 33  ? 11.030  -6.031  -5.020  1.00 12.12 ? 33   GLN A CA  1 
ATOM   227  C C   . GLN A 1 33  ? 12.438  -6.383  -5.467  1.00 14.65 ? 33   GLN A C   1 
ATOM   228  O O   . GLN A 1 33  ? 13.345  -5.556  -5.400  1.00 13.40 ? 33   GLN A O   1 
ATOM   229  C CB  . GLN A 1 33  ? 10.182  -5.624  -6.232  1.00 13.19 ? 33   GLN A CB  1 
ATOM   230  C CG  . GLN A 1 33  ? 10.741  -4.450  -7.064  1.00 13.45 ? 33   GLN A CG  1 
ATOM   231  C CD  . GLN A 1 33  ? 9.791   -4.015  -8.173  1.00 12.78 ? 33   GLN A CD  1 
ATOM   232  O OE1 . GLN A 1 33  ? 10.204  -3.687  -9.279  1.00 14.20 ? 33   GLN A OE1 1 
ATOM   233  N NE2 . GLN A 1 33  ? 8.512   -4.002  -7.871  1.00 12.54 ? 33   GLN A NE2 1 
ATOM   234  N N   . TRP A 1 34  ? 12.638  -7.626  -5.889  1.00 12.70 ? 34   TRP A N   1 
ATOM   235  C CA  . TRP A 1 34  ? 13.953  -8.060  -6.360  1.00 11.67 ? 34   TRP A CA  1 
ATOM   236  C C   . TRP A 1 34  ? 14.236  -7.511  -7.753  1.00 9.79  ? 34   TRP A C   1 
ATOM   237  O O   . TRP A 1 34  ? 15.385  -7.269  -8.104  1.00 12.98 ? 34   TRP A O   1 
ATOM   238  C CB  . TRP A 1 34  ? 14.022  -9.596  -6.413  1.00 11.69 ? 34   TRP A CB  1 
ATOM   239  C CG  . TRP A 1 34  ? 13.821  -10.255 -5.102  1.00 12.49 ? 34   TRP A CG  1 
ATOM   240  C CD1 . TRP A 1 34  ? 12.748  -11.002 -4.719  1.00 11.50 ? 34   TRP A CD1 1 
ATOM   241  C CD2 . TRP A 1 34  ? 14.706  -10.212 -3.974  1.00 14.04 ? 34   TRP A CD2 1 
ATOM   242  N NE1 . TRP A 1 34  ? 12.908  -11.431 -3.431  1.00 12.90 ? 34   TRP A NE1 1 
ATOM   243  C CE2 . TRP A 1 34  ? 14.097  -10.958 -2.942  1.00 13.68 ? 34   TRP A CE2 1 
ATOM   244  C CE3 . TRP A 1 34  ? 15.957  -9.608  -3.738  1.00 14.52 ? 34   TRP A CE3 1 
ATOM   245  C CZ2 . TRP A 1 34  ? 14.686  -11.116 -1.678  1.00 14.50 ? 34   TRP A CZ2 1 
ATOM   246  C CZ3 . TRP A 1 34  ? 16.544  -9.761  -2.492  1.00 15.31 ? 34   TRP A CZ3 1 
ATOM   247  C CH2 . TRP A 1 34  ? 15.906  -10.515 -1.473  1.00 14.80 ? 34   TRP A CH2 1 
ATOM   248  N N   . GLU A 1 35  ? 13.174  -7.288  -8.528  1.00 10.01 ? 35   GLU A N   1 
ATOM   249  C CA  . GLU A 1 35  ? 13.272  -6.834  -9.908  1.00 11.82 ? 35   GLU A CA  1 
ATOM   250  C C   . GLU A 1 35  ? 13.599  -5.367  -10.088 1.00 10.87 ? 35   GLU A C   1 
ATOM   251  O O   . GLU A 1 35  ? 13.056  -4.528  -9.381  1.00 12.75 ? 35   GLU A O   1 
ATOM   252  C CB  . GLU A 1 35  ? 11.965  -7.133  -10.654 1.00 14.09 ? 35   GLU A CB  1 
ATOM   253  C CG  . GLU A 1 35  ? 11.636  -8.631  -10.835 1.00 14.41 ? 35   GLU A CG  1 
ATOM   254  C CD  . GLU A 1 35  ? 11.109  -9.316  -9.575  1.00 15.51 ? 35   GLU A CD  1 
ATOM   255  O OE1 . GLU A 1 35  ? 10.628  -8.621  -8.656  1.00 13.80 ? 35   GLU A OE1 1 
ATOM   256  O OE2 . GLU A 1 35  ? 11.177  -10.565 -9.503  1.00 15.62 ? 35   GLU A OE2 1 
ATOM   257  N N   . ARG A 1 36  ? 14.489  -5.058  -11.029 1.00 12.55 ? 36   ARG A N   1 
ATOM   258  C CA  . ARG A 1 36  ? 14.829  -3.664  -11.319 1.00 12.39 ? 36   ARG A CA  1 
ATOM   259  C C   . ARG A 1 36  ? 13.499  -3.090  -11.820 1.00 13.36 ? 36   ARG A C   1 
ATOM   260  O O   . ARG A 1 36  ? 12.853  -3.693  -12.678 1.00 12.58 ? 36   ARG A O   1 
ATOM   261  C CB  . ARG A 1 36  ? 15.918  -3.585  -12.395 1.00 13.91 ? 36   ARG A CB  1 
ATOM   262  C CG  . ARG A 1 36  ? 16.547  -2.196  -12.515 1.00 18.17 ? 36   ARG A CG  1 
ATOM   263  C CD  . ARG A 1 36  ? 17.632  -2.135  -13.588 1.00 20.83 ? 36   ARG A CD  1 
ATOM   264  N NE  . ARG A 1 36  ? 18.378  -0.873  -13.539 1.00 25.47 ? 36   ARG A NE  1 
ATOM   265  C CZ  . ARG A 1 36  ? 18.063  0.228   -14.222 1.00 27.49 ? 36   ARG A CZ  1 
ATOM   266  N NH1 . ARG A 1 36  ? 16.994  0.255   -15.017 1.00 28.23 ? 36   ARG A NH1 1 
ATOM   267  N NH2 . ARG A 1 36  ? 18.852  1.297   -14.151 1.00 29.69 ? 36   ARG A NH2 1 
ATOM   268  N N   . PRO A 1 37  ? 13.073  -1.923  -11.292 1.00 12.48 ? 37   PRO A N   1 
ATOM   269  C CA  . PRO A 1 37  ? 11.797  -1.311  -11.689 1.00 12.37 ? 37   PRO A CA  1 
ATOM   270  C C   . PRO A 1 37  ? 11.668  -0.672  -13.062 1.00 14.18 ? 37   PRO A C   1 
ATOM   271  O O   . PRO A 1 37  ? 10.648  -0.054  -13.363 1.00 14.36 ? 37   PRO A O   1 
ATOM   272  C CB  . PRO A 1 37  ? 11.534  -0.315  -10.557 1.00 12.02 ? 37   PRO A CB  1 
ATOM   273  C CG  . PRO A 1 37  ? 12.914  0.132   -10.179 1.00 12.14 ? 37   PRO A CG  1 
ATOM   274  C CD  . PRO A 1 37  ? 13.725  -1.149  -10.216 1.00 12.42 ? 37   PRO A CD  1 
ATOM   275  N N   . SER A 1 38  ? 12.697  -0.812  -13.887 1.00 16.89 ? 38   SER A N   1 
ATOM   276  C CA  . SER A 1 38  ? 12.700  -0.249  -15.231 1.00 20.13 ? 38   SER A CA  1 
ATOM   277  C C   . SER A 1 38  ? 13.825  -0.879  -16.025 1.00 22.78 ? 38   SER A C   1 
ATOM   278  O O   . SER A 1 38  ? 14.662  -1.587  -15.468 1.00 21.99 ? 38   SER A O   1 
ATOM   279  C CB  . SER A 1 38  ? 12.889  1.281   -15.196 1.00 21.43 ? 38   SER A CB  1 
ATOM   280  O OG  . SER A 1 38  ? 14.042  1.657   -14.451 1.00 23.11 ? 38   SER A OG  1 
ATOM   281  N N   . GLY A 1 39  ? 13.827  -0.614  -17.326 1.00 27.61 ? 39   GLY A N   1 
ATOM   282  C CA  . GLY A 1 39  ? 14.866  -1.139  -18.194 1.00 32.58 ? 39   GLY A CA  1 
ATOM   283  C C   . GLY A 1 39  ? 16.032  -0.168  -18.238 1.00 34.54 ? 39   GLY A C   1 
ATOM   284  O O   . GLY A 1 39  ? 17.193  -0.631  -18.265 1.00 40.07 ? 39   GLY A O   1 
ATOM   285  N N   . GLY A 1 45  ? 13.388  5.469   -23.838 1.00 47.86 ? 45   GLY A N   1 
ATOM   286  C CA  . GLY A 1 45  ? 13.180  6.099   -22.517 1.00 48.79 ? 45   GLY A CA  1 
ATOM   287  C C   . GLY A 1 45  ? 12.070  7.128   -22.580 1.00 48.33 ? 45   GLY A C   1 
ATOM   288  O O   . GLY A 1 45  ? 11.879  7.784   -23.601 1.00 47.17 ? 45   GLY A O   1 
ATOM   289  N N   . LYS A 1 46  ? 11.288  7.197   -21.510 1.00 48.88 ? 46   LYS A N   1 
ATOM   290  C CA  . LYS A 1 46  ? 10.194  8.150   -21.404 1.00 48.73 ? 46   LYS A CA  1 
ATOM   291  C C   . LYS A 1 46  ? 10.706  9.280   -20.511 1.00 49.00 ? 46   LYS A C   1 
ATOM   292  O O   . LYS A 1 46  ? 11.393  9.034   -19.514 1.00 49.25 ? 46   LYS A O   1 
ATOM   293  C CB  . LYS A 1 46  ? 8.987   7.466   -20.774 1.00 48.41 ? 46   LYS A CB  1 
ATOM   294  C CG  . LYS A 1 46  ? 7.714   8.265   -20.838 1.00 48.26 ? 46   LYS A CG  1 
ATOM   295  C CD  . LYS A 1 46  ? 6.556   7.366   -21.206 1.00 47.31 ? 46   LYS A CD  1 
ATOM   296  C CE  . LYS A 1 46  ? 6.370   6.254   -20.196 1.00 47.25 ? 46   LYS A CE  1 
ATOM   297  N NZ  . LYS A 1 46  ? 5.256   5.354   -20.577 1.00 47.17 ? 46   LYS A NZ  1 
ATOM   298  N N   . ASN A 1 47  ? 10.375  10.517  -20.859 1.00 47.84 ? 47   ASN A N   1 
ATOM   299  C CA  . ASN A 1 47  ? 10.860  11.664  -20.098 1.00 47.73 ? 47   ASN A CA  1 
ATOM   300  C C   . ASN A 1 47  ? 9.861   12.811  -20.086 1.00 43.61 ? 47   ASN A C   1 
ATOM   301  O O   . ASN A 1 47  ? 9.215   13.084  -21.098 1.00 42.78 ? 47   ASN A O   1 
ATOM   302  C CB  . ASN A 1 47  ? 12.197  12.138  -20.687 1.00 52.09 ? 47   ASN A CB  1 
ATOM   303  C CG  . ASN A 1 47  ? 12.402  11.649  -22.113 1.00 56.01 ? 47   ASN A CG  1 
ATOM   304  O OD1 . ASN A 1 47  ? 12.720  10.478  -22.331 1.00 58.51 ? 47   ASN A OD1 1 
ATOM   305  N ND2 . ASN A 1 47  ? 12.169  12.515  -23.085 1.00 57.03 ? 47   ASN A ND2 1 
ATOM   306  N N   . GLY A 1 48  ? 9.763   13.485  -18.937 1.00 38.59 ? 48   GLY A N   1 
ATOM   307  C CA  . GLY A 1 48  ? 8.842   14.600  -18.771 1.00 30.82 ? 48   GLY A CA  1 
ATOM   308  C C   . GLY A 1 48  ? 7.441   14.099  -18.478 1.00 28.39 ? 48   GLY A C   1 
ATOM   309  O O   . GLY A 1 48  ? 6.473   14.848  -18.540 1.00 26.36 ? 48   GLY A O   1 
ATOM   310  N N   . GLN A 1 49  ? 7.363   12.834  -18.077 1.00 26.00 ? 49   GLN A N   1 
ATOM   311  C CA  . GLN A 1 49  ? 6.114   12.144  -17.778 1.00 24.54 ? 49   GLN A CA  1 
ATOM   312  C C   . GLN A 1 49  ? 5.342   12.611  -16.541 1.00 21.40 ? 49   GLN A C   1 
ATOM   313  O O   . GLN A 1 49  ? 4.114   12.550  -16.523 1.00 20.97 ? 49   GLN A O   1 
ATOM   314  C CB  . GLN A 1 49  ? 6.414   10.649  -17.671 1.00 28.91 ? 49   GLN A CB  1 
ATOM   315  C CG  . GLN A 1 49  ? 5.208   9.751   -17.590 1.00 34.53 ? 49   GLN A CG  1 
ATOM   316  C CD  . GLN A 1 49  ? 5.575   8.278   -17.634 1.00 37.77 ? 49   GLN A CD  1 
ATOM   317  O OE1 . GLN A 1 49  ? 4.717   7.432   -17.889 1.00 40.51 ? 49   GLN A OE1 1 
ATOM   318  N NE2 . GLN A 1 49  ? 6.859   7.968   -17.457 1.00 37.77 ? 49   GLN A NE2 1 
ATOM   319  N N   . GLY A 1 50  ? 6.046   13.072  -15.513 1.00 17.87 ? 50   GLY A N   1 
ATOM   320  C CA  . GLY A 1 50  ? 5.374   13.499  -14.302 1.00 17.14 ? 50   GLY A CA  1 
ATOM   321  C C   . GLY A 1 50  ? 4.632   12.313  -13.699 1.00 16.86 ? 50   GLY A C   1 
ATOM   322  O O   . GLY A 1 50  ? 5.054   11.157  -13.854 1.00 16.93 ? 50   GLY A O   1 
ATOM   323  N N   . GLU A 1 51  ? 3.529   12.587  -13.014 1.00 15.24 ? 51   GLU A N   1 
ATOM   324  C CA  . GLU A 1 51  ? 2.715   11.543  -12.385 1.00 14.99 ? 51   GLU A CA  1 
ATOM   325  C C   . GLU A 1 51  ? 1.304   11.625  -12.978 1.00 14.19 ? 51   GLU A C   1 
ATOM   326  O O   . GLU A 1 51  ? 0.943   12.621  -13.602 1.00 13.01 ? 51   GLU A O   1 
ATOM   327  C CB  . GLU A 1 51  ? 2.655   11.782  -10.868 1.00 16.56 ? 51   GLU A CB  1 
ATOM   328  C CG  . GLU A 1 51  ? 1.955   13.083  -10.512 1.00 20.89 ? 51   GLU A CG  1 
ATOM   329  C CD  . GLU A 1 51  ? 1.983   13.421  -9.032  1.00 23.55 ? 51   GLU A CD  1 
ATOM   330  O OE1 . GLU A 1 51  ? 2.826   12.867  -8.288  1.00 21.78 ? 51   GLU A OE1 1 
ATOM   331  O OE2 . GLU A 1 51  ? 1.156   14.267  -8.625  1.00 24.64 ? 51   GLU A OE2 1 
ATOM   332  N N   . PRO A 1 52  ? 0.492   10.568  -12.830 1.00 12.43 ? 52   PRO A N   1 
ATOM   333  C CA  . PRO A 1 52  ? -0.856  10.667  -13.397 1.00 12.15 ? 52   PRO A CA  1 
ATOM   334  C C   . PRO A 1 52  ? -1.649  11.741  -12.665 1.00 12.15 ? 52   PRO A C   1 
ATOM   335  O O   . PRO A 1 52  ? -1.358  12.048  -11.507 1.00 14.45 ? 52   PRO A O   1 
ATOM   336  C CB  . PRO A 1 52  ? -1.429  9.268   -13.153 1.00 12.82 ? 52   PRO A CB  1 
ATOM   337  C CG  . PRO A 1 52  ? -0.698  8.799   -11.922 1.00 12.17 ? 52   PRO A CG  1 
ATOM   338  C CD  . PRO A 1 52  ? 0.710   9.257   -12.199 1.00 12.19 ? 52   PRO A CD  1 
ATOM   339  N N   . ALA A 1 53  ? -2.620  12.351  -13.343 1.00 11.99 ? 53   ALA A N   1 
ATOM   340  C CA  . ALA A 1 53  ? -3.448  13.380  -12.701 1.00 13.71 ? 53   ALA A CA  1 
ATOM   341  C C   . ALA A 1 53  ? -4.607  12.762  -11.915 1.00 14.94 ? 53   ALA A C   1 
ATOM   342  O O   . ALA A 1 53  ? -5.153  13.390  -11.007 1.00 15.66 ? 53   ALA A O   1 
ATOM   343  C CB  . ALA A 1 53  ? -3.987  14.373  -13.733 1.00 13.24 ? 53   ALA A CB  1 
ATOM   344  N N   . ARG A 1 54  ? -4.972  11.534  -12.277 1.00 14.63 ? 54   ARG A N   1 
ATOM   345  C CA  . ARG A 1 54  ? -6.059  10.801  -11.636 1.00 14.84 ? 54   ARG A CA  1 
ATOM   346  C C   . ARG A 1 54  ? -5.682  9.315   -11.645 1.00 15.20 ? 54   ARG A C   1 
ATOM   347  O O   . ARG A 1 54  ? -5.059  8.839   -12.590 1.00 13.58 ? 54   ARG A O   1 
ATOM   348  C CB  . ARG A 1 54  ? -7.364  11.022  -12.414 1.00 16.37 ? 54   ARG A CB  1 
ATOM   349  C CG  . ARG A 1 54  ? -8.653  10.584  -11.694 1.00 20.81 ? 54   ARG A CG  1 
ATOM   350  C CD  . ARG A 1 54  ? -9.884  11.208  -12.383 1.00 24.80 ? 54   ARG A CD  1 
ATOM   351  N NE  . ARG A 1 54  ? -11.178 10.809  -11.814 1.00 28.01 ? 54   ARG A NE  1 
ATOM   352  C CZ  . ARG A 1 54  ? -11.717 11.304  -10.696 1.00 30.26 ? 54   ARG A CZ  1 
ATOM   353  N NH1 . ARG A 1 54  ? -11.088 12.226  -9.984  1.00 29.55 ? 54   ARG A NH1 1 
ATOM   354  N NH2 . ARG A 1 54  ? -12.937 10.927  -10.325 1.00 32.11 ? 54   ARG A NH2 1 
ATOM   355  N N   . VAL A 1 55  ? -6.013  8.611   -10.567 1.00 15.94 ? 55   VAL A N   1 
ATOM   356  C CA  . VAL A 1 55  ? -5.727  7.181   -10.455 1.00 14.80 ? 55   VAL A CA  1 
ATOM   357  C C   . VAL A 1 55  ? -6.917  6.488   -9.816  1.00 15.23 ? 55   VAL A C   1 
ATOM   358  O O   . VAL A 1 55  ? -7.781  7.140   -9.239  1.00 15.76 ? 55   VAL A O   1 
ATOM   359  C CB  . VAL A 1 55  ? -4.500  6.878   -9.521  1.00 14.70 ? 55   VAL A CB  1 
ATOM   360  C CG1 . VAL A 1 55  ? -3.225  7.527   -10.046 1.00 14.62 ? 55   VAL A CG1 1 
ATOM   361  C CG2 . VAL A 1 55  ? -4.784  7.315   -8.088  1.00 14.38 ? 55   VAL A CG2 1 
ATOM   362  N N   . ARG A 1 56  ? -6.967  5.169   -9.934  1.00 13.37 ? 56   ARG A N   1 
ATOM   363  C CA  . ARG A 1 56  ? -8.006  4.379   -9.291  1.00 12.74 ? 56   ARG A CA  1 
ATOM   364  C C   . ARG A 1 56  ? -7.220  3.327   -8.519  1.00 13.09 ? 56   ARG A C   1 
ATOM   365  O O   . ARG A 1 56  ? -6.323  2.678   -9.075  1.00 11.75 ? 56   ARG A O   1 
ATOM   366  C CB  . ARG A 1 56  ? -8.920  3.701   -10.300 1.00 14.40 ? 56   ARG A CB  1 
ATOM   367  C CG  . ARG A 1 56  ? -10.046 2.928   -9.650  1.00 15.89 ? 56   ARG A CG  1 
ATOM   368  C CD  . ARG A 1 56  ? -10.797 2.165   -10.684 1.00 21.41 ? 56   ARG A CD  1 
ATOM   369  N NE  . ARG A 1 56  ? -11.929 1.436   -10.127 1.00 25.89 ? 56   ARG A NE  1 
ATOM   370  C CZ  . ARG A 1 56  ? -13.067 1.239   -10.788 1.00 31.49 ? 56   ARG A CZ  1 
ATOM   371  N NH1 . ARG A 1 56  ? -13.203 1.726   -12.019 1.00 33.31 ? 56   ARG A NH1 1 
ATOM   372  N NH2 . ARG A 1 56  ? -14.063 0.553   -10.234 1.00 32.15 ? 56   ARG A NH2 1 
ATOM   373  N N   . CYS A 1 57  ? -7.514  3.203   -7.230  1.00 11.57 ? 57   CYS A N   1 
ATOM   374  C CA  . CYS A 1 57  ? -6.813  2.246   -6.385  1.00 12.41 ? 57   CYS A CA  1 
ATOM   375  C C   . CYS A 1 57  ? -7.751  1.457   -5.486  1.00 11.95 ? 57   CYS A C   1 
ATOM   376  O O   . CYS A 1 57  ? -8.897  1.856   -5.242  1.00 12.94 ? 57   CYS A O   1 
ATOM   377  C CB  . CYS A 1 57  ? -5.830  2.972   -5.458  1.00 11.29 ? 57   CYS A CB  1 
ATOM   378  S SG  . CYS A 1 57  ? -4.462  3.826   -6.238  1.00 13.07 ? 57   CYS A SG  1 
ATOM   379  N N   . SER A 1 58  ? -7.236  0.332   -5.006  1.00 10.63 ? 58   SER A N   1 
ATOM   380  C CA  . SER A 1 58  ? -7.923  -0.496  -4.040  1.00 11.26 ? 58   SER A CA  1 
ATOM   381  C C   . SER A 1 58  ? -6.940  -0.503  -2.877  1.00 10.76 ? 58   SER A C   1 
ATOM   382  O O   . SER A 1 58  ? -5.760  -0.221  -3.065  1.00 10.77 ? 58   SER A O   1 
ATOM   383  C CB  . SER A 1 58  ? -8.109  -1.919  -4.568  1.00 12.30 ? 58   SER A CB  1 
ATOM   384  O OG  . SER A 1 58  ? -9.045  -1.954  -5.632  1.00 13.27 ? 58   SER A OG  1 
ATOM   385  N N   . HIS A 1 59  ? -7.406  -0.749  -1.662  1.00 10.50 ? 59   HIS A N   1 
ATOM   386  C CA  . HIS A 1 59  ? -6.474  -0.822  -0.545  1.00 10.94 ? 59   HIS A CA  1 
ATOM   387  C C   . HIS A 1 59  ? -6.945  -1.785  0.532   1.00 11.94 ? 59   HIS A C   1 
ATOM   388  O O   . HIS A 1 59  ? -8.103  -2.204  0.541   1.00 12.57 ? 59   HIS A O   1 
ATOM   389  C CB  . HIS A 1 59  ? -6.177  0.571   0.060   1.00 12.08 ? 59   HIS A CB  1 
ATOM   390  C CG  . HIS A 1 59  ? -7.221  1.068   1.022   1.00 12.41 ? 59   HIS A CG  1 
ATOM   391  N ND1 . HIS A 1 59  ? -8.570  1.015   0.770   1.00 15.68 ? 59   HIS A ND1 1 
ATOM   392  C CD2 . HIS A 1 59  ? -7.088  1.666   2.230   1.00 12.01 ? 59   HIS A CD2 1 
ATOM   393  C CE1 . HIS A 1 59  ? -9.232  1.561   1.779   1.00 12.64 ? 59   HIS A CE1 1 
ATOM   394  N NE2 . HIS A 1 59  ? -8.355  1.963   2.677   1.00 14.78 ? 59   HIS A NE2 1 
ATOM   395  N N   . LEU A 1 60  ? -6.007  -2.196  1.370   1.00 11.68 ? 60   LEU A N   1 
ATOM   396  C CA  . LEU A 1 60  ? -6.285  -3.068  2.499   1.00 12.03 ? 60   LEU A CA  1 
ATOM   397  C C   . LEU A 1 60  ? -5.689  -2.322  3.699   1.00 13.70 ? 60   LEU A C   1 
ATOM   398  O O   . LEU A 1 60  ? -4.470  -2.053  3.749   1.00 11.86 ? 60   LEU A O   1 
ATOM   399  C CB  . LEU A 1 60  ? -5.635  -4.451  2.322   1.00 11.52 ? 60   LEU A CB  1 
ATOM   400  C CG  . LEU A 1 60  ? -6.002  -5.542  3.351   1.00 11.19 ? 60   LEU A CG  1 
ATOM   401  C CD1 . LEU A 1 60  ? -5.613  -6.928  2.815   1.00 11.62 ? 60   LEU A CD1 1 
ATOM   402  C CD2 . LEU A 1 60  ? -5.342  -5.297  4.699   1.00 11.49 ? 60   LEU A CD2 1 
ATOM   403  N N   . LEU A 1 61  ? -6.570  -1.913  4.609   1.00 12.91 ? 61   LEU A N   1 
ATOM   404  C CA  . LEU A 1 61  ? -6.178  -1.194  5.806   1.00 11.96 ? 61   LEU A CA  1 
ATOM   405  C C   . LEU A 1 61  ? -6.198  -2.076  7.050   1.00 12.40 ? 61   LEU A C   1 
ATOM   406  O O   . LEU A 1 61  ? -7.144  -2.825  7.272   1.00 12.72 ? 61   LEU A O   1 
ATOM   407  C CB  . LEU A 1 61  ? -7.144  -0.024  6.026   1.00 13.14 ? 61   LEU A CB  1 
ATOM   408  C CG  . LEU A 1 61  ? -7.004  0.751   7.342   1.00 12.94 ? 61   LEU A CG  1 
ATOM   409  C CD1 . LEU A 1 61  ? -5.674  1.527   7.378   1.00 11.44 ? 61   LEU A CD1 1 
ATOM   410  C CD2 . LEU A 1 61  ? -8.196  1.696   7.496   1.00 13.00 ? 61   LEU A CD2 1 
ATOM   411  N N   . VAL A 1 62  ? -5.153  -1.977  7.859   1.00 11.40 ? 62   VAL A N   1 
ATOM   412  C CA  . VAL A 1 62  ? -5.078  -2.681  9.125   1.00 11.91 ? 62   VAL A CA  1 
ATOM   413  C C   . VAL A 1 62  ? -4.883  -1.568  10.175  1.00 14.30 ? 62   VAL A C   1 
ATOM   414  O O   . VAL A 1 62  ? -3.849  -0.875  10.206  1.00 13.34 ? 62   VAL A O   1 
ATOM   415  C CB  . VAL A 1 62  ? -3.903  -3.684  9.196   1.00 13.37 ? 62   VAL A CB  1 
ATOM   416  C CG1 . VAL A 1 62  ? -3.780  -4.256  10.617  1.00 12.91 ? 62   VAL A CG1 1 
ATOM   417  C CG2 . VAL A 1 62  ? -4.112  -4.816  8.200   1.00 10.97 ? 62   VAL A CG2 1 
ATOM   418  N N   . LYS A 1 63  ? -5.923  -1.338  10.962  1.00 15.21 ? 63   LYS A N   1 
ATOM   419  C CA  . LYS A 1 63  ? -5.879  -0.316  12.002  1.00 16.54 ? 63   LYS A CA  1 
ATOM   420  C C   . LYS A 1 63  ? -5.171  -0.821  13.228  1.00 18.65 ? 63   LYS A C   1 
ATOM   421  O O   . LYS A 1 63  ? -4.874  -2.001  13.351  1.00 20.12 ? 63   LYS A O   1 
ATOM   422  C CB  . LYS A 1 63  ? -7.285  0.138   12.401  1.00 16.14 ? 63   LYS A CB  1 
ATOM   423  C CG  . LYS A 1 63  ? -7.995  0.924   11.335  1.00 15.24 ? 63   LYS A CG  1 
ATOM   424  C CD  . LYS A 1 63  ? -9.306  1.465   11.849  1.00 15.23 ? 63   LYS A CD  1 
ATOM   425  C CE  . LYS A 1 63  ? -9.991  2.285   10.800  1.00 14.47 ? 63   LYS A CE  1 
ATOM   426  N NZ  . LYS A 1 63  ? -11.213 2.918   11.347  1.00 18.13 ? 63   LYS A NZ  1 
ATOM   427  N N   . HIS A 1 64  ? -4.901  0.095   14.144  1.00 19.69 ? 64   HIS A N   1 
ATOM   428  C CA  . HIS A 1 64  ? -4.242  -0.239  15.391  1.00 21.53 ? 64   HIS A CA  1 
ATOM   429  C C   . HIS A 1 64  ? -4.785  0.692   16.482  1.00 22.50 ? 64   HIS A C   1 
ATOM   430  O O   . HIS A 1 64  ? -5.554  1.611   16.199  1.00 21.73 ? 64   HIS A O   1 
ATOM   431  C CB  . HIS A 1 64  ? -2.721  -0.153  15.248  1.00 20.89 ? 64   HIS A CB  1 
ATOM   432  C CG  . HIS A 1 64  ? -2.230  1.107   14.601  1.00 22.93 ? 64   HIS A CG  1 
ATOM   433  N ND1 . HIS A 1 64  ? -2.209  2.322   15.258  1.00 22.62 ? 64   HIS A ND1 1 
ATOM   434  C CD2 . HIS A 1 64  ? -1.718  1.337   13.370  1.00 22.77 ? 64   HIS A CD2 1 
ATOM   435  C CE1 . HIS A 1 64  ? -1.696  3.244   14.458  1.00 24.27 ? 64   HIS A CE1 1 
ATOM   436  N NE2 . HIS A 1 64  ? -1.391  2.666   13.309  1.00 23.78 ? 64   HIS A NE2 1 
ATOM   437  N N   . SER A 1 65  ? -4.392  0.453   17.726  1.00 26.76 ? 65   SER A N   1 
ATOM   438  C CA  . SER A 1 65  ? -4.880  1.253   18.845  1.00 29.80 ? 65   SER A CA  1 
ATOM   439  C C   . SER A 1 65  ? -4.672  2.756   18.658  1.00 30.74 ? 65   SER A C   1 
ATOM   440  O O   . SER A 1 65  ? -5.421  3.561   19.200  1.00 33.11 ? 65   SER A O   1 
ATOM   441  C CB  . SER A 1 65  ? -4.229  0.780   20.145  1.00 29.47 ? 65   SER A CB  1 
ATOM   442  O OG  . SER A 1 65  ? -2.832  0.999   20.111  1.00 31.72 ? 65   SER A OG  1 
ATOM   443  N N   . GLN A 1 66  ? -3.653  3.131   17.895  1.00 31.53 ? 66   GLN A N   1 
ATOM   444  C CA  . GLN A 1 66  ? -3.354  4.537   17.650  1.00 33.50 ? 66   GLN A CA  1 
ATOM   445  C C   . GLN A 1 66  ? -4.083  5.165   16.458  1.00 32.83 ? 66   GLN A C   1 
ATOM   446  O O   . GLN A 1 66  ? -3.826  6.318   16.109  1.00 34.32 ? 66   GLN A O   1 
ATOM   447  C CB  . GLN A 1 66  ? -1.841  4.741   17.515  1.00 36.63 ? 66   GLN A CB  1 
ATOM   448  C CG  . GLN A 1 66  ? -1.031  4.447   18.778  1.00 41.94 ? 66   GLN A CG  1 
ATOM   449  C CD  . GLN A 1 66  ? -1.167  5.527   19.838  1.00 47.13 ? 66   GLN A CD  1 
ATOM   450  O OE1 . GLN A 1 66  ? -0.380  6.478   19.871  1.00 49.58 ? 66   GLN A OE1 1 
ATOM   451  N NE2 . GLN A 1 66  ? -2.156  5.383   20.723  1.00 47.75 ? 66   GLN A NE2 1 
ATOM   452  N N   . SER A 1 67  ? -4.976  4.413   15.820  1.00 30.24 ? 67   SER A N   1 
ATOM   453  C CA  . SER A 1 67  ? -5.729  4.943   14.683  1.00 29.16 ? 67   SER A CA  1 
ATOM   454  C C   . SER A 1 67  ? -6.635  6.064   15.180  1.00 31.01 ? 67   SER A C   1 
ATOM   455  O O   . SER A 1 67  ? -7.150  5.987   16.293  1.00 28.82 ? 67   SER A O   1 
ATOM   456  C CB  . SER A 1 67  ? -6.580  3.843   14.027  1.00 27.16 ? 67   SER A CB  1 
ATOM   457  O OG  . SER A 1 67  ? -5.760  2.849   13.429  1.00 26.12 ? 67   SER A OG  1 
ATOM   458  N N   . ARG A 1 68  ? -6.841  7.094   14.364  1.00 32.04 ? 68   ARG A N   1 
ATOM   459  C CA  . ARG A 1 68  ? -7.693  8.204   14.777  1.00 34.83 ? 68   ARG A CA  1 
ATOM   460  C C   . ARG A 1 68  ? -9.041  7.684   15.280  1.00 35.77 ? 68   ARG A C   1 
ATOM   461  O O   . ARG A 1 68  ? -9.568  8.181   16.281  1.00 37.23 ? 68   ARG A O   1 
ATOM   462  C CB  . ARG A 1 68  ? -7.846  9.244   13.661  1.00 33.16 ? 68   ARG A CB  1 
ATOM   463  C CG  . ARG A 1 68  ? -8.273  8.687   12.351  1.00 33.42 ? 68   ARG A CG  1 
ATOM   464  C CD  . ARG A 1 68  ? -8.218  9.741   11.277  1.00 35.70 ? 68   ARG A CD  1 
ATOM   465  N NE  . ARG A 1 68  ? -8.847  9.251   10.056  1.00 35.20 ? 68   ARG A NE  1 
ATOM   466  C CZ  . ARG A 1 68  ? -8.929  9.936   8.923   1.00 35.55 ? 68   ARG A CZ  1 
ATOM   467  N NH1 . ARG A 1 68  ? -8.410  11.159  8.831   1.00 36.99 ? 68   ARG A NH1 1 
ATOM   468  N NH2 . ARG A 1 68  ? -9.571  9.410   7.888   1.00 32.90 ? 68   ARG A NH2 1 
ATOM   469  N N   . ARG A 1 69  ? -9.541  6.634   14.629  1.00 33.54 ? 69   ARG A N   1 
ATOM   470  C CA  . ARG A 1 69  ? -10.787 5.987   15.010  1.00 30.20 ? 69   ARG A CA  1 
ATOM   471  C C   . ARG A 1 69  ? -10.474 4.485   15.068  1.00 28.85 ? 69   ARG A C   1 
ATOM   472  O O   . ARG A 1 69  ? -10.517 3.793   14.049  1.00 25.41 ? 69   ARG A O   1 
ATOM   473  C CB  . ARG A 1 69  ? -11.888 6.274   13.989  1.00 32.00 ? 69   ARG A CB  1 
ATOM   474  C CG  . ARG A 1 69  ? -13.153 5.441   14.195  1.00 36.66 ? 69   ARG A CG  1 
ATOM   475  C CD  . ARG A 1 69  ? -14.032 5.459   12.954  1.00 39.22 ? 69   ARG A CD  1 
ATOM   476  N NE  . ARG A 1 69  ? -14.871 4.264   12.832  1.00 42.11 ? 69   ARG A NE  1 
ATOM   477  C CZ  . ARG A 1 69  ? -15.570 3.953   11.740  1.00 44.07 ? 69   ARG A CZ  1 
ATOM   478  N NH1 . ARG A 1 69  ? -15.538 4.751   10.677  1.00 45.28 ? 69   ARG A NH1 1 
ATOM   479  N NH2 . ARG A 1 69  ? -16.317 2.856   11.708  1.00 42.47 ? 69   ARG A NH2 1 
ATOM   480  N N   . PRO A 1 70  ? -10.072 3.979   16.254  1.00 26.63 ? 70   PRO A N   1 
ATOM   481  C CA  . PRO A 1 70  ? -9.747  2.555   16.404  1.00 24.43 ? 70   PRO A CA  1 
ATOM   482  C C   . PRO A 1 70  ? -11.003 1.682   16.528  1.00 22.16 ? 70   PRO A C   1 
ATOM   483  O O   . PRO A 1 70  ? -11.261 1.064   17.559  1.00 20.04 ? 70   PRO A O   1 
ATOM   484  C CB  . PRO A 1 70  ? -8.872  2.537   17.658  1.00 24.67 ? 70   PRO A CB  1 
ATOM   485  C CG  . PRO A 1 70  ? -9.483  3.612   18.495  1.00 25.83 ? 70   PRO A CG  1 
ATOM   486  C CD  . PRO A 1 70  ? -9.805  4.720   17.506  1.00 25.79 ? 70   PRO A CD  1 
ATOM   487  N N   . SER A 1 71  ? -11.758 1.634   15.441  1.00 19.21 ? 71   SER A N   1 
ATOM   488  C CA  . SER A 1 71  ? -12.987 0.875   15.357  1.00 21.64 ? 71   SER A CA  1 
ATOM   489  C C   . SER A 1 71  ? -13.235 0.621   13.873  1.00 20.50 ? 71   SER A C   1 
ATOM   490  O O   . SER A 1 71  ? -12.826 1.418   13.027  1.00 19.80 ? 71   SER A O   1 
ATOM   491  C CB  . SER A 1 71  ? -14.133 1.700   15.937  1.00 23.59 ? 71   SER A CB  1 
ATOM   492  O OG  . SER A 1 71  ? -15.383 1.091   15.660  1.00 28.82 ? 71   SER A OG  1 
ATOM   493  N N   . SER A 1 72  ? -13.905 -0.480  13.553  1.00 17.24 ? 72   SER A N   1 
ATOM   494  C CA  . SER A 1 72  ? -14.203 -0.809  12.163  1.00 18.31 ? 72   SER A CA  1 
ATOM   495  C C   . SER A 1 72  ? -15.331 -1.834  12.107  1.00 17.57 ? 72   SER A C   1 
ATOM   496  O O   . SER A 1 72  ? -15.808 -2.301  13.141  1.00 17.37 ? 72   SER A O   1 
ATOM   497  C CB  . SER A 1 72  ? -12.954 -1.385  11.466  1.00 19.13 ? 72   SER A CB  1 
ATOM   498  O OG  . SER A 1 72  ? -12.672 -2.711  11.898  1.00 18.88 ? 72   SER A OG  1 
ATOM   499  N N   . TRP A 1 73  ? -15.727 -2.226  10.904  1.00 15.67 ? 73   TRP A N   1 
ATOM   500  C CA  . TRP A 1 73  ? -16.780 -3.213  10.762  1.00 16.18 ? 73   TRP A CA  1 
ATOM   501  C C   . TRP A 1 73  ? -16.266 -4.552  11.299  1.00 17.22 ? 73   TRP A C   1 
ATOM   502  O O   . TRP A 1 73  ? -17.046 -5.456  11.591  1.00 18.37 ? 73   TRP A O   1 
ATOM   503  C CB  . TRP A 1 73  ? -17.196 -3.340  9.298   1.00 16.46 ? 73   TRP A CB  1 
ATOM   504  C CG  . TRP A 1 73  ? -16.110 -3.834  8.400   1.00 15.93 ? 73   TRP A CG  1 
ATOM   505  C CD1 . TRP A 1 73  ? -15.210 -3.077  7.712   1.00 17.03 ? 73   TRP A CD1 1 
ATOM   506  C CD2 . TRP A 1 73  ? -15.818 -5.197  8.073   1.00 16.49 ? 73   TRP A CD2 1 
ATOM   507  N NE1 . TRP A 1 73  ? -14.376 -3.880  6.976   1.00 16.96 ? 73   TRP A NE1 1 
ATOM   508  C CE2 . TRP A 1 73  ? -14.726 -5.189  7.181   1.00 17.08 ? 73   TRP A CE2 1 
ATOM   509  C CE3 . TRP A 1 73  ? -16.375 -6.427  8.455   1.00 17.54 ? 73   TRP A CE3 1 
ATOM   510  C CZ2 . TRP A 1 73  ? -14.176 -6.367  6.654   1.00 18.46 ? 73   TRP A CZ2 1 
ATOM   511  C CZ3 . TRP A 1 73  ? -15.825 -7.608  7.925   1.00 18.05 ? 73   TRP A CZ3 1 
ATOM   512  C CH2 . TRP A 1 73  ? -14.736 -7.563  7.039   1.00 17.63 ? 73   TRP A CH2 1 
ATOM   513  N N   . ARG A 1 74  ? -14.948 -4.675  11.422  1.00 16.95 ? 74   ARG A N   1 
ATOM   514  C CA  . ARG A 1 74  ? -14.333 -5.903  11.928  1.00 17.31 ? 74   ARG A CA  1 
ATOM   515  C C   . ARG A 1 74  ? -14.368 -6.005  13.450  1.00 19.05 ? 74   ARG A C   1 
ATOM   516  O O   . ARG A 1 74  ? -14.439 -7.100  14.012  1.00 17.47 ? 74   ARG A O   1 
ATOM   517  C CB  . ARG A 1 74  ? -12.894 -6.027  11.439  1.00 15.74 ? 74   ARG A CB  1 
ATOM   518  C CG  . ARG A 1 74  ? -12.763 -6.014  9.925   1.00 15.51 ? 74   ARG A CG  1 
ATOM   519  C CD  . ARG A 1 74  ? -11.520 -6.743  9.471   1.00 16.22 ? 74   ARG A CD  1 
ATOM   520  N NE  . ARG A 1 74  ? -11.589 -8.166  9.799   1.00 15.66 ? 74   ARG A NE  1 
ATOM   521  C CZ  . ARG A 1 74  ? -10.580 -8.878  10.293  1.00 17.34 ? 74   ARG A CZ  1 
ATOM   522  N NH1 . ARG A 1 74  ? -9.397  -8.318  10.530  1.00 18.52 ? 74   ARG A NH1 1 
ATOM   523  N NH2 . ARG A 1 74  ? -10.753 -10.163 10.541  1.00 17.75 ? 74   ARG A NH2 1 
ATOM   524  N N   . GLN A 1 75  ? -14.322 -4.863  14.122  1.00 22.09 ? 75   GLN A N   1 
ATOM   525  C CA  . GLN A 1 75  ? -14.358 -4.848  15.574  1.00 22.90 ? 75   GLN A CA  1 
ATOM   526  C C   . GLN A 1 75  ? -14.573 -3.464  16.135  1.00 23.22 ? 75   GLN A C   1 
ATOM   527  O O   . GLN A 1 75  ? -14.001 -2.479  15.673  1.00 22.07 ? 75   GLN A O   1 
ATOM   528  C CB  . GLN A 1 75  ? -13.109 -5.495  16.175  1.00 25.39 ? 75   GLN A CB  1 
ATOM   529  C CG  . GLN A 1 75  ? -11.805 -4.939  15.694  1.00 28.13 ? 75   GLN A CG  1 
ATOM   530  C CD  . GLN A 1 75  ? -10.609 -5.766  16.138  1.00 28.19 ? 75   GLN A CD  1 
ATOM   531  O OE1 . GLN A 1 75  ? -9.522  -5.645  15.587  1.00 28.65 ? 75   GLN A OE1 1 
ATOM   532  N NE2 . GLN A 1 75  ? -10.799 -6.588  17.151  1.00 29.41 ? 75   GLN A NE2 1 
ATOM   533  N N   . GLU A 1 76  ? -15.443 -3.406  17.125  1.00 24.13 ? 76   GLU A N   1 
ATOM   534  C CA  . GLU A 1 76  ? -15.794 -2.168  17.793  1.00 25.42 ? 76   GLU A CA  1 
ATOM   535  C C   . GLU A 1 76  ? -14.577 -1.438  18.361  1.00 23.73 ? 76   GLU A C   1 
ATOM   536  O O   . GLU A 1 76  ? -14.525 -0.222  18.332  1.00 24.97 ? 76   GLU A O   1 
ATOM   537  C CB  . GLU A 1 76  ? -16.856 -2.477  18.852  1.00 26.57 ? 76   GLU A CB  1 
ATOM   538  C CG  . GLU A 1 76  ? -16.685 -1.818  20.178  1.00 26.68 ? 76   GLU A CG  1 
ATOM   539  C CD  . GLU A 1 76  ? -17.642 -2.398  21.186  1.00 26.50 ? 76   GLU A CD  1 
ATOM   540  O OE1 . GLU A 1 76  ? -18.859 -2.265  20.959  1.00 26.09 ? 76   GLU A OE1 1 
ATOM   541  O OE2 . GLU A 1 76  ? -17.179 -3.007  22.173  1.00 22.96 ? 76   GLU A OE2 1 
ATOM   542  N N   . LYS A 1 77  ? -13.590 -2.189  18.839  1.00 23.96 ? 77   LYS A N   1 
ATOM   543  C CA  . LYS A 1 77  ? -12.378 -1.598  19.383  1.00 24.99 ? 77   LYS A CA  1 
ATOM   544  C C   . LYS A 1 77  ? -11.171 -2.368  18.890  1.00 24.33 ? 77   LYS A C   1 
ATOM   545  O O   . LYS A 1 77  ? -11.047 -3.567  19.134  1.00 22.13 ? 77   LYS A O   1 
ATOM   546  C CB  . LYS A 1 77  ? -12.379 -1.609  20.910  1.00 26.26 ? 77   LYS A CB  1 
ATOM   547  C CG  . LYS A 1 77  ? -11.720 -0.379  21.473  1.00 30.50 ? 77   LYS A CG  1 
ATOM   548  C CD  . LYS A 1 77  ? -12.519 0.830   20.974  1.00 31.95 ? 77   LYS A CD  1 
ATOM   549  C CE  . LYS A 1 77  ? -13.933 0.722   21.402  1.00 30.42 ? 77   LYS A CE  1 
ATOM   550  N NZ  . LYS A 1 77  ? -14.880 1.568   20.585  1.00 24.43 ? 77   LYS A NZ  1 
ATOM   551  N N   . ILE A 1 78  ? -10.310 -1.681  18.150  1.00 24.33 ? 78   ILE A N   1 
ATOM   552  C CA  . ILE A 1 78  ? -9.095  -2.288  17.620  1.00 24.02 ? 78   ILE A CA  1 
ATOM   553  C C   . ILE A 1 78  ? -8.083  -2.113  18.741  1.00 24.30 ? 78   ILE A C   1 
ATOM   554  O O   . ILE A 1 78  ? -7.826  -0.986  19.174  1.00 24.35 ? 78   ILE A O   1 
ATOM   555  C CB  . ILE A 1 78  ? -8.574  -1.529  16.361  1.00 23.09 ? 78   ILE A CB  1 
ATOM   556  C CG1 . ILE A 1 78  ? -9.690  -1.341  15.319  1.00 21.77 ? 78   ILE A CG1 1 
ATOM   557  C CG2 . ILE A 1 78  ? -7.371  -2.244  15.782  1.00 23.55 ? 78   ILE A CG2 1 
ATOM   558  C CD1 . ILE A 1 78  ? -9.922  -2.499  14.402  1.00 20.32 ? 78   ILE A CD1 1 
ATOM   559  N N   . THR A 1 79  ? -7.524  -3.209  19.233  1.00 24.21 ? 79   THR A N   1 
ATOM   560  C CA  . THR A 1 79  ? -6.556  -3.103  20.313  1.00 26.55 ? 79   THR A CA  1 
ATOM   561  C C   . THR A 1 79  ? -5.127  -3.453  19.894  1.00 26.28 ? 79   THR A C   1 
ATOM   562  O O   . THR A 1 79  ? -4.186  -3.272  20.677  1.00 26.69 ? 79   THR A O   1 
ATOM   563  C CB  . THR A 1 79  ? -6.952  -3.998  21.501  1.00 29.28 ? 79   THR A CB  1 
ATOM   564  O OG1 . THR A 1 79  ? -6.670  -5.366  21.182  1.00 31.52 ? 79   THR A OG1 1 
ATOM   565  C CG2 . THR A 1 79  ? -8.445  -3.852  21.809  1.00 31.47 ? 79   THR A CG2 1 
ATOM   566  N N   . ARG A 1 80  ? -4.962  -3.964  18.673  1.00 23.84 ? 80   ARG A N   1 
ATOM   567  C CA  . ARG A 1 80  ? -3.635  -4.337  18.197  1.00 23.03 ? 80   ARG A CA  1 
ATOM   568  C C   . ARG A 1 80  ? -2.727  -3.115  18.167  1.00 21.53 ? 80   ARG A C   1 
ATOM   569  O O   . ARG A 1 80  ? -3.182  -1.994  17.943  1.00 22.19 ? 80   ARG A O   1 
ATOM   570  C CB  . ARG A 1 80  ? -3.700  -4.990  16.809  1.00 22.87 ? 80   ARG A CB  1 
ATOM   571  C CG  . ARG A 1 80  ? -4.100  -4.052  15.685  1.00 22.03 ? 80   ARG A CG  1 
ATOM   572  C CD  . ARG A 1 80  ? -4.006  -4.750  14.332  1.00 20.54 ? 80   ARG A CD  1 
ATOM   573  N NE  . ARG A 1 80  ? -5.036  -5.774  14.170  1.00 19.40 ? 80   ARG A NE  1 
ATOM   574  C CZ  . ARG A 1 80  ? -6.214  -5.572  13.582  1.00 19.17 ? 80   ARG A CZ  1 
ATOM   575  N NH1 . ARG A 1 80  ? -6.520  -4.384  13.073  1.00 17.03 ? 80   ARG A NH1 1 
ATOM   576  N NH2 . ARG A 1 80  ? -7.078  -6.571  13.488  1.00 17.12 ? 80   ARG A NH2 1 
ATOM   577  N N   . THR A 1 81  ? -1.440  -3.334  18.391  1.00 22.97 ? 81   THR A N   1 
ATOM   578  C CA  . THR A 1 81  ? -0.489  -2.237  18.388  1.00 23.57 ? 81   THR A CA  1 
ATOM   579  C C   . THR A 1 81  ? -0.075  -1.936  16.958  1.00 24.08 ? 81   THR A C   1 
ATOM   580  O O   . THR A 1 81  ? -0.372  -2.699  16.034  1.00 21.58 ? 81   THR A O   1 
ATOM   581  C CB  . THR A 1 81  ? 0.771   -2.588  19.165  1.00 21.96 ? 81   THR A CB  1 
ATOM   582  O OG1 . THR A 1 81  ? 1.409   -3.700  18.531  1.00 22.35 ? 81   THR A OG1 1 
ATOM   583  C CG2 . THR A 1 81  ? 0.437   -2.937  20.605  1.00 22.48 ? 81   THR A CG2 1 
ATOM   584  N N   . LYS A 1 82  ? 0.626   -0.822  16.794  1.00 24.68 ? 82   LYS A N   1 
ATOM   585  C CA  . LYS A 1 82  ? 1.123   -0.397  15.499  1.00 25.01 ? 82   LYS A CA  1 
ATOM   586  C C   . LYS A 1 82  ? 2.052   -1.479  14.974  1.00 23.30 ? 82   LYS A C   1 
ATOM   587  O O   . LYS A 1 82  ? 2.071   -1.778  13.777  1.00 22.13 ? 82   LYS A O   1 
ATOM   588  C CB  . LYS A 1 82  ? 1.916   0.887   15.670  1.00 27.28 ? 82   LYS A CB  1 
ATOM   589  C CG  . LYS A 1 82  ? 1.279   2.093   15.067  1.00 33.24 ? 82   LYS A CG  1 
ATOM   590  C CD  . LYS A 1 82  ? 2.344   2.956   14.424  1.00 35.70 ? 82   LYS A CD  1 
ATOM   591  C CE  . LYS A 1 82  ? 2.778   2.363   13.094  1.00 39.14 ? 82   LYS A CE  1 
ATOM   592  N NZ  . LYS A 1 82  ? 3.305   0.947   13.111  1.00 39.06 ? 82   LYS A NZ  1 
ATOM   593  N N   . GLU A 1 83  ? 2.805   -2.071  15.894  1.00 22.78 ? 83   GLU A N   1 
ATOM   594  C CA  . GLU A 1 83  ? 3.758   -3.126  15.584  1.00 26.73 ? 83   GLU A CA  1 
ATOM   595  C C   . GLU A 1 83  ? 3.068   -4.391  15.058  1.00 26.22 ? 83   GLU A C   1 
ATOM   596  O O   . GLU A 1 83  ? 3.495   -4.972  14.048  1.00 26.03 ? 83   GLU A O   1 
ATOM   597  C CB  . GLU A 1 83  ? 4.611   -3.439  16.820  1.00 29.03 ? 83   GLU A CB  1 
ATOM   598  C CG  . GLU A 1 83  ? 5.349   -2.216  17.396  1.00 36.54 ? 83   GLU A CG  1 
ATOM   599  C CD  . GLU A 1 83  ? 4.512   -1.397  18.399  1.00 39.74 ? 83   GLU A CD  1 
ATOM   600  O OE1 . GLU A 1 83  ? 4.280   -1.895  19.529  1.00 44.66 ? 83   GLU A OE1 1 
ATOM   601  O OE2 . GLU A 1 83  ? 4.110   -0.252  18.078  1.00 40.74 ? 83   GLU A OE2 1 
ATOM   602  N N   . GLU A 1 84  ? 2.000   -4.808  15.726  1.00 24.04 ? 84   GLU A N   1 
ATOM   603  C CA  . GLU A 1 84  ? 1.254   -5.991  15.309  1.00 23.85 ? 84   GLU A CA  1 
ATOM   604  C C   . GLU A 1 84  ? 0.544   -5.751  13.973  1.00 22.82 ? 84   GLU A C   1 
ATOM   605  O O   . GLU A 1 84  ? 0.447   -6.661  13.137  1.00 21.08 ? 84   GLU A O   1 
ATOM   606  C CB  . GLU A 1 84  ? 0.272   -6.401  16.409  1.00 26.94 ? 84   GLU A CB  1 
ATOM   607  C CG  . GLU A 1 84  ? 0.997   -6.717  17.718  1.00 31.07 ? 84   GLU A CG  1 
ATOM   608  C CD  . GLU A 1 84  ? 0.077   -6.919  18.906  1.00 33.40 ? 84   GLU A CD  1 
ATOM   609  O OE1 . GLU A 1 84  ? -0.700  -6.000  19.245  1.00 33.32 ? 84   GLU A OE1 1 
ATOM   610  O OE2 . GLU A 1 84  ? 0.158   -7.996  19.524  1.00 36.92 ? 84   GLU A OE2 1 
ATOM   611  N N   . ALA A 1 85  ? 0.064   -4.522  13.772  1.00 18.79 ? 85   ALA A N   1 
ATOM   612  C CA  . ALA A 1 85  ? -0.607  -4.139  12.536  1.00 17.63 ? 85   ALA A CA  1 
ATOM   613  C C   . ALA A 1 85  ? 0.373   -4.260  11.381  1.00 16.81 ? 85   ALA A C   1 
ATOM   614  O O   . ALA A 1 85  ? 0.031   -4.775  10.314  1.00 15.77 ? 85   ALA A O   1 
ATOM   615  C CB  . ALA A 1 85  ? -1.120  -2.709  12.636  1.00 18.30 ? 85   ALA A CB  1 
ATOM   616  N N   . LEU A 1 86  ? 1.601   -3.793  11.598  1.00 16.55 ? 86   LEU A N   1 
ATOM   617  C CA  . LEU A 1 86  ? 2.631   -3.873  10.574  1.00 17.69 ? 86   LEU A CA  1 
ATOM   618  C C   . LEU A 1 86  ? 2.965   -5.336  10.293  1.00 19.42 ? 86   LEU A C   1 
ATOM   619  O O   . LEU A 1 86  ? 3.196   -5.715  9.139   1.00 18.53 ? 86   LEU A O   1 
ATOM   620  C CB  . LEU A 1 86  ? 3.879   -3.124  11.024  1.00 14.94 ? 86   LEU A CB  1 
ATOM   621  C CG  . LEU A 1 86  ? 5.023   -3.101  10.024  1.00 15.22 ? 86   LEU A CG  1 
ATOM   622  C CD1 . LEU A 1 86  ? 4.524   -2.648  8.663   1.00 16.44 ? 86   LEU A CD1 1 
ATOM   623  C CD2 . LEU A 1 86  ? 6.098   -2.169  10.546  1.00 17.10 ? 86   LEU A CD2 1 
ATOM   624  N N   . GLU A 1 87  ? 2.947   -6.154  11.348  1.00 20.04 ? 87   GLU A N   1 
ATOM   625  C CA  . GLU A 1 87  ? 3.236   -7.580  11.254  1.00 21.56 ? 87   GLU A CA  1 
ATOM   626  C C   . GLU A 1 87  ? 2.223   -8.197  10.290  1.00 18.58 ? 87   GLU A C   1 
ATOM   627  O O   . GLU A 1 87  ? 2.596   -8.917  9.360   1.00 18.08 ? 87   GLU A O   1 
ATOM   628  C CB  . GLU A 1 87  ? 3.151   -8.224  12.656  1.00 27.58 ? 87   GLU A CB  1 
ATOM   629  C CG  . GLU A 1 87  ? 1.981   -9.215  12.858  1.00 36.81 ? 87   GLU A CG  1 
ATOM   630  C CD  . GLU A 1 87  ? 1.493   -9.342  14.312  1.00 39.48 ? 87   GLU A CD  1 
ATOM   631  O OE1 . GLU A 1 87  ? 2.332   -9.567  15.224  1.00 41.38 ? 87   GLU A OE1 1 
ATOM   632  O OE2 . GLU A 1 87  ? 0.259   -9.228  14.529  1.00 38.61 ? 87   GLU A OE2 1 
ATOM   633  N N   . LEU A 1 88  ? 0.949   -7.873  10.497  1.00 17.60 ? 88   LEU A N   1 
ATOM   634  C CA  . LEU A 1 88  ? -0.146  -8.368  9.664   1.00 16.00 ? 88   LEU A CA  1 
ATOM   635  C C   . LEU A 1 88  ? -0.025  -7.889  8.211   1.00 15.55 ? 88   LEU A C   1 
ATOM   636  O O   . LEU A 1 88  ? -0.141  -8.685  7.280   1.00 16.20 ? 88   LEU A O   1 
ATOM   637  C CB  . LEU A 1 88  ? -1.482  -7.938  10.265  1.00 15.07 ? 88   LEU A CB  1 
ATOM   638  C CG  . LEU A 1 88  ? -1.779  -8.623  11.600  1.00 14.70 ? 88   LEU A CG  1 
ATOM   639  C CD1 . LEU A 1 88  ? -2.873  -7.908  12.361  1.00 14.31 ? 88   LEU A CD1 1 
ATOM   640  C CD2 . LEU A 1 88  ? -2.146  -10.075 11.338  1.00 16.82 ? 88   LEU A CD2 1 
ATOM   641  N N   . ILE A 1 89  ? 0.234   -6.597  8.024   1.00 14.18 ? 89   ILE A N   1 
ATOM   642  C CA  . ILE A 1 89  ? 0.381   -6.022  6.695   1.00 13.81 ? 89   ILE A CA  1 
ATOM   643  C C   . ILE A 1 89  ? 1.483   -6.742  5.917   1.00 13.17 ? 89   ILE A C   1 
ATOM   644  O O   . ILE A 1 89  ? 1.272   -7.136  4.770   1.00 14.29 ? 89   ILE A O   1 
ATOM   645  C CB  . ILE A 1 89  ? 0.676   -4.494  6.785   1.00 15.16 ? 89   ILE A CB  1 
ATOM   646  C CG1 . ILE A 1 89  ? -0.616  -3.717  7.106   1.00 14.01 ? 89   ILE A CG1 1 
ATOM   647  C CG2 . ILE A 1 89  ? 1.314   -3.979  5.482   1.00 14.29 ? 89   ILE A CG2 1 
ATOM   648  C CD1 . ILE A 1 89  ? -1.578  -3.559  5.945   1.00 12.58 ? 89   ILE A CD1 1 
ATOM   649  N N   . ASN A 1 90  ? 2.637   -6.957  6.552   1.00 14.80 ? 90   ASN A N   1 
ATOM   650  C CA  . ASN A 1 90  ? 3.749   -7.649  5.905   1.00 14.10 ? 90   ASN A CA  1 
ATOM   651  C C   . ASN A 1 90  ? 3.343   -9.077  5.530   1.00 15.21 ? 90   ASN A C   1 
ATOM   652  O O   . ASN A 1 90  ? 3.753   -9.585  4.486   1.00 16.74 ? 90   ASN A O   1 
ATOM   653  C CB  . ASN A 1 90  ? 4.975   -7.690  6.816   1.00 17.06 ? 90   ASN A CB  1 
ATOM   654  C CG  . ASN A 1 90  ? 5.727   -6.373  6.859   1.00 17.71 ? 90   ASN A CG  1 
ATOM   655  O OD1 . ASN A 1 90  ? 5.730   -5.607  5.906   1.00 20.54 ? 90   ASN A OD1 1 
ATOM   656  N ND2 . ASN A 1 90  ? 6.378   -6.117  7.973   1.00 21.36 ? 90   ASN A ND2 1 
ATOM   657  N N   . GLY A 1 91  ? 2.543   -9.719  6.381   1.00 14.11 ? 91   GLY A N   1 
ATOM   658  C CA  . GLY A 1 91  ? 2.078   -11.069 6.103   1.00 12.63 ? 91   GLY A CA  1 
ATOM   659  C C   . GLY A 1 91  ? 1.171   -11.067 4.886   1.00 12.93 ? 91   GLY A C   1 
ATOM   660  O O   . GLY A 1 91  ? 1.255   -11.951 4.035   1.00 14.47 ? 91   GLY A O   1 
ATOM   661  N N   . TYR A 1 92  ? 0.301   -10.071 4.778   1.00 13.53 ? 92   TYR A N   1 
ATOM   662  C CA  . TYR A 1 92  ? -0.599  -9.996  3.630   1.00 14.19 ? 92   TYR A CA  1 
ATOM   663  C C   . TYR A 1 92  ? 0.175   -9.755  2.333   1.00 13.11 ? 92   TYR A C   1 
ATOM   664  O O   . TYR A 1 92  ? -0.118  -10.353 1.301   1.00 13.55 ? 92   TYR A O   1 
ATOM   665  C CB  . TYR A 1 92  ? -1.654  -8.903  3.826   1.00 13.80 ? 92   TYR A CB  1 
ATOM   666  C CG  . TYR A 1 92  ? -2.600  -9.158  4.972   1.00 14.67 ? 92   TYR A CG  1 
ATOM   667  C CD1 . TYR A 1 92  ? -3.064  -10.438 5.257   1.00 14.73 ? 92   TYR A CD1 1 
ATOM   668  C CD2 . TYR A 1 92  ? -3.024  -8.112  5.784   1.00 15.29 ? 92   TYR A CD2 1 
ATOM   669  C CE1 . TYR A 1 92  ? -3.928  -10.662 6.331   1.00 14.89 ? 92   TYR A CE1 1 
ATOM   670  C CE2 . TYR A 1 92  ? -3.881  -8.329  6.854   1.00 15.04 ? 92   TYR A CE2 1 
ATOM   671  C CZ  . TYR A 1 92  ? -4.325  -9.600  7.123   1.00 13.55 ? 92   TYR A CZ  1 
ATOM   672  O OH  . TYR A 1 92  ? -5.148  -9.793  8.199   1.00 16.03 ? 92   TYR A OH  1 
ATOM   673  N N   . ILE A 1 93  ? 1.154   -8.861  2.388   1.00 14.72 ? 93   ILE A N   1 
ATOM   674  C CA  . ILE A 1 93  ? 1.975   -8.562  1.224   1.00 13.36 ? 93   ILE A CA  1 
ATOM   675  C C   . ILE A 1 93  ? 2.678   -9.853  0.785   1.00 14.20 ? 93   ILE A C   1 
ATOM   676  O O   . ILE A 1 93  ? 2.716   -10.165 -0.402  1.00 12.28 ? 93   ILE A O   1 
ATOM   677  C CB  . ILE A 1 93  ? 3.032   -7.484  1.559   1.00 13.59 ? 93   ILE A CB  1 
ATOM   678  C CG1 . ILE A 1 93  ? 2.352   -6.124  1.725   1.00 12.13 ? 93   ILE A CG1 1 
ATOM   679  C CG2 . ILE A 1 93  ? 4.125   -7.438  0.479   1.00 13.14 ? 93   ILE A CG2 1 
ATOM   680  C CD1 . ILE A 1 93  ? 3.297   -5.032  2.154   1.00 13.73 ? 93   ILE A CD1 1 
ATOM   681  N N   . GLN A 1 94  ? 3.200   -10.600 1.759   1.00 14.01 ? 94   GLN A N   1 
ATOM   682  C CA  . GLN A 1 94  ? 3.904   -11.860 1.502   1.00 16.02 ? 94   GLN A CA  1 
ATOM   683  C C   . GLN A 1 94  ? 2.987   -12.857 0.804   1.00 13.20 ? 94   GLN A C   1 
ATOM   684  O O   . GLN A 1 94  ? 3.355   -13.467 -0.201  1.00 13.66 ? 94   GLN A O   1 
ATOM   685  C CB  . GLN A 1 94  ? 4.440   -12.424 2.830   1.00 22.02 ? 94   GLN A CB  1 
ATOM   686  C CG  . GLN A 1 94  ? 4.718   -13.932 2.883   1.00 31.29 ? 94   GLN A CG  1 
ATOM   687  C CD  . GLN A 1 94  ? 3.568   -14.725 3.545   1.00 38.70 ? 94   GLN A CD  1 
ATOM   688  O OE1 . GLN A 1 94  ? 3.192   -14.474 4.699   1.00 42.18 ? 94   GLN A OE1 1 
ATOM   689  N NE2 . GLN A 1 94  ? 3.020   -15.692 2.814   1.00 39.49 ? 94   GLN A NE2 1 
ATOM   690  N N   . LYS A 1 95  ? 1.780   -13.003 1.323   1.00 12.11 ? 95   LYS A N   1 
ATOM   691  C CA  . LYS A 1 95  ? 0.812   -13.923 0.758   1.00 14.04 ? 95   LYS A CA  1 
ATOM   692  C C   . LYS A 1 95  ? 0.404   -13.525 -0.677  1.00 13.33 ? 95   LYS A C   1 
ATOM   693  O O   . LYS A 1 95  ? 0.284   -14.373 -1.554  1.00 12.61 ? 95   LYS A O   1 
ATOM   694  C CB  . LYS A 1 95  ? -0.383  -14.025 1.707   1.00 18.42 ? 95   LYS A CB  1 
ATOM   695  C CG  . LYS A 1 95  ? -1.410  -15.056 1.330   1.00 26.64 ? 95   LYS A CG  1 
ATOM   696  C CD  . LYS A 1 95  ? -2.091  -15.629 2.570   1.00 31.73 ? 95   LYS A CD  1 
ATOM   697  C CE  . LYS A 1 95  ? -1.216  -16.693 3.234   1.00 35.53 ? 95   LYS A CE  1 
ATOM   698  N NZ  . LYS A 1 95  ? -1.835  -17.314 4.443   1.00 36.43 ? 95   LYS A NZ  1 
ATOM   699  N N   . ILE A 1 96  ? 0.239   -12.229 -0.930  1.00 13.66 ? 96   ILE A N   1 
ATOM   700  C CA  . ILE A 1 96  ? -0.126  -11.758 -2.262  1.00 13.58 ? 96   ILE A CA  1 
ATOM   701  C C   . ILE A 1 96  ? 1.031   -12.002 -3.233  1.00 12.48 ? 96   ILE A C   1 
ATOM   702  O O   . ILE A 1 96  ? 0.836   -12.513 -4.329  1.00 14.04 ? 96   ILE A O   1 
ATOM   703  C CB  . ILE A 1 96  ? -0.494  -10.237 -2.255  1.00 14.05 ? 96   ILE A CB  1 
ATOM   704  C CG1 . ILE A 1 96  ? -1.800  -10.020 -1.477  1.00 14.20 ? 96   ILE A CG1 1 
ATOM   705  C CG2 . ILE A 1 96  ? -0.624  -9.725  -3.695  1.00 12.40 ? 96   ILE A CG2 1 
ATOM   706  C CD1 . ILE A 1 96  ? -2.026  -8.580  -0.970  1.00 15.44 ? 96   ILE A CD1 1 
ATOM   707  N N   . LYS A 1 97  ? 2.245   -11.659 -2.825  1.00 11.35 ? 97   LYS A N   1 
ATOM   708  C CA  . LYS A 1 97  ? 3.397   -11.845 -3.697  1.00 13.37 ? 97   LYS A CA  1 
ATOM   709  C C   . LYS A 1 97  ? 3.710   -13.304 -3.985  1.00 13.74 ? 97   LYS A C   1 
ATOM   710  O O   . LYS A 1 97  ? 4.322   -13.613 -5.002  1.00 15.50 ? 97   LYS A O   1 
ATOM   711  C CB  . LYS A 1 97  ? 4.624   -11.150 -3.129  1.00 12.72 ? 97   LYS A CB  1 
ATOM   712  C CG  . LYS A 1 97  ? 4.536   -9.653  -3.211  1.00 14.68 ? 97   LYS A CG  1 
ATOM   713  C CD  . LYS A 1 97  ? 5.827   -9.048  -2.748  1.00 16.95 ? 97   LYS A CD  1 
ATOM   714  C CE  . LYS A 1 97  ? 5.812   -7.552  -2.898  1.00 21.15 ? 97   LYS A CE  1 
ATOM   715  N NZ  . LYS A 1 97  ? 7.000   -7.022  -2.204  1.00 24.20 ? 97   LYS A NZ  1 
ATOM   716  N N   . SER A 1 98  ? 3.280   -14.196 -3.099  1.00 13.97 ? 98   SER A N   1 
ATOM   717  C CA  . SER A 1 98  ? 3.525   -15.623 -3.277  1.00 14.64 ? 98   SER A CA  1 
ATOM   718  C C   . SER A 1 98  ? 2.573   -16.188 -4.325  1.00 15.07 ? 98   SER A C   1 
ATOM   719  O O   . SER A 1 98  ? 2.886   -17.188 -4.968  1.00 15.68 ? 98   SER A O   1 
ATOM   720  C CB  . SER A 1 98  ? 3.327   -16.362 -1.952  1.00 14.25 ? 98   SER A CB  1 
ATOM   721  O OG  . SER A 1 98  ? 1.952   -16.424 -1.606  1.00 13.94 ? 98   SER A OG  1 
ATOM   722  N N   . GLY A 1 99  ? 1.432   -15.519 -4.508  1.00 12.34 ? 99   GLY A N   1 
ATOM   723  C CA  . GLY A 1 99  ? 0.416   -15.956 -5.454  1.00 14.45 ? 99   GLY A CA  1 
ATOM   724  C C   . GLY A 1 99  ? -0.646  -16.838 -4.809  1.00 15.35 ? 99   GLY A C   1 
ATOM   725  O O   . GLY A 1 99  ? -1.621  -17.236 -5.456  1.00 13.56 ? 99   GLY A O   1 
ATOM   726  N N   . GLU A 1 100 ? -0.474  -17.103 -3.515  1.00 17.09 ? 100  GLU A N   1 
ATOM   727  C CA  . GLU A 1 100 ? -1.381  -17.950 -2.745  1.00 18.15 ? 100  GLU A CA  1 
ATOM   728  C C   . GLU A 1 100 ? -2.734  -17.301 -2.489  1.00 19.54 ? 100  GLU A C   1 
ATOM   729  O O   . GLU A 1 100 ? -3.758  -17.991 -2.413  1.00 16.15 ? 100  GLU A O   1 
ATOM   730  C CB  . GLU A 1 100 ? -0.727  -18.324 -1.422  1.00 21.89 ? 100  GLU A CB  1 
ATOM   731  C CG  . GLU A 1 100 ? -1.383  -19.466 -0.701  1.00 28.04 ? 100  GLU A CG  1 
ATOM   732  C CD  . GLU A 1 100 ? -0.578  -19.915 0.508   1.00 31.87 ? 100  GLU A CD  1 
ATOM   733  O OE1 . GLU A 1 100 ? -0.059  -19.044 1.244   1.00 33.85 ? 100  GLU A OE1 1 
ATOM   734  O OE2 . GLU A 1 100 ? -0.455  -21.139 0.720   1.00 35.21 ? 100  GLU A OE2 1 
ATOM   735  N N   . GLU A 1 101 ? -2.738  -15.977 -2.360  1.00 17.86 ? 101  GLU A N   1 
ATOM   736  C CA  . GLU A 1 101 ? -3.962  -15.233 -2.117  1.00 19.57 ? 101  GLU A CA  1 
ATOM   737  C C   . GLU A 1 101 ? -3.963  -13.992 -2.982  1.00 17.86 ? 101  GLU A C   1 
ATOM   738  O O   . GLU A 1 101 ? -2.907  -13.446 -3.263  1.00 18.94 ? 101  GLU A O   1 
ATOM   739  C CB  . GLU A 1 101 ? -4.029  -14.835 -0.654  1.00 24.71 ? 101  GLU A CB  1 
ATOM   740  C CG  . GLU A 1 101 ? -4.589  -15.911 0.252   1.00 30.22 ? 101  GLU A CG  1 
ATOM   741  C CD  . GLU A 1 101 ? -6.103  -15.853 0.340   1.00 35.38 ? 101  GLU A CD  1 
ATOM   742  O OE1 . GLU A 1 101 ? -6.762  -15.414 -0.638  1.00 37.10 ? 101  GLU A OE1 1 
ATOM   743  O OE2 . GLU A 1 101 ? -6.639  -16.230 1.406   1.00 38.17 ? 101  GLU A OE2 1 
ATOM   744  N N   . ASP A 1 102 ? -5.132  -13.583 -3.454  1.00 15.62 ? 102  ASP A N   1 
ATOM   745  C CA  . ASP A 1 102 ? -5.211  -12.391 -4.287  1.00 16.72 ? 102  ASP A CA  1 
ATOM   746  C C   . ASP A 1 102 ? -5.610  -11.171 -3.447  1.00 14.57 ? 102  ASP A C   1 
ATOM   747  O O   . ASP A 1 102 ? -6.214  -11.309 -2.384  1.00 12.54 ? 102  ASP A O   1 
ATOM   748  C CB  . ASP A 1 102 ? -6.178  -12.612 -5.462  1.00 19.14 ? 102  ASP A CB  1 
ATOM   749  C CG  . ASP A 1 102 ? -7.595  -12.893 -5.009  1.00 21.54 ? 102  ASP A CG  1 
ATOM   750  O OD1 . ASP A 1 102 ? -7.867  -14.028 -4.548  1.00 22.06 ? 102  ASP A OD1 1 
ATOM   751  O OD2 . ASP A 1 102 ? -8.434  -11.975 -5.129  1.00 22.80 ? 102  ASP A OD2 1 
ATOM   752  N N   . PHE A 1 103 ? -5.270  -9.981  -3.934  1.00 15.07 ? 103  PHE A N   1 
ATOM   753  C CA  . PHE A 1 103 ? -5.567  -8.736  -3.228  1.00 15.27 ? 103  PHE A CA  1 
ATOM   754  C C   . PHE A 1 103 ? -7.035  -8.559  -2.831  1.00 14.82 ? 103  PHE A C   1 
ATOM   755  O O   . PHE A 1 103 ? -7.344  -8.301  -1.666  1.00 14.99 ? 103  PHE A O   1 
ATOM   756  C CB  . PHE A 1 103 ? -5.127  -7.526  -4.068  1.00 14.34 ? 103  PHE A CB  1 
ATOM   757  C CG  . PHE A 1 103 ? -5.045  -6.247  -3.283  1.00 13.70 ? 103  PHE A CG  1 
ATOM   758  C CD1 . PHE A 1 103 ? -6.179  -5.477  -3.040  1.00 14.94 ? 103  PHE A CD1 1 
ATOM   759  C CD2 . PHE A 1 103 ? -3.831  -5.829  -2.751  1.00 13.87 ? 103  PHE A CD2 1 
ATOM   760  C CE1 . PHE A 1 103 ? -6.099  -4.318  -2.274  1.00 14.39 ? 103  PHE A CE1 1 
ATOM   761  C CE2 . PHE A 1 103 ? -3.747  -4.669  -1.988  1.00 14.26 ? 103  PHE A CE2 1 
ATOM   762  C CZ  . PHE A 1 103 ? -4.877  -3.919  -1.750  1.00 13.47 ? 103  PHE A CZ  1 
ATOM   763  N N   . GLU A 1 104 ? -7.933  -8.727  -3.791  1.00 16.17 ? 104  GLU A N   1 
ATOM   764  C CA  . GLU A 1 104 ? -9.362  -8.545  -3.549  1.00 19.75 ? 104  GLU A CA  1 
ATOM   765  C C   . GLU A 1 104 ? -9.951  -9.436  -2.459  1.00 19.20 ? 104  GLU A C   1 
ATOM   766  O O   . GLU A 1 104 ? -10.726 -8.956  -1.631  1.00 18.84 ? 104  GLU A O   1 
ATOM   767  C CB  . GLU A 1 104 ? -10.155 -8.717  -4.845  1.00 23.66 ? 104  GLU A CB  1 
ATOM   768  C CG  . GLU A 1 104 ? -9.924  -7.629  -5.884  1.00 30.65 ? 104  GLU A CG  1 
ATOM   769  C CD  . GLU A 1 104 ? -8.506  -7.616  -6.462  1.00 35.88 ? 104  GLU A CD  1 
ATOM   770  O OE1 . GLU A 1 104 ? -7.859  -8.690  -6.539  1.00 36.28 ? 104  GLU A OE1 1 
ATOM   771  O OE2 . GLU A 1 104 ? -8.040  -6.519  -6.850  1.00 39.82 ? 104  GLU A OE2 1 
ATOM   772  N N   . SER A 1 105 ? -9.595  -10.721 -2.439  1.00 18.25 ? 105  SER A N   1 
ATOM   773  C CA  . SER A 1 105 ? -10.136 -11.599 -1.408  1.00 18.88 ? 105  SER A CA  1 
ATOM   774  C C   . SER A 1 105 ? -9.571  -11.222 -0.041  1.00 16.61 ? 105  SER A C   1 
ATOM   775  O O   . SER A 1 105 ? -10.314 -11.169 0.934   1.00 18.23 ? 105  SER A O   1 
ATOM   776  C CB  . SER A 1 105 ? -9.919  -13.084 -1.743  1.00 22.94 ? 105  SER A CB  1 
ATOM   777  O OG  . SER A 1 105 ? -8.629  -13.549 -1.394  1.00 28.49 ? 105  SER A OG  1 
ATOM   778  N N   . LEU A 1 106 ? -8.281  -10.906 0.030   1.00 14.10 ? 106  LEU A N   1 
ATOM   779  C CA  . LEU A 1 106 ? -7.694  -10.501 1.300   1.00 12.49 ? 106  LEU A CA  1 
ATOM   780  C C   . LEU A 1 106 ? -8.311  -9.187  1.809   1.00 14.36 ? 106  LEU A C   1 
ATOM   781  O O   . LEU A 1 106 ? -8.581  -9.048  3.003   1.00 13.73 ? 106  LEU A O   1 
ATOM   782  C CB  . LEU A 1 106 ? -6.172  -10.371 1.194   1.00 13.53 ? 106  LEU A CB  1 
ATOM   783  C CG  . LEU A 1 106 ? -5.372  -11.674 1.072   1.00 13.76 ? 106  LEU A CG  1 
ATOM   784  C CD1 . LEU A 1 106 ? -3.901  -11.388 0.976   1.00 13.83 ? 106  LEU A CD1 1 
ATOM   785  C CD2 . LEU A 1 106 ? -5.652  -12.556 2.280   1.00 15.09 ? 106  LEU A CD2 1 
ATOM   786  N N   . ALA A 1 107 ? -8.538  -8.229  0.915   1.00 12.73 ? 107  ALA A N   1 
ATOM   787  C CA  . ALA A 1 107 ? -9.136  -6.953  1.318   1.00 13.45 ? 107  ALA A CA  1 
ATOM   788  C C   . ALA A 1 107 ? -10.568 -7.155  1.817   1.00 14.40 ? 107  ALA A C   1 
ATOM   789  O O   . ALA A 1 107 ? -10.974 -6.566  2.820   1.00 13.89 ? 107  ALA A O   1 
ATOM   790  C CB  . ALA A 1 107 ? -9.104  -5.948  0.152   1.00 13.47 ? 107  ALA A CB  1 
ATOM   791  N N   . SER A 1 108 ? -11.330 -7.987  1.110   1.00 14.22 ? 108  SER A N   1 
ATOM   792  C CA  . SER A 1 108 ? -12.713 -8.282  1.472   1.00 17.19 ? 108  SER A CA  1 
ATOM   793  C C   . SER A 1 108 ? -12.803 -8.887  2.872   1.00 17.72 ? 108  SER A C   1 
ATOM   794  O O   . SER A 1 108 ? -13.743 -8.606  3.619   1.00 18.88 ? 108  SER A O   1 
ATOM   795  C CB  . SER A 1 108 ? -13.330 -9.257  0.458   1.00 18.40 ? 108  SER A CB  1 
ATOM   796  O OG  . SER A 1 108 ? -13.356 -8.695  -0.849  1.00 22.90 ? 108  SER A OG  1 
ATOM   797  N N   . GLN A 1 109 ? -11.819 -9.707  3.231   1.00 16.23 ? 109  GLN A N   1 
ATOM   798  C CA  . GLN A 1 109 ? -11.804 -10.364 4.538   1.00 17.67 ? 109  GLN A CA  1 
ATOM   799  C C   . GLN A 1 109 ? -11.149 -9.600  5.684   1.00 17.01 ? 109  GLN A C   1 
ATOM   800  O O   . GLN A 1 109 ? -11.653 -9.615  6.799   1.00 16.13 ? 109  GLN A O   1 
ATOM   801  C CB  . GLN A 1 109 ? -11.065 -11.703 4.459   1.00 18.66 ? 109  GLN A CB  1 
ATOM   802  C CG  . GLN A 1 109 ? -11.555 -12.675 3.415   1.00 20.75 ? 109  GLN A CG  1 
ATOM   803  C CD  . GLN A 1 109 ? -10.583 -13.831 3.246   1.00 22.66 ? 109  GLN A CD  1 
ATOM   804  O OE1 . GLN A 1 109 ? -9.980  -14.003 2.188   1.00 23.49 ? 109  GLN A OE1 1 
ATOM   805  N NE2 . GLN A 1 109 ? -10.395 -14.605 4.306   1.00 23.94 ? 109  GLN A NE2 1 
ATOM   806  N N   . PHE A 1 110 ? -10.028 -8.939  5.408   1.00 14.42 ? 110  PHE A N   1 
ATOM   807  C CA  . PHE A 1 110 ? -9.256  -8.298  6.464   1.00 14.89 ? 110  PHE A CA  1 
ATOM   808  C C   . PHE A 1 110 ? -9.122  -6.794  6.491   1.00 14.18 ? 110  PHE A C   1 
ATOM   809  O O   . PHE A 1 110 ? -8.542  -6.256  7.431   1.00 16.15 ? 110  PHE A O   1 
ATOM   810  C CB  . PHE A 1 110 ? -7.859  -8.938  6.511   1.00 16.08 ? 110  PHE A CB  1 
ATOM   811  C CG  . PHE A 1 110 ? -7.888  -10.437 6.551   1.00 17.97 ? 110  PHE A CG  1 
ATOM   812  C CD1 . PHE A 1 110 ? -8.497  -11.103 7.610   1.00 20.13 ? 110  PHE A CD1 1 
ATOM   813  C CD2 . PHE A 1 110 ? -7.335  -11.185 5.516   1.00 17.79 ? 110  PHE A CD2 1 
ATOM   814  C CE1 . PHE A 1 110 ? -8.551  -12.505 7.640   1.00 20.43 ? 110  PHE A CE1 1 
ATOM   815  C CE2 . PHE A 1 110 ? -7.380  -12.579 5.530   1.00 18.53 ? 110  PHE A CE2 1 
ATOM   816  C CZ  . PHE A 1 110 ? -7.989  -13.241 6.593   1.00 18.97 ? 110  PHE A CZ  1 
ATOM   817  N N   . SER A 1 111 ? -9.635  -6.097  5.490   1.00 13.50 ? 111  SER A N   1 
ATOM   818  C CA  . SER A 1 111 ? -9.493  -4.655  5.525   1.00 13.67 ? 111  SER A CA  1 
ATOM   819  C C   . SER A 1 111 ? -10.426 -4.063  6.578   1.00 13.96 ? 111  SER A C   1 
ATOM   820  O O   . SER A 1 111 ? -11.603 -4.406  6.629   1.00 14.84 ? 111  SER A O   1 
ATOM   821  C CB  . SER A 1 111 ? -9.769  -4.029  4.156   1.00 13.59 ? 111  SER A CB  1 
ATOM   822  O OG  . SER A 1 111 ? -9.532  -2.625  4.214   1.00 14.32 ? 111  SER A OG  1 
ATOM   823  N N   . ASP A 1 112 ? -9.870  -3.189  7.420   1.00 14.39 ? 112  ASP A N   1 
ATOM   824  C CA  . ASP A 1 112 ? -10.616 -2.491  8.470   1.00 16.18 ? 112  ASP A CA  1 
ATOM   825  C C   . ASP A 1 112 ? -11.364 -1.290  7.908   1.00 18.84 ? 112  ASP A C   1 
ATOM   826  O O   . ASP A 1 112 ? -11.967 -0.525  8.660   1.00 22.69 ? 112  ASP A O   1 
ATOM   827  C CB  . ASP A 1 112 ? -9.676  -2.013  9.576   1.00 15.30 ? 112  ASP A CB  1 
ATOM   828  C CG  . ASP A 1 112 ? -9.363  -3.095  10.588  1.00 15.39 ? 112  ASP A CG  1 
ATOM   829  O OD1 . ASP A 1 112 ? -10.317 -3.748  11.061  1.00 16.13 ? 112  ASP A OD1 1 
ATOM   830  O OD2 . ASP A 1 112 ? -8.173  -3.282  10.932  1.00 16.06 ? 112  ASP A OD2 1 
ATOM   831  N N   . CYS A 1 113 ? -11.273 -1.086  6.597   1.00 17.85 ? 113  CYS A N   1 
ATOM   832  C CA  . CYS A 1 113 ? -11.969 0.013   5.929   1.00 17.63 ? 113  CYS A CA  1 
ATOM   833  C C   . CYS A 1 113 ? -13.291 -0.509  5.370   1.00 17.21 ? 113  CYS A C   1 
ATOM   834  O O   . CYS A 1 113 ? -13.362 -1.646  4.906   1.00 17.65 ? 113  CYS A O   1 
ATOM   835  C CB  . CYS A 1 113 ? -11.103 0.585   4.801   1.00 17.73 ? 113  CYS A CB  1 
ATOM   836  S SG  . CYS A 1 113 ? -11.858 1.901   3.829   1.00 17.95 ? 113  CYS A SG  1 
ATOM   837  N N   . SER A 1 114 ? -14.326 0.322   5.393   1.00 18.01 ? 114  SER A N   1 
ATOM   838  C CA  . SER A 1 114 ? -15.638 -0.074  4.890   1.00 18.52 ? 114  SER A CA  1 
ATOM   839  C C   . SER A 1 114 ? -15.567 -0.490  3.429   1.00 17.96 ? 114  SER A C   1 
ATOM   840  O O   . SER A 1 114 ? -16.427 -1.220  2.954   1.00 17.17 ? 114  SER A O   1 
ATOM   841  C CB  . SER A 1 114 ? -16.616 1.085   5.042   1.00 21.81 ? 114  SER A CB  1 
ATOM   842  O OG  . SER A 1 114 ? -16.010 2.275   4.561   1.00 25.58 ? 114  SER A OG  1 
ATOM   843  N N   . SER A 1 115 ? -14.556 0.001   2.708   1.00 16.59 ? 115  SER A N   1 
ATOM   844  C CA  . SER A 1 115 ? -14.381 -0.348  1.299   1.00 16.14 ? 115  SER A CA  1 
ATOM   845  C C   . SER A 1 115 ? -14.181 -1.845  1.118   1.00 14.72 ? 115  SER A C   1 
ATOM   846  O O   . SER A 1 115 ? -14.146 -2.324  -0.008  1.00 15.57 ? 115  SER A O   1 
ATOM   847  C CB  . SER A 1 115 ? -13.221 0.434   0.651   1.00 16.37 ? 115  SER A CB  1 
ATOM   848  O OG  . SER A 1 115 ? -11.971 0.211   1.291   1.00 16.14 ? 115  SER A OG  1 
ATOM   849  N N   . ALA A 1 116 ? -14.001 -2.574  2.219   1.00 14.82 ? 116  ALA A N   1 
ATOM   850  C CA  . ALA A 1 116 ? -13.860 -4.028  2.167   1.00 15.38 ? 116  ALA A CA  1 
ATOM   851  C C   . ALA A 1 116 ? -15.089 -4.590  1.438   1.00 16.74 ? 116  ALA A C   1 
ATOM   852  O O   . ALA A 1 116 ? -14.994 -5.551  0.682   1.00 17.42 ? 116  ALA A O   1 
ATOM   853  C CB  . ALA A 1 116 ? -13.780 -4.594  3.565   1.00 13.49 ? 116  ALA A CB  1 
ATOM   854  N N   . LYS A 1 117 ? -16.229 -3.921  1.592   1.00 19.01 ? 117  LYS A N   1 
ATOM   855  C CA  . LYS A 1 117 ? -17.458 -4.370  0.937   1.00 23.64 ? 117  LYS A CA  1 
ATOM   856  C C   . LYS A 1 117 ? -17.330 -4.375  -0.582  1.00 22.87 ? 117  LYS A C   1 
ATOM   857  O O   . LYS A 1 117 ? -18.021 -5.128  -1.258  1.00 24.85 ? 117  LYS A O   1 
ATOM   858  C CB  . LYS A 1 117 ? -18.669 -3.521  1.376   1.00 28.14 ? 117  LYS A CB  1 
ATOM   859  C CG  . LYS A 1 117 ? -18.614 -2.036  0.987   1.00 32.02 ? 117  LYS A CG  1 
ATOM   860  C CD  . LYS A 1 117 ? -19.264 -1.160  2.069   1.00 37.56 ? 117  LYS A CD  1 
ATOM   861  C CE  . LYS A 1 117 ? -19.172 0.338   1.759   1.00 38.62 ? 117  LYS A CE  1 
ATOM   862  N NZ  . LYS A 1 117 ? -17.790 0.796   1.392   1.00 41.93 ? 117  LYS A NZ  1 
ATOM   863  N N   . ALA A 1 118 ? -16.466 -3.515  -1.118  1.00 20.72 ? 118  ALA A N   1 
ATOM   864  C CA  . ALA A 1 118 ? -16.244 -3.441  -2.559  1.00 18.95 ? 118  ALA A CA  1 
ATOM   865  C C   . ALA A 1 118 ? -14.885 -4.053  -2.888  1.00 18.41 ? 118  ALA A C   1 
ATOM   866  O O   . ALA A 1 118 ? -14.214 -3.631  -3.831  1.00 17.56 ? 118  ALA A O   1 
ATOM   867  C CB  . ALA A 1 118 ? -16.302 -1.982  -3.040  1.00 20.52 ? 118  ALA A CB  1 
ATOM   868  N N   . ARG A 1 119 ? -14.493 -5.053  -2.100  1.00 17.66 ? 119  ARG A N   1 
ATOM   869  C CA  . ARG A 1 119 ? -13.227 -5.762  -2.259  1.00 18.12 ? 119  ARG A CA  1 
ATOM   870  C C   . ARG A 1 119 ? -12.045 -4.790  -2.230  1.00 17.82 ? 119  ARG A C   1 
ATOM   871  O O   . ARG A 1 119 ? -11.027 -5.002  -2.898  1.00 17.32 ? 119  ARG A O   1 
ATOM   872  C CB  . ARG A 1 119 ? -13.207 -6.615  -3.538  1.00 22.36 ? 119  ARG A CB  1 
ATOM   873  C CG  . ARG A 1 119 ? -14.565 -7.160  -3.983  1.00 30.29 ? 119  ARG A CG  1 
ATOM   874  C CD  . ARG A 1 119 ? -14.458 -8.502  -4.701  1.00 33.91 ? 119  ARG A CD  1 
ATOM   875  N NE  . ARG A 1 119 ? -14.427 -9.584  -3.721  1.00 41.49 ? 119  ARG A NE  1 
ATOM   876  C CZ  . ARG A 1 119 ? -13.724 -10.710 -3.835  1.00 43.98 ? 119  ARG A CZ  1 
ATOM   877  N NH1 . ARG A 1 119 ? -12.968 -10.941 -4.905  1.00 44.63 ? 119  ARG A NH1 1 
ATOM   878  N NH2 . ARG A 1 119 ? -13.766 -11.602 -2.854  1.00 46.78 ? 119  ARG A NH2 1 
ATOM   879  N N   . GLY A 1 120 ? -12.208 -3.714  -1.466  1.00 13.54 ? 120  GLY A N   1 
ATOM   880  C CA  . GLY A 1 120 ? -11.165 -2.722  -1.308  1.00 14.65 ? 120  GLY A CA  1 
ATOM   881  C C   . GLY A 1 120 ? -11.115 -1.589  -2.319  1.00 14.46 ? 120  GLY A C   1 
ATOM   882  O O   . GLY A 1 120 ? -10.329 -0.660  -2.134  1.00 13.78 ? 120  GLY A O   1 
ATOM   883  N N   . ASP A 1 121 ? -11.942 -1.650  -3.357  1.00 13.19 ? 121  ASP A N   1 
ATOM   884  C CA  . ASP A 1 121 ? -11.953 -0.626  -4.395  1.00 15.43 ? 121  ASP A CA  1 
ATOM   885  C C   . ASP A 1 121 ? -12.388 0.719   -3.826  1.00 17.66 ? 121  ASP A C   1 
ATOM   886  O O   . ASP A 1 121 ? -13.390 0.798   -3.112  1.00 17.52 ? 121  ASP A O   1 
ATOM   887  C CB  . ASP A 1 121 ? -12.905 -1.049  -5.518  1.00 15.42 ? 121  ASP A CB  1 
ATOM   888  C CG  . ASP A 1 121 ? -12.883 -0.103  -6.719  1.00 16.29 ? 121  ASP A CG  1 
ATOM   889  O OD1 . ASP A 1 121 ? -11.882 0.601   -6.960  1.00 15.59 ? 121  ASP A OD1 1 
ATOM   890  O OD2 . ASP A 1 121 ? -13.882 -0.096  -7.456  1.00 19.51 ? 121  ASP A OD2 1 
ATOM   891  N N   . LEU A 1 122 ? -11.621 1.767   -4.127  1.00 16.04 ? 122  LEU A N   1 
ATOM   892  C CA  . LEU A 1 122 ? -11.939 3.120   -3.662  1.00 15.88 ? 122  LEU A CA  1 
ATOM   893  C C   . LEU A 1 122 ? -12.467 3.995   -4.797  1.00 15.70 ? 122  LEU A C   1 
ATOM   894  O O   . LEU A 1 122 ? -12.955 5.091   -4.555  1.00 17.07 ? 122  LEU A O   1 
ATOM   895  C CB  . LEU A 1 122 ? -10.690 3.784   -3.071  1.00 15.07 ? 122  LEU A CB  1 
ATOM   896  C CG  . LEU A 1 122 ? -10.128 3.156   -1.805  1.00 14.92 ? 122  LEU A CG  1 
ATOM   897  C CD1 . LEU A 1 122 ? -8.768  3.712   -1.494  1.00 18.43 ? 122  LEU A CD1 1 
ATOM   898  C CD2 . LEU A 1 122 ? -11.077 3.412   -0.676  1.00 16.24 ? 122  LEU A CD2 1 
ATOM   899  N N   . GLY A 1 123 ? -12.428 3.483   -6.024  1.00 16.26 ? 123  GLY A N   1 
ATOM   900  C CA  . GLY A 1 123 ? -12.852 4.262   -7.173  1.00 16.61 ? 123  GLY A CA  1 
ATOM   901  C C   . GLY A 1 123 ? -11.717 5.200   -7.561  1.00 18.11 ? 123  GLY A C   1 
ATOM   902  O O   . GLY A 1 123 ? -10.628 5.149   -6.979  1.00 17.93 ? 123  GLY A O   1 
ATOM   903  N N   . ALA A 1 124 ? -11.942 6.039   -8.564  1.00 20.14 ? 124  ALA A N   1 
ATOM   904  C CA  . ALA A 1 124 ? -10.923 6.982   -9.025  1.00 20.37 ? 124  ALA A CA  1 
ATOM   905  C C   . ALA A 1 124 ? -10.894 8.259   -8.191  1.00 19.81 ? 124  ALA A C   1 
ATOM   906  O O   . ALA A 1 124 ? -11.919 8.686   -7.655  1.00 19.52 ? 124  ALA A O   1 
ATOM   907  C CB  . ALA A 1 124 ? -11.139 7.313   -10.501 1.00 21.61 ? 124  ALA A CB  1 
ATOM   908  N N   . PHE A 1 125 ? -9.716  8.869   -8.094  1.00 16.80 ? 125  PHE A N   1 
ATOM   909  C CA  . PHE A 1 125 ? -9.539  10.094  -7.336  1.00 17.52 ? 125  PHE A CA  1 
ATOM   910  C C   . PHE A 1 125 ? -8.320  10.892  -7.783  1.00 18.67 ? 125  PHE A C   1 
ATOM   911  O O   . PHE A 1 125 ? -7.455  10.376  -8.497  1.00 19.54 ? 125  PHE A O   1 
ATOM   912  C CB  . PHE A 1 125 ? -9.464  9.800   -5.826  1.00 17.67 ? 125  PHE A CB  1 
ATOM   913  C CG  . PHE A 1 125 ? -8.371  8.828   -5.430  1.00 18.13 ? 125  PHE A CG  1 
ATOM   914  C CD1 . PHE A 1 125 ? -8.611  7.439   -5.435  1.00 17.29 ? 125  PHE A CD1 1 
ATOM   915  C CD2 . PHE A 1 125 ? -7.118  9.292   -5.021  1.00 17.94 ? 125  PHE A CD2 1 
ATOM   916  C CE1 . PHE A 1 125 ? -7.632  6.537   -5.041  1.00 16.48 ? 125  PHE A CE1 1 
ATOM   917  C CE2 . PHE A 1 125 ? -6.119  8.386   -4.619  1.00 19.78 ? 125  PHE A CE2 1 
ATOM   918  C CZ  . PHE A 1 125 ? -6.387  7.003   -4.631  1.00 18.37 ? 125  PHE A CZ  1 
ATOM   919  N N   . SER A 1 126 ? -8.304  12.166  -7.404  1.00 19.06 ? 126  SER A N   1 
ATOM   920  C CA  . SER A 1 126 ? -7.222  13.101  -7.693  1.00 20.28 ? 126  SER A CA  1 
ATOM   921  C C   . SER A 1 126 ? -6.571  13.509  -6.371  1.00 19.85 ? 126  SER A C   1 
ATOM   922  O O   . SER A 1 126 ? -7.020  13.096  -5.291  1.00 21.43 ? 126  SER A O   1 
ATOM   923  C CB  . SER A 1 126 ? -7.783  14.360  -8.362  1.00 19.39 ? 126  SER A CB  1 
ATOM   924  O OG  . SER A 1 126 ? -8.620  14.023  -9.440  1.00 22.09 ? 126  SER A OG  1 
ATOM   925  N N   . ARG A 1 127 ? -5.506  14.302  -6.436  1.00 21.14 ? 127  ARG A N   1 
ATOM   926  C CA  . ARG A 1 127 ? -4.840  14.786  -5.229  1.00 20.92 ? 127  ARG A CA  1 
ATOM   927  C C   . ARG A 1 127 ? -5.790  15.734  -4.474  1.00 21.76 ? 127  ARG A C   1 
ATOM   928  O O   . ARG A 1 127 ? -6.608  16.411  -5.103  1.00 18.65 ? 127  ARG A O   1 
ATOM   929  C CB  . ARG A 1 127 ? -3.523  15.497  -5.564  1.00 20.67 ? 127  ARG A CB  1 
ATOM   930  C CG  . ARG A 1 127 ? -2.424  14.557  -6.035  1.00 21.80 ? 127  ARG A CG  1 
ATOM   931  C CD  . ARG A 1 127 ? -1.051  15.145  -5.826  1.00 22.66 ? 127  ARG A CD  1 
ATOM   932  N NE  . ARG A 1 127 ? 0.013   14.187  -6.129  1.00 22.98 ? 127  ARG A NE  1 
ATOM   933  C CZ  . ARG A 1 127 ? 0.721   13.519  -5.221  1.00 22.59 ? 127  ARG A CZ  1 
ATOM   934  N NH1 . ARG A 1 127 ? 0.489   13.664  -3.921  1.00 21.93 ? 127  ARG A NH1 1 
ATOM   935  N NH2 . ARG A 1 127 ? 1.689   12.714  -5.617  1.00 20.38 ? 127  ARG A NH2 1 
ATOM   936  N N   . GLY A 1 128 ? -5.672  15.758  -3.145  1.00 23.53 ? 128  GLY A N   1 
ATOM   937  C CA  . GLY A 1 128 ? -6.519  16.574  -2.300  1.00 28.38 ? 128  GLY A CA  1 
ATOM   938  C C   . GLY A 1 128 ? -7.647  15.812  -1.586  1.00 31.67 ? 128  GLY A C   1 
ATOM   939  O O   . GLY A 1 128 ? -8.295  16.397  -0.719  1.00 33.08 ? 128  GLY A O   1 
ATOM   940  N N   . GLN A 1 129 ? -7.853  14.570  -1.954  1.00 33.89 ? 129  GLN A N   1 
ATOM   941  C CA  . GLN A 1 129 ? -8.909  13.749  -1.359  1.00 35.90 ? 129  GLN A CA  1 
ATOM   942  C C   . GLN A 1 129 ? -8.475  12.861  -0.206  1.00 34.39 ? 129  GLN A C   1 
ATOM   943  O O   . GLN A 1 129 ? -9.148  12.794  0.836   1.00 33.01 ? 129  GLN A O   1 
ATOM   944  C CB  . GLN A 1 129 ? -9.516  12.881  -2.457  1.00 40.20 ? 129  GLN A CB  1 
ATOM   945  C CG  . GLN A 1 129 ? -10.405 11.688  -1.941  1.00 47.67 ? 129  GLN A CG  1 
ATOM   946  C CD  . GLN A 1 129 ? -11.682 12.138  -1.298  1.00 51.65 ? 129  GLN A CD  1 
ATOM   947  O OE1 . GLN A 1 129 ? -12.685 12.362  -1.978  1.00 53.97 ? 129  GLN A OE1 1 
ATOM   948  N NE2 . GLN A 1 129 ? -11.664 12.271  0.023   1.00 53.21 ? 129  GLN A NE2 1 
ATOM   949  N N   . MET A 1 130 ? -7.351  12.162  -0.384  1.00 30.49 ? 130  MET A N   1 
ATOM   950  C CA  . MET A 1 130 ? -6.850  11.234  0.606   1.00 27.11 ? 130  MET A CA  1 
ATOM   951  C C   . MET A 1 130 ? -5.745  11.806  1.477   1.00 26.06 ? 130  MET A C   1 
ATOM   952  O O   . MET A 1 130 ? -5.097  12.785  1.127   1.00 28.38 ? 130  MET A O   1 
ATOM   953  C CB  . MET A 1 130 ? -6.333  9.971   -0.096  1.00 27.59 ? 130  MET A CB  1 
ATOM   954  C CG  . MET A 1 130 ? -7.257  9.378   -1.174  1.00 24.75 ? 130  MET A CG  1 
ATOM   955  S SD  . MET A 1 130 ? -8.831  8.811   -0.531  1.00 24.49 ? 130  MET A SD  1 
ATOM   956  C CE  . MET A 1 130 ? -9.491  7.987   -1.920  1.00 24.53 ? 130  MET A CE  1 
ATOM   957  N N   . GLN A 1 131 ? -5.530  11.175  2.622   1.00 23.37 ? 131  GLN A N   1 
ATOM   958  C CA  . GLN A 1 131 ? -4.477  11.586  3.525   1.00 24.17 ? 131  GLN A CA  1 
ATOM   959  C C   . GLN A 1 131 ? -3.185  11.586  2.729   1.00 24.50 ? 131  GLN A C   1 
ATOM   960  O O   . GLN A 1 131 ? -2.926  10.668  1.954   1.00 23.72 ? 131  GLN A O   1 
ATOM   961  C CB  . GLN A 1 131 ? -4.381  10.616  4.698   1.00 26.08 ? 131  GLN A CB  1 
ATOM   962  C CG  . GLN A 1 131 ? -5.576  10.679  5.628   1.00 29.15 ? 131  GLN A CG  1 
ATOM   963  C CD  . GLN A 1 131 ? -5.389  9.849   6.875   1.00 31.49 ? 131  GLN A CD  1 
ATOM   964  O OE1 . GLN A 1 131 ? -4.482  10.089  7.675   1.00 33.71 ? 131  GLN A OE1 1 
ATOM   965  N NE2 . GLN A 1 131 ? -6.241  8.859   7.047   1.00 33.39 ? 131  GLN A NE2 1 
ATOM   966  N N   . LYS A 1 132 ? -2.378  12.614  2.946   1.00 23.90 ? 132  LYS A N   1 
ATOM   967  C CA  . LYS A 1 132 ? -1.116  12.824  2.246   1.00 22.02 ? 132  LYS A CA  1 
ATOM   968  C C   . LYS A 1 132 ? -0.235  11.611  1.935   1.00 20.72 ? 132  LYS A C   1 
ATOM   969  O O   . LYS A 1 132 ? 0.092   11.381  0.773   1.00 19.67 ? 132  LYS A O   1 
ATOM   970  C CB  . LYS A 1 132 ? -0.310  13.914  2.959   1.00 23.95 ? 132  LYS A CB  1 
ATOM   971  C CG  . LYS A 1 132 ? 0.946   14.355  2.242   1.00 24.86 ? 132  LYS A CG  1 
ATOM   972  C CD  . LYS A 1 132 ? 0.626   14.934  0.879   1.00 28.15 ? 132  LYS A CD  1 
ATOM   973  C CE  . LYS A 1 132 ? 1.846   15.627  0.297   1.00 30.02 ? 132  LYS A CE  1 
ATOM   974  N NZ  . LYS A 1 132 ? 1.705   15.814  -1.166  1.00 32.58 ? 132  LYS A NZ  1 
ATOM   975  N N   . PRO A 1 133 ? 0.157   10.816  2.952   1.00 18.93 ? 133  PRO A N   1 
ATOM   976  C CA  . PRO A 1 133 ? 1.006   9.661   2.632   1.00 18.15 ? 133  PRO A CA  1 
ATOM   977  C C   . PRO A 1 133 ? 0.290   8.670   1.718   1.00 15.74 ? 133  PRO A C   1 
ATOM   978  O O   . PRO A 1 133 ? 0.910   8.067   0.852   1.00 15.64 ? 133  PRO A O   1 
ATOM   979  C CB  . PRO A 1 133 ? 1.295   9.043   4.007   1.00 17.63 ? 133  PRO A CB  1 
ATOM   980  C CG  . PRO A 1 133 ? 1.108   10.159  4.953   1.00 18.86 ? 133  PRO A CG  1 
ATOM   981  C CD  . PRO A 1 133 ? -0.112  10.862  4.397   1.00 20.40 ? 133  PRO A CD  1 
ATOM   982  N N   . PHE A 1 134 ? -1.023  8.527   1.893   1.00 16.11 ? 134  PHE A N   1 
ATOM   983  C CA  . PHE A 1 134 ? -1.792  7.601   1.065   1.00 14.58 ? 134  PHE A CA  1 
ATOM   984  C C   . PHE A 1 134 ? -1.756  8.081   -0.383  1.00 15.52 ? 134  PHE A C   1 
ATOM   985  O O   . PHE A 1 134 ? -1.482  7.316   -1.318  1.00 13.90 ? 134  PHE A O   1 
ATOM   986  C CB  . PHE A 1 134 ? -3.238  7.505   1.567   1.00 13.43 ? 134  PHE A CB  1 
ATOM   987  C CG  . PHE A 1 134 ? -4.065  6.479   0.837   1.00 12.74 ? 134  PHE A CG  1 
ATOM   988  C CD1 . PHE A 1 134 ? -4.694  6.798   -0.363  1.00 14.46 ? 134  PHE A CD1 1 
ATOM   989  C CD2 . PHE A 1 134 ? -4.185  5.186   1.333   1.00 10.78 ? 134  PHE A CD2 1 
ATOM   990  C CE1 . PHE A 1 134 ? -5.436  5.830   -1.068  1.00 15.57 ? 134  PHE A CE1 1 
ATOM   991  C CE2 . PHE A 1 134 ? -4.915  4.228   0.646   1.00 12.27 ? 134  PHE A CE2 1 
ATOM   992  C CZ  . PHE A 1 134 ? -5.540  4.544   -0.558  1.00 12.19 ? 134  PHE A CZ  1 
ATOM   993  N N   . GLU A 1 135 ? -2.010  9.372   -0.554  1.00 14.52 ? 135  GLU A N   1 
ATOM   994  C CA  . GLU A 1 135 ? -2.023  10.000  -1.859  1.00 14.00 ? 135  GLU A CA  1 
ATOM   995  C C   . GLU A 1 135 ? -0.655  9.930   -2.530  1.00 11.71 ? 135  GLU A C   1 
ATOM   996  O O   . GLU A 1 135 ? -0.555  9.580   -3.709  1.00 12.52 ? 135  GLU A O   1 
ATOM   997  C CB  . GLU A 1 135 ? -2.448  11.449  -1.676  1.00 17.58 ? 135  GLU A CB  1 
ATOM   998  C CG  . GLU A 1 135 ? -2.308  12.336  -2.867  1.00 18.78 ? 135  GLU A CG  1 
ATOM   999  C CD  . GLU A 1 135 ? -2.597  13.759  -2.477  1.00 21.88 ? 135  GLU A CD  1 
ATOM   1000 O OE1 . GLU A 1 135 ? -3.774  14.036  -2.181  1.00 22.74 ? 135  GLU A OE1 1 
ATOM   1001 O OE2 . GLU A 1 135 ? -1.649  14.573  -2.401  1.00 21.71 ? 135  GLU A OE2 1 
ATOM   1002 N N   . ASP A 1 136 ? 0.394   10.276  -1.789  1.00 11.17 ? 136  ASP A N   1 
ATOM   1003 C CA  . ASP A 1 136 ? 1.747   10.249  -2.337  1.00 12.74 ? 136  ASP A CA  1 
ATOM   1004 C C   . ASP A 1 136 ? 2.060   8.853   -2.884  1.00 12.55 ? 136  ASP A C   1 
ATOM   1005 O O   . ASP A 1 136 ? 2.525   8.711   -4.019  1.00 11.47 ? 136  ASP A O   1 
ATOM   1006 C CB  . ASP A 1 136 ? 2.776   10.657  -1.273  1.00 13.36 ? 136  ASP A CB  1 
ATOM   1007 C CG  . ASP A 1 136 ? 2.810   12.163  -1.034  1.00 17.67 ? 136  ASP A CG  1 
ATOM   1008 O OD1 . ASP A 1 136 ? 2.238   12.936  -1.838  1.00 16.89 ? 136  ASP A OD1 1 
ATOM   1009 O OD2 . ASP A 1 136 ? 3.440   12.568  -0.037  1.00 20.88 ? 136  ASP A OD2 1 
ATOM   1010 N N   . ALA A 1 137 ? 1.782   7.831   -2.078  1.00 10.79 ? 137  ALA A N   1 
ATOM   1011 C CA  . ALA A 1 137 ? 2.024   6.465   -2.514  1.00 11.08 ? 137  ALA A CA  1 
ATOM   1012 C C   . ALA A 1 137 ? 1.190   6.119   -3.754  1.00 11.24 ? 137  ALA A C   1 
ATOM   1013 O O   . ALA A 1 137 ? 1.725   5.642   -4.759  1.00 13.14 ? 137  ALA A O   1 
ATOM   1014 C CB  . ALA A 1 137 ? 1.722   5.493   -1.372  1.00 11.77 ? 137  ALA A CB  1 
ATOM   1015 N N   . SER A 1 138 ? -0.105  6.418   -3.717  1.00 11.64 ? 138  SER A N   1 
ATOM   1016 C CA  . SER A 1 138 ? -0.991  6.103   -4.839  1.00 11.60 ? 138  SER A CA  1 
ATOM   1017 C C   . SER A 1 138 ? -0.520  6.703   -6.159  1.00 12.93 ? 138  SER A C   1 
ATOM   1018 O O   . SER A 1 138 ? -0.536  6.036   -7.193  1.00 11.54 ? 138  SER A O   1 
ATOM   1019 C CB  . SER A 1 138 ? -2.412  6.599   -4.569  1.00 11.01 ? 138  SER A CB  1 
ATOM   1020 O OG  . SER A 1 138 ? -2.951  6.018   -3.405  1.00 12.32 ? 138  SER A OG  1 
ATOM   1021 N N   . PHE A 1 139 ? -0.092  7.960   -6.120  1.00 12.10 ? 139  PHE A N   1 
ATOM   1022 C CA  . PHE A 1 139 ? 0.337   8.634   -7.341  1.00 12.95 ? 139  PHE A CA  1 
ATOM   1023 C C   . PHE A 1 139 ? 1.730   8.273   -7.827  1.00 12.58 ? 139  PHE A C   1 
ATOM   1024 O O   . PHE A 1 139 ? 2.088   8.596   -8.963  1.00 12.73 ? 139  PHE A O   1 
ATOM   1025 C CB  . PHE A 1 139 ? 0.128   10.156  -7.227  1.00 12.44 ? 139  PHE A CB  1 
ATOM   1026 C CG  . PHE A 1 139 ? -1.323  10.562  -7.339  1.00 12.21 ? 139  PHE A CG  1 
ATOM   1027 C CD1 . PHE A 1 139 ? -2.157  10.544  -6.223  1.00 11.39 ? 139  PHE A CD1 1 
ATOM   1028 C CD2 . PHE A 1 139 ? -1.877  10.879  -8.579  1.00 13.34 ? 139  PHE A CD2 1 
ATOM   1029 C CE1 . PHE A 1 139 ? -3.524  10.822  -6.345  1.00 13.28 ? 139  PHE A CE1 1 
ATOM   1030 C CE2 . PHE A 1 139 ? -3.239  11.157  -8.707  1.00 13.29 ? 139  PHE A CE2 1 
ATOM   1031 C CZ  . PHE A 1 139 ? -4.062  11.123  -7.584  1.00 12.84 ? 139  PHE A CZ  1 
ATOM   1032 N N   . ALA A 1 140 ? 2.486   7.577   -6.980  1.00 11.73 ? 140  ALA A N   1 
ATOM   1033 C CA  . ALA A 1 140 ? 3.838   7.137   -7.320  1.00 11.62 ? 140  ALA A CA  1 
ATOM   1034 C C   . ALA A 1 140 ? 3.815   5.694   -7.851  1.00 12.48 ? 140  ALA A C   1 
ATOM   1035 O O   . ALA A 1 140 ? 4.851   5.149   -8.248  1.00 13.94 ? 140  ALA A O   1 
ATOM   1036 C CB  . ALA A 1 140 ? 4.749   7.249   -6.116  1.00 12.03 ? 140  ALA A CB  1 
ATOM   1037 N N   . LEU A 1 141 ? 2.639   5.068   -7.825  1.00 11.56 ? 141  LEU A N   1 
ATOM   1038 C CA  . LEU A 1 141 ? 2.487   3.715   -8.345  1.00 11.31 ? 141  LEU A CA  1 
ATOM   1039 C C   . LEU A 1 141 ? 2.153   3.787   -9.817  1.00 9.94  ? 141  LEU A C   1 
ATOM   1040 O O   . LEU A 1 141 ? 1.427   4.662   -10.265 1.00 10.97 ? 141  LEU A O   1 
ATOM   1041 C CB  . LEU A 1 141 ? 1.339   2.963   -7.647  1.00 9.35  ? 141  LEU A CB  1 
ATOM   1042 C CG  . LEU A 1 141 ? 1.485   2.549   -6.187  1.00 8.55  ? 141  LEU A CG  1 
ATOM   1043 C CD1 . LEU A 1 141 ? 0.158   2.004   -5.673  1.00 10.17 ? 141  LEU A CD1 1 
ATOM   1044 C CD2 . LEU A 1 141 ? 2.588   1.510   -6.059  1.00 9.28  ? 141  LEU A CD2 1 
ATOM   1045 N N   . ARG A 1 142 ? 2.685   2.850   -10.578 1.00 10.75 ? 142  ARG A N   1 
ATOM   1046 C CA  . ARG A 1 142 ? 2.367   2.760   -11.988 1.00 10.12 ? 142  ARG A CA  1 
ATOM   1047 C C   . ARG A 1 142 ? 1.195   1.756   -12.053 1.00 11.10 ? 142  ARG A C   1 
ATOM   1048 O O   . ARG A 1 142 ? 0.915   1.042   -11.083 1.00 11.49 ? 142  ARG A O   1 
ATOM   1049 C CB  . ARG A 1 142 ? 3.602   2.325   -12.765 1.00 12.50 ? 142  ARG A CB  1 
ATOM   1050 C CG  . ARG A 1 142 ? 4.675   3.407   -12.699 1.00 13.18 ? 142  ARG A CG  1 
ATOM   1051 C CD  . ARG A 1 142 ? 6.051   2.944   -13.162 1.00 14.81 ? 142  ARG A CD  1 
ATOM   1052 N NE  . ARG A 1 142 ? 6.627   1.951   -12.259 1.00 13.91 ? 142  ARG A NE  1 
ATOM   1053 C CZ  . ARG A 1 142 ? 7.773   1.324   -12.482 1.00 11.37 ? 142  ARG A CZ  1 
ATOM   1054 N NH1 . ARG A 1 142 ? 8.484   1.605   -13.574 1.00 13.59 ? 142  ARG A NH1 1 
ATOM   1055 N NH2 . ARG A 1 142 ? 8.169   0.370   -11.658 1.00 12.63 ? 142  ARG A NH2 1 
ATOM   1056 N N   . THR A 1 143 ? 0.476   1.724   -13.161 1.00 11.92 ? 143  THR A N   1 
ATOM   1057 C CA  . THR A 1 143 ? -0.685  0.856   -13.250 1.00 12.73 ? 143  THR A CA  1 
ATOM   1058 C C   . THR A 1 143 ? -0.384  -0.605  -12.961 1.00 12.23 ? 143  THR A C   1 
ATOM   1059 O O   . THR A 1 143 ? 0.538   -1.182  -13.537 1.00 15.20 ? 143  THR A O   1 
ATOM   1060 C CB  . THR A 1 143 ? -1.401  1.048   -14.603 1.00 15.82 ? 143  THR A CB  1 
ATOM   1061 O OG1 . THR A 1 143 ? -1.657  2.451   -14.789 1.00 18.25 ? 143  THR A OG1 1 
ATOM   1062 C CG2 . THR A 1 143 ? -2.718  0.293   -14.632 1.00 17.24 ? 143  THR A CG2 1 
ATOM   1063 N N   . GLY A 1 144 ? -1.139  -1.177  -12.034 1.00 11.87 ? 144  GLY A N   1 
ATOM   1064 C CA  . GLY A 1 144 ? -0.947  -2.567  -11.670 1.00 13.25 ? 144  GLY A CA  1 
ATOM   1065 C C   . GLY A 1 144 ? -0.004  -2.782  -10.499 1.00 13.58 ? 144  GLY A C   1 
ATOM   1066 O O   . GLY A 1 144 ? 0.053   -3.879  -9.948  1.00 14.27 ? 144  GLY A O   1 
ATOM   1067 N N   . GLU A 1 145 ? 0.745   -1.748  -10.121 1.00 10.51 ? 145  GLU A N   1 
ATOM   1068 C CA  . GLU A 1 145 ? 1.683   -1.867  -9.004  1.00 11.21 ? 145  GLU A CA  1 
ATOM   1069 C C   . GLU A 1 145 ? 1.035   -1.830  -7.622  1.00 11.17 ? 145  GLU A C   1 
ATOM   1070 O O   . GLU A 1 145 ? -0.020  -1.229  -7.422  1.00 10.18 ? 145  GLU A O   1 
ATOM   1071 C CB  . GLU A 1 145 ? 2.790   -0.807  -9.090  1.00 11.25 ? 145  GLU A CB  1 
ATOM   1072 C CG  . GLU A 1 145 ? 3.770   -1.036  -10.222 1.00 12.07 ? 145  GLU A CG  1 
ATOM   1073 C CD  . GLU A 1 145 ? 5.010   -0.161  -10.102 1.00 15.18 ? 145  GLU A CD  1 
ATOM   1074 O OE1 . GLU A 1 145 ? 4.857   1.078   -10.027 1.00 13.81 ? 145  GLU A OE1 1 
ATOM   1075 O OE2 . GLU A 1 145 ? 6.138   -0.710  -10.068 1.00 12.41 ? 145  GLU A OE2 1 
ATOM   1076 N N   . MET A 1 146 ? 1.691   -2.484  -6.668  1.00 10.52 ? 146  MET A N   1 
ATOM   1077 C CA  . MET A 1 146 ? 1.210   -2.552  -5.306  1.00 11.13 ? 146  MET A CA  1 
ATOM   1078 C C   . MET A 1 146 ? 2.263   -1.930  -4.404  1.00 11.27 ? 146  MET A C   1 
ATOM   1079 O O   . MET A 1 146 ? 3.460   -2.108  -4.612  1.00 11.01 ? 146  MET A O   1 
ATOM   1080 C CB  . MET A 1 146 ? 0.960   -3.998  -4.906  1.00 11.44 ? 146  MET A CB  1 
ATOM   1081 C CG  . MET A 1 146 ? 0.286   -4.135  -3.572  1.00 13.03 ? 146  MET A CG  1 
ATOM   1082 S SD  . MET A 1 146 ? -0.058  -5.853  -3.180  1.00 14.23 ? 146  MET A SD  1 
ATOM   1083 C CE  . MET A 1 146 ? 1.598   -6.447  -2.768  1.00 15.55 ? 146  MET A CE  1 
ATOM   1084 N N   . SER A 1 147 ? 1.819   -1.169  -3.422  1.00 10.55 ? 147  SER A N   1 
ATOM   1085 C CA  . SER A 1 147 ? 2.731   -0.489  -2.517  1.00 10.90 ? 147  SER A CA  1 
ATOM   1086 C C   . SER A 1 147 ? 3.203   -1.443  -1.437  1.00 10.76 ? 147  SER A C   1 
ATOM   1087 O O   . SER A 1 147 ? 2.844   -2.629  -1.430  1.00 12.14 ? 147  SER A O   1 
ATOM   1088 C CB  . SER A 1 147 ? 1.996   0.679   -1.834  1.00 11.50 ? 147  SER A CB  1 
ATOM   1089 O OG  . SER A 1 147 ? 1.067   0.225   -0.841  1.00 10.62 ? 147  SER A OG  1 
ATOM   1090 N N   . GLY A 1 148 ? 4.070   -0.919  -0.571  1.00 10.78 ? 148  GLY A N   1 
ATOM   1091 C CA  . GLY A 1 148 ? 4.516   -1.657  0.592   1.00 11.11 ? 148  GLY A CA  1 
ATOM   1092 C C   . GLY A 1 148 ? 3.655   -1.098  1.720   1.00 10.68 ? 148  GLY A C   1 
ATOM   1093 O O   . GLY A 1 148 ? 2.576   -0.556  1.466   1.00 12.01 ? 148  GLY A O   1 
ATOM   1094 N N   . PRO A 1 149 ? 4.104   -1.180  2.973   1.00 11.87 ? 149  PRO A N   1 
ATOM   1095 C CA  . PRO A 1 149 ? 3.298   -0.649  4.080   1.00 13.43 ? 149  PRO A CA  1 
ATOM   1096 C C   . PRO A 1 149 ? 3.261   0.888   4.058   1.00 14.31 ? 149  PRO A C   1 
ATOM   1097 O O   . PRO A 1 149 ? 4.303   1.542   4.143   1.00 14.19 ? 149  PRO A O   1 
ATOM   1098 C CB  . PRO A 1 149 ? 4.041   -1.154  5.323   1.00 14.01 ? 149  PRO A CB  1 
ATOM   1099 C CG  . PRO A 1 149 ? 4.866   -2.322  4.817   1.00 15.87 ? 149  PRO A CG  1 
ATOM   1100 C CD  . PRO A 1 149 ? 5.310   -1.866  3.464   1.00 12.28 ? 149  PRO A CD  1 
ATOM   1101 N N   . VAL A 1 150 ? 2.070   1.459   3.918   1.00 13.17 ? 150  VAL A N   1 
ATOM   1102 C CA  . VAL A 1 150 ? 1.917   2.910   3.905   1.00 14.08 ? 150  VAL A CA  1 
ATOM   1103 C C   . VAL A 1 150 ? 1.218   3.360   5.194   1.00 15.34 ? 150  VAL A C   1 
ATOM   1104 O O   . VAL A 1 150 ? 0.086   2.945   5.493   1.00 12.88 ? 150  VAL A O   1 
ATOM   1105 C CB  . VAL A 1 150 ? 1.131   3.398   2.649   1.00 14.28 ? 150  VAL A CB  1 
ATOM   1106 C CG1 . VAL A 1 150 ? 0.899   4.911   2.710   1.00 14.40 ? 150  VAL A CG1 1 
ATOM   1107 C CG2 . VAL A 1 150 ? 1.889   3.022   1.380   1.00 13.92 ? 150  VAL A CG2 1 
ATOM   1108 N N   . PHE A 1 151 ? 1.901   4.203   5.956   1.00 15.89 ? 151  PHE A N   1 
ATOM   1109 C CA  . PHE A 1 151 ? 1.384   4.718   7.221   1.00 18.59 ? 151  PHE A CA  1 
ATOM   1110 C C   . PHE A 1 151 ? 0.630   6.043   7.128   1.00 17.20 ? 151  PHE A C   1 
ATOM   1111 O O   . PHE A 1 151 ? 1.151   7.024   6.608   1.00 18.22 ? 151  PHE A O   1 
ATOM   1112 C CB  . PHE A 1 151 ? 2.531   4.889   8.216   1.00 21.36 ? 151  PHE A CB  1 
ATOM   1113 C CG  . PHE A 1 151 ? 3.205   3.605   8.590   1.00 25.79 ? 151  PHE A CG  1 
ATOM   1114 C CD1 . PHE A 1 151 ? 4.121   3.008   7.733   1.00 28.22 ? 151  PHE A CD1 1 
ATOM   1115 C CD2 . PHE A 1 151 ? 2.925   2.990   9.802   1.00 26.72 ? 151  PHE A CD2 1 
ATOM   1116 C CE1 . PHE A 1 151 ? 4.746   1.811   8.088   1.00 29.26 ? 151  PHE A CE1 1 
ATOM   1117 C CE2 . PHE A 1 151 ? 3.549   1.798   10.156  1.00 29.04 ? 151  PHE A CE2 1 
ATOM   1118 C CZ  . PHE A 1 151 ? 4.458   1.211   9.299   1.00 29.58 ? 151  PHE A CZ  1 
ATOM   1119 N N   . THR A 1 152 ? -0.606  6.058   7.614   1.00 15.57 ? 152  THR A N   1 
ATOM   1120 C CA  . THR A 1 152 ? -1.415  7.271   7.643   1.00 16.79 ? 152  THR A CA  1 
ATOM   1121 C C   . THR A 1 152 ? -2.037  7.360   9.049   1.00 18.46 ? 152  THR A C   1 
ATOM   1122 O O   . THR A 1 152 ? -1.815  6.488   9.891   1.00 18.38 ? 152  THR A O   1 
ATOM   1123 C CB  . THR A 1 152 ? -2.571  7.218   6.639   1.00 16.60 ? 152  THR A CB  1 
ATOM   1124 O OG1 . THR A 1 152 ? -3.544  6.264   7.092   1.00 17.59 ? 152  THR A OG1 1 
ATOM   1125 C CG2 . THR A 1 152 ? -2.078  6.842   5.258   1.00 16.37 ? 152  THR A CG2 1 
ATOM   1126 N N   . ASP A 1 153 ? -2.866  8.368   9.284   1.00 18.55 ? 153  ASP A N   1 
ATOM   1127 C CA  . ASP A 1 153 ? -3.520  8.503   10.575  1.00 21.70 ? 153  ASP A CA  1 
ATOM   1128 C C   . ASP A 1 153 ? -4.537  7.389   10.792  1.00 20.79 ? 153  ASP A C   1 
ATOM   1129 O O   . ASP A 1 153 ? -4.836  7.047   11.933  1.00 20.65 ? 153  ASP A O   1 
ATOM   1130 C CB  . ASP A 1 153 ? -4.213  9.856   10.683  1.00 26.28 ? 153  ASP A CB  1 
ATOM   1131 C CG  . ASP A 1 153 ? -3.249  10.975  11.001  1.00 32.00 ? 153  ASP A CG  1 
ATOM   1132 O OD1 . ASP A 1 153 ? -2.118  10.698  11.470  1.00 32.85 ? 153  ASP A OD1 1 
ATOM   1133 O OD2 . ASP A 1 153 ? -3.637  12.146  10.793  1.00 37.27 ? 153  ASP A OD2 1 
ATOM   1134 N N   . SER A 1 154 ? -5.086  6.860   9.698   1.00 20.61 ? 154  SER A N   1 
ATOM   1135 C CA  . SER A 1 154 ? -6.070  5.769   9.747   1.00 20.32 ? 154  SER A CA  1 
ATOM   1136 C C   . SER A 1 154 ? -5.467  4.439   10.196  1.00 19.41 ? 154  SER A C   1 
ATOM   1137 O O   . SER A 1 154 ? -6.123  3.648   10.860  1.00 20.65 ? 154  SER A O   1 
ATOM   1138 C CB  . SER A 1 154 ? -6.697  5.555   8.370   1.00 19.94 ? 154  SER A CB  1 
ATOM   1139 O OG  . SER A 1 154 ? -7.507  6.640   7.993   1.00 25.65 ? 154  SER A OG  1 
ATOM   1140 N N   . GLY A 1 155 ? -4.227  4.181   9.798   1.00 19.52 ? 155  GLY A N   1 
ATOM   1141 C CA  . GLY A 1 155 ? -3.571  2.939   10.144  1.00 17.09 ? 155  GLY A CA  1 
ATOM   1142 C C   . GLY A 1 155 ? -2.521  2.660   9.091   1.00 18.14 ? 155  GLY A C   1 
ATOM   1143 O O   . GLY A 1 155 ? -1.908  3.595   8.558   1.00 16.83 ? 155  GLY A O   1 
ATOM   1144 N N   . ILE A 1 156 ? -2.332  1.385   8.764   1.00 16.03 ? 156  ILE A N   1 
ATOM   1145 C CA  . ILE A 1 156 ? -1.337  0.985   7.767   1.00 13.34 ? 156  ILE A CA  1 
ATOM   1146 C C   . ILE A 1 156 ? -2.073  0.385   6.579   1.00 13.90 ? 156  ILE A C   1 
ATOM   1147 O O   . ILE A 1 156 ? -2.993  -0.421  6.749   1.00 14.12 ? 156  ILE A O   1 
ATOM   1148 C CB  . ILE A 1 156 ? -0.348  -0.039  8.327   1.00 13.96 ? 156  ILE A CB  1 
ATOM   1149 C CG1 . ILE A 1 156 ? 0.180   0.427   9.695   1.00 15.38 ? 156  ILE A CG1 1 
ATOM   1150 C CG2 . ILE A 1 156 ? 0.815   -0.217  7.335   1.00 13.56 ? 156  ILE A CG2 1 
ATOM   1151 C CD1 . ILE A 1 156 ? 1.142   -0.517  10.356  1.00 14.73 ? 156  ILE A CD1 1 
ATOM   1152 N N   . HIS A 1 157 ? -1.691  0.806   5.380   1.00 11.36 ? 157  HIS A N   1 
ATOM   1153 C CA  . HIS A 1 157 ? -2.349  0.354   4.158   1.00 13.53 ? 157  HIS A CA  1 
ATOM   1154 C C   . HIS A 1 157 ? -1.440  -0.356  3.165   1.00 12.98 ? 157  HIS A C   1 
ATOM   1155 O O   . HIS A 1 157 ? -0.225  -0.136  3.137   1.00 13.50 ? 157  HIS A O   1 
ATOM   1156 C CB  . HIS A 1 157 ? -2.874  1.552   3.337   1.00 12.96 ? 157  HIS A CB  1 
ATOM   1157 C CG  . HIS A 1 157 ? -3.722  2.529   4.089   1.00 14.40 ? 157  HIS A CG  1 
ATOM   1158 N ND1 . HIS A 1 157 ? -3.212  3.391   5.039   1.00 16.59 ? 157  HIS A ND1 1 
ATOM   1159 C CD2 . HIS A 1 157 ? -5.031  2.840   3.963   1.00 11.74 ? 157  HIS A CD2 1 
ATOM   1160 C CE1 . HIS A 1 157 ? -4.180  4.190   5.467   1.00 13.86 ? 157  HIS A CE1 1 
ATOM   1161 N NE2 . HIS A 1 157 ? -5.289  3.874   4.826   1.00 15.66 ? 157  HIS A NE2 1 
ATOM   1162 N N   . ILE A 1 158 ? -2.062  -1.217  2.363   1.00 12.68 ? 158  ILE A N   1 
ATOM   1163 C CA  . ILE A 1 158 ? -1.401  -1.833  1.220   1.00 13.01 ? 158  ILE A CA  1 
ATOM   1164 C C   . ILE A 1 158 ? -2.296  -1.229  0.119   1.00 9.84  ? 158  ILE A C   1 
ATOM   1165 O O   . ILE A 1 158 ? -3.538  -1.301  0.215   1.00 10.37 ? 158  ILE A O   1 
ATOM   1166 C CB  . ILE A 1 158 ? -1.536  -3.366  1.138   1.00 12.20 ? 158  ILE A CB  1 
ATOM   1167 C CG1 . ILE A 1 158 ? -0.946  -4.030  2.376   1.00 14.00 ? 158  ILE A CG1 1 
ATOM   1168 C CG2 . ILE A 1 158 ? -0.786  -3.861  -0.094  1.00 13.83 ? 158  ILE A CG2 1 
ATOM   1169 C CD1 . ILE A 1 158 ? -1.284  -5.517  2.482   1.00 13.69 ? 158  ILE A CD1 1 
ATOM   1170 N N   . ILE A 1 159 ? -1.688  -0.598  -0.880  1.00 9.52  ? 159  ILE A N   1 
ATOM   1171 C CA  . ILE A 1 159 ? -2.426  0.051   -1.968  1.00 10.36 ? 159  ILE A CA  1 
ATOM   1172 C C   . ILE A 1 159 ? -2.150  -0.626  -3.300  1.00 10.62 ? 159  ILE A C   1 
ATOM   1173 O O   . ILE A 1 159 ? -0.997  -0.918  -3.612  1.00 11.40 ? 159  ILE A O   1 
ATOM   1174 C CB  . ILE A 1 159 ? -2.002  1.532   -2.093  1.00 10.53 ? 159  ILE A CB  1 
ATOM   1175 C CG1 . ILE A 1 159 ? -2.119  2.225   -0.731  1.00 12.34 ? 159  ILE A CG1 1 
ATOM   1176 C CG2 . ILE A 1 159 ? -2.846  2.244   -3.129  1.00 10.21 ? 159  ILE A CG2 1 
ATOM   1177 C CD1 . ILE A 1 159 ? -1.544  3.654   -0.691  1.00 13.05 ? 159  ILE A CD1 1 
ATOM   1178 N N   . LEU A 1 160 ? -3.193  -0.874  -4.084  1.00 9.00  ? 160  LEU A N   1 
ATOM   1179 C CA  . LEU A 1 160 ? -3.038  -1.491  -5.404  1.00 11.56 ? 160  LEU A CA  1 
ATOM   1180 C C   . LEU A 1 160 ? -3.595  -0.525  -6.447  1.00 10.09 ? 160  LEU A C   1 
ATOM   1181 O O   . LEU A 1 160 ? -4.773  -0.158  -6.384  1.00 10.27 ? 160  LEU A O   1 
ATOM   1182 C CB  . LEU A 1 160 ? -3.799  -2.825  -5.510  1.00 9.97  ? 160  LEU A CB  1 
ATOM   1183 C CG  . LEU A 1 160 ? -3.811  -3.451  -6.926  1.00 11.28 ? 160  LEU A CG  1 
ATOM   1184 C CD1 . LEU A 1 160 ? -2.414  -3.953  -7.327  1.00 12.32 ? 160  LEU A CD1 1 
ATOM   1185 C CD2 . LEU A 1 160 ? -4.825  -4.610  -6.998  1.00 12.50 ? 160  LEU A CD2 1 
ATOM   1186 N N   . ARG A 1 161 ? -2.748  -0.072  -7.368  1.00 10.08 ? 161  ARG A N   1 
ATOM   1187 C CA  . ARG A 1 161 ? -3.232  0.838   -8.397  1.00 12.16 ? 161  ARG A CA  1 
ATOM   1188 C C   . ARG A 1 161 ? -3.813  0.048   -9.560  1.00 10.89 ? 161  ARG A C   1 
ATOM   1189 O O   . ARG A 1 161 ? -3.094  -0.670  -10.251 1.00 13.09 ? 161  ARG A O   1 
ATOM   1190 C CB  . ARG A 1 161 ? -2.136  1.776   -8.892  1.00 12.00 ? 161  ARG A CB  1 
ATOM   1191 C CG  . ARG A 1 161 ? -2.693  2.746   -9.927  1.00 12.14 ? 161  ARG A CG  1 
ATOM   1192 C CD  . ARG A 1 161 ? -1.668  3.732   -10.482 1.00 10.62 ? 161  ARG A CD  1 
ATOM   1193 N NE  . ARG A 1 161 ? -2.269  4.408   -11.622 1.00 12.34 ? 161  ARG A NE  1 
ATOM   1194 C CZ  . ARG A 1 161 ? -1.599  5.069   -12.553 1.00 12.58 ? 161  ARG A CZ  1 
ATOM   1195 N NH1 . ARG A 1 161 ? -0.273  5.184   -12.481 1.00 10.50 ? 161  ARG A NH1 1 
ATOM   1196 N NH2 . ARG A 1 161 ? -2.264  5.536   -13.600 1.00 13.95 ? 161  ARG A NH2 1 
ATOM   1197 N N   . THR A 1 162 ? -5.108  0.203   -9.789  1.00 10.90 ? 162  THR A N   1 
ATOM   1198 C CA  . THR A 1 162 ? -5.788  -0.530  -10.840 1.00 13.06 ? 162  THR A CA  1 
ATOM   1199 C C   . THR A 1 162 ? -5.964  0.254   -12.143 1.00 15.53 ? 162  THR A C   1 
ATOM   1200 O O   . THR A 1 162 ? -6.143  -0.345  -13.203 1.00 17.64 ? 162  THR A O   1 
ATOM   1201 C CB  . THR A 1 162 ? -7.155  -1.012  -10.343 1.00 13.07 ? 162  THR A CB  1 
ATOM   1202 O OG1 . THR A 1 162 ? -7.943  0.125   -9.975  1.00 14.87 ? 162  THR A OG1 1 
ATOM   1203 C CG2 . THR A 1 162 ? -6.980  -1.902  -9.115  1.00 12.92 ? 162  THR A CG2 1 
ATOM   1204 N N   . GLU A 1 163 ? -5.957  1.589   -12.061 1.00 15.31 ? 163  GLU A N   1 
ATOM   1205 C CA  . GLU A 1 163 ? -6.101  2.444   -13.244 1.00 15.92 ? 163  GLU A CA  1 
ATOM   1206 C C   . GLU A 1 163 ? -5.278  3.707   -13.046 1.00 16.22 ? 163  GLU A C   1 
ATOM   1207 O O   . GLU A 1 163 ? -5.151  4.138   -11.881 1.00 13.04 ? 163  GLU A O   1 
ATOM   1208 C CB  . GLU A 1 163 ? -7.551  2.859   -13.457 1.00 18.30 ? 163  GLU A CB  1 
ATOM   1209 C CG  . GLU A 1 163 ? -8.487  1.763   -13.901 1.00 24.54 ? 163  GLU A CG  1 
ATOM   1210 C CD  . GLU A 1 163 ? -9.927  2.249   -13.978 1.00 28.53 ? 163  GLU A CD  1 
ATOM   1211 O OE1 . GLU A 1 163 ? -10.157 3.478   -13.911 1.00 31.64 ? 163  GLU A OE1 1 
ATOM   1212 O OE2 . GLU A 1 163 ? -10.835 1.404   -14.085 1.00 32.34 ? 163  GLU A OE2 1 
ATOM   1213 O OXT . GLU A 1 163 ? -4.804  4.256   -14.061 1.00 17.10 ? 163  GLU A OXT 1 
HETATM 1214 N N   . ALA B 2 .   ? -10.446 5.286   4.725   1.00 28.24 ? 201  ALA A N   1 
HETATM 1215 C CA  . ALA B 2 .   ? -11.012 6.592   4.447   1.00 25.66 ? 201  ALA A CA  1 
HETATM 1216 C C   . ALA B 2 .   ? -11.523 6.504   3.014   1.00 26.23 ? 201  ALA A C   1 
HETATM 1217 O O   . ALA B 2 .   ? -12.686 6.149   3.010   1.00 22.83 ? 201  ALA A O   1 
HETATM 1218 C CB  . ALA B 2 .   ? -9.969  7.691   4.460   1.00 24.40 ? 201  ALA A CB  1 
HETATM 1219 N N   . PRO C 3 .   ? -11.010 6.523   1.772   1.00 25.72 ? 202  PRO A N   1 
HETATM 1220 C CA  . PRO C 3 .   ? -9.776  7.193   1.347   1.00 24.87 ? 202  PRO A CA  1 
HETATM 1221 C C   . PRO C 3 .   ? -9.802  8.722   1.190   1.00 26.41 ? 202  PRO A C   1 
HETATM 1222 O O   . PRO C 3 .   ? -10.817 9.336   1.484   1.00 27.04 ? 202  PRO A O   1 
HETATM 1223 C CB  . PRO C 3 .   ? -9.428  6.457   0.069   1.00 24.16 ? 202  PRO A CB  1 
HETATM 1224 C CG  . PRO C 3 .   ? -10.776 6.182   -0.513  1.00 23.88 ? 202  PRO A CG  1 
HETATM 1225 C CD  . PRO C 3 .   ? -11.531 5.694   0.697   1.00 23.22 ? 202  PRO A CD  1 
HETATM 1226 O OXT . PRO C 3 .   ? -8.794  9.325   0.816   1.00 28.47 ? 202  PRO A OXT 1 
HETATM 1227 S S   . SO4 D 4 .   ? -10.896 6.448   9.950   1.00 34.12 ? 400  SO4 A S   1 
HETATM 1228 O O1  . SO4 D 4 .   ? -11.792 7.228   10.825  1.00 37.66 ? 400  SO4 A O1  1 
HETATM 1229 O O2  . SO4 D 4 .   ? -10.755 7.118   8.646   1.00 36.39 ? 400  SO4 A O2  1 
HETATM 1230 O O3  . SO4 D 4 .   ? -11.492 5.117   9.713   1.00 35.76 ? 400  SO4 A O3  1 
HETATM 1231 O O4  . SO4 D 4 .   ? -9.564  6.322   10.577  1.00 33.86 ? 400  SO4 A O4  1 
HETATM 1232 C C2  . 1PG E 5 .   ? 9.579   -9.089  -2.355  1.00 37.42 ? 300  1PG A C2  1 
HETATM 1233 C C1  . 1PG E 5 .   ? 10.405  -11.150 -1.960  1.00 41.60 ? 300  1PG A C1  1 
HETATM 1234 O O1  . 1PG E 5 .   ? 9.330   -10.400 -2.066  1.00 37.30 ? 300  1PG A O1  1 
HETATM 1235 O O2  . 1PG E 5 .   ? 11.684  -8.451  -1.302  1.00 35.15 ? 300  1PG A O2  1 
HETATM 1236 C C3  . 1PG E 5 .   ? 11.086  -8.643  -2.482  1.00 35.28 ? 300  1PG A C3  1 
HETATM 1237 C C4  . 1PG E 5 .   ? 12.885  -7.856  -1.455  1.00 33.85 ? 300  1PG A C4  1 
HETATM 1238 C C5  . 1PG E 5 .   ? 13.565  -7.544  -0.085  1.00 34.21 ? 300  1PG A C5  1 
HETATM 1239 O O3  . 1PG E 5 .   ? 12.789  -6.739  0.619   1.00 35.72 ? 300  1PG A O3  1 
HETATM 1240 C C6  . 1PG E 5 .   ? 13.341  -6.331  1.764   1.00 37.86 ? 300  1PG A C6  1 
HETATM 1241 C C7  . 1PG E 5 .   ? 12.277  -5.569  2.652   1.00 39.94 ? 300  1PG A C7  1 
HETATM 1242 O O4  . 1PG E 5 .   ? 11.197  -6.358  2.879   1.00 43.33 ? 300  1PG A O4  1 
HETATM 1243 C C8  . 1PG E 5 .   ? 10.269  -5.826  3.709   1.00 44.69 ? 300  1PG A C8  1 
HETATM 1244 C C9  . 1PG E 5 .   ? 10.402  -6.422  5.142   1.00 48.38 ? 300  1PG A C9  1 
HETATM 1245 O O5  . 1PG E 5 .   ? 9.245   -6.954  5.573   1.00 52.67 ? 300  1PG A O5  1 
HETATM 1246 C C10 . 1PG E 5 .   ? 9.429   -7.848  6.582   1.00 53.98 ? 300  1PG A C10 1 
HETATM 1247 C C11 . 1PG E 5 .   ? 10.253  -9.077  6.084   1.00 55.75 ? 300  1PG A C11 1 
HETATM 1248 O O6  . 1PG E 5 .   ? 10.162  -10.119 6.921   1.00 57.56 ? 300  1PG A O6  1 
HETATM 1249 C C2  . 1PG F 5 .   ? -2.649  -7.754  -9.085  1.00 63.75 ? 301  1PG A C2  1 
HETATM 1250 O O2  . 1PG F 5 .   ? -1.114  -7.878  -7.275  1.00 67.25 ? 301  1PG A O2  1 
HETATM 1251 C C3  . 1PG F 5 .   ? -1.256  -7.403  -8.515  1.00 66.05 ? 301  1PG A C3  1 
HETATM 1252 C C4  . 1PG F 5 .   ? 0.069   -7.532  -6.711  1.00 68.35 ? 301  1PG A C4  1 
HETATM 1253 C C5  . 1PG F 5 .   ? 1.277   -8.151  -7.474  1.00 69.67 ? 301  1PG A C5  1 
HETATM 1254 O O3  . 1PG F 5 .   ? 1.105   -9.461  -7.658  1.00 72.26 ? 301  1PG A O3  1 
HETATM 1255 O O   . HOH G 6 .   ? 9.845   -12.806 -8.338  1.00 13.19 ? 1001 HOH A O   1 
HETATM 1256 O O   . HOH G 6 .   ? 6.363   2.910   -8.530  1.00 13.86 ? 1002 HOH A O   1 
HETATM 1257 O O   . HOH G 6 .   ? 3.872   -4.174  -7.564  1.00 12.36 ? 1003 HOH A O   1 
HETATM 1258 O O   . HOH G 6 .   ? 5.335   -1.072  -6.490  1.00 14.48 ? 1004 HOH A O   1 
HETATM 1259 O O   . HOH G 6 .   ? -10.442 -1.987  1.872   1.00 13.40 ? 1005 HOH A O   1 
HETATM 1260 O O   . HOH G 6 .   ? 6.271   1.441   -6.015  1.00 13.66 ? 1006 HOH A O   1 
HETATM 1261 O O   . HOH G 6 .   ? 19.771  3.195   -7.056  1.00 16.37 ? 1007 HOH A O   1 
HETATM 1262 O O   . HOH G 6 .   ? -9.685  -5.683  12.881  1.00 13.69 ? 1008 HOH A O   1 
HETATM 1263 O O   . HOH G 6 .   ? 6.261   -2.796  -8.610  1.00 13.94 ? 1009 HOH A O   1 
HETATM 1264 O O   . HOH G 6 .   ? -4.066  -16.129 -5.572  1.00 14.64 ? 1010 HOH A O   1 
HETATM 1265 O O   . HOH G 6 .   ? -5.871  -8.102  10.182  1.00 16.99 ? 1011 HOH A O   1 
HETATM 1266 O O   . HOH G 6 .   ? -7.644  -5.916  9.945   1.00 16.52 ? 1012 HOH A O   1 
HETATM 1267 O O   . HOH G 6 .   ? -9.465  -0.304  -7.793  1.00 16.50 ? 1013 HOH A O   1 
HETATM 1268 O O   . HOH G 6 .   ? 5.947   -13.708 -0.989  1.00 15.02 ? 1014 HOH A O   1 
HETATM 1269 O O   . HOH G 6 .   ? 2.976   7.115   -10.966 1.00 16.59 ? 1015 HOH A O   1 
HETATM 1270 O O   . HOH G 6 .   ? 18.626  -16.550 -4.762  1.00 20.00 ? 1016 HOH A O   1 
HETATM 1271 O O   . HOH G 6 .   ? -3.829  -9.985  -6.345  1.00 17.82 ? 1017 HOH A O   1 
HETATM 1272 O O   . HOH G 6 .   ? 26.149  -0.911  8.348   1.00 16.21 ? 1018 HOH A O   1 
HETATM 1273 O O   . HOH G 6 .   ? -1.204  6.171   -16.225 1.00 19.97 ? 1019 HOH A O   1 
HETATM 1274 O O   . HOH G 6 .   ? 12.244  -10.251 -14.183 1.00 22.20 ? 1020 HOH A O   1 
HETATM 1275 O O   . HOH G 6 .   ? 22.311  2.112   -4.037  1.00 19.95 ? 1021 HOH A O   1 
HETATM 1276 O O   . HOH G 6 .   ? 23.965  -4.011  7.606   1.00 22.46 ? 1022 HOH A O   1 
HETATM 1277 O O   . HOH G 6 .   ? 8.567   -2.969  1.755   1.00 18.33 ? 1023 HOH A O   1 
HETATM 1278 O O   . HOH G 6 .   ? 23.507  -0.418  7.544   1.00 19.10 ? 1024 HOH A O   1 
HETATM 1279 O O   . HOH G 6 .   ? -4.446  14.838  -9.004  1.00 21.33 ? 1025 HOH A O   1 
HETATM 1280 O O   . HOH G 6 .   ? 14.929  6.823   -8.665  1.00 22.37 ? 1026 HOH A O   1 
HETATM 1281 O O   . HOH G 6 .   ? 1.018   3.446   -15.484 1.00 20.48 ? 1027 HOH A O   1 
HETATM 1282 O O   . HOH G 6 .   ? 26.644  -2.261  -5.213  1.00 21.78 ? 1028 HOH A O   1 
HETATM 1283 O O   . HOH G 6 .   ? -2.127  -22.553 -3.179  1.00 25.37 ? 1029 HOH A O   1 
HETATM 1284 O O   . HOH G 6 .   ? -12.961 1.795   9.391   1.00 29.01 ? 1030 HOH A O   1 
HETATM 1285 O O   . HOH G 6 .   ? -5.837  6.938   -14.271 1.00 20.23 ? 1031 HOH A O   1 
HETATM 1286 O O   . HOH G 6 .   ? -5.019  8.690   -16.403 1.00 29.00 ? 1032 HOH A O   1 
HETATM 1287 O O   . HOH G 6 .   ? 17.142  -4.495  6.238   1.00 22.62 ? 1033 HOH A O   1 
HETATM 1288 O O   . HOH G 6 .   ? 4.095   5.533   5.056   1.00 23.42 ? 1034 HOH A O   1 
HETATM 1289 O O   . HOH G 6 .   ? 7.733   -8.098  -5.585  1.00 22.65 ? 1035 HOH A O   1 
HETATM 1290 O O   . HOH G 6 .   ? 11.704  -13.781 -1.719  1.00 23.31 ? 1036 HOH A O   1 
HETATM 1291 O O   . HOH G 6 .   ? 6.541   -16.320 -0.234  1.00 19.98 ? 1037 HOH A O   1 
HETATM 1292 O O   . HOH G 6 .   ? 23.290  1.312   -6.569  1.00 20.70 ? 1038 HOH A O   1 
HETATM 1293 O O   . HOH G 6 .   ? -10.518 -4.294  -5.564  1.00 28.28 ? 1039 HOH A O   1 
HETATM 1294 O O   . HOH G 6 .   ? 6.809   -9.719  1.005   1.00 24.87 ? 1040 HOH A O   1 
HETATM 1295 O O   . HOH G 6 .   ? 26.789  -4.896  8.289   1.00 24.43 ? 1041 HOH A O   1 
HETATM 1296 O O   . HOH G 6 .   ? 15.541  -5.006  3.985   1.00 26.86 ? 1042 HOH A O   1 
HETATM 1297 O O   . HOH G 6 .   ? -7.254  -5.235  17.239  1.00 22.88 ? 1043 HOH A O   1 
HETATM 1298 O O   . HOH G 6 .   ? -5.825  12.320  -2.781  1.00 27.69 ? 1044 HOH A O   1 
HETATM 1299 O O   . HOH G 6 .   ? 25.134  -0.867  -7.178  1.00 30.40 ? 1045 HOH A O   1 
HETATM 1300 O O   . HOH G 6 .   ? 24.540  -5.602  4.457   1.00 26.17 ? 1046 HOH A O   1 
HETATM 1301 O O   . HOH G 6 .   ? -2.054  10.682  7.499   1.00 28.46 ? 1047 HOH A O   1 
HETATM 1302 O O   . HOH G 6 .   ? -15.189 -0.153  8.886   1.00 25.13 ? 1048 HOH A O   1 
HETATM 1303 O O   . HOH G 6 .   ? -7.902  -11.610 11.428  1.00 32.21 ? 1049 HOH A O   1 
HETATM 1304 O O   . HOH G 6 .   ? 18.442  -17.400 -2.259  1.00 30.50 ? 1050 HOH A O   1 
HETATM 1305 O O   . HOH G 6 .   ? 17.784  -7.502  -7.050  1.00 21.98 ? 1051 HOH A O   1 
HETATM 1306 O O   . HOH G 6 .   ? -8.919  10.511  5.208   1.00 30.88 ? 1052 HOH A O   1 
HETATM 1307 O O   . HOH G 6 .   ? 26.614  -6.544  5.997   1.00 28.98 ? 1053 HOH A O   1 
HETATM 1308 O O   . HOH G 6 .   ? 1.967   -17.539 0.830   1.00 24.58 ? 1054 HOH A O   1 
HETATM 1309 O O   . HOH G 6 .   ? 19.900  -6.750  -8.582  1.00 28.77 ? 1055 HOH A O   1 
HETATM 1310 O O   . HOH G 6 .   ? -6.406  -16.823 -4.622  1.00 21.30 ? 1056 HOH A O   1 
HETATM 1311 O O   . HOH G 6 .   ? 6.746   -4.829  0.700   1.00 29.88 ? 1057 HOH A O   1 
HETATM 1312 O O   . HOH G 6 .   ? 8.633   -2.664  4.288   1.00 29.80 ? 1058 HOH A O   1 
HETATM 1313 O O   . HOH G 6 .   ? -8.112  0.980   21.125  1.00 36.71 ? 1059 HOH A O   1 
HETATM 1314 O O   . HOH G 6 .   ? -0.701  -11.413 8.074   1.00 25.65 ? 1060 HOH A O   1 
HETATM 1315 O O   . HOH G 6 .   ? 24.918  -2.319  0.985   1.00 29.83 ? 1061 HOH A O   1 
HETATM 1316 O O   . HOH G 6 .   ? 5.754   6.779   -10.910 1.00 31.50 ? 1062 HOH A O   1 
HETATM 1317 O O   . HOH G 6 .   ? -18.203 -9.851  6.792   1.00 34.10 ? 1063 HOH A O   1 
HETATM 1318 O O   . HOH G 6 .   ? -0.526  4.433   11.083  1.00 40.43 ? 1064 HOH A O   1 
HETATM 1319 O O   . HOH G 6 .   ? 1.626   6.028   -14.782 1.00 29.49 ? 1065 HOH A O   1 
HETATM 1320 O O   . HOH G 6 .   ? 7.296   6.260   -8.677  1.00 34.11 ? 1066 HOH A O   1 
HETATM 1321 O O   . HOH G 6 .   ? -15.482 1.721   -1.772  1.00 39.79 ? 1067 HOH A O   1 
HETATM 1322 O O   . HOH G 6 .   ? -4.679  -8.516  15.495  1.00 27.97 ? 1068 HOH A O   1 
HETATM 1323 O O   . HOH G 6 .   ? 15.897  -4.113  -20.365 1.00 58.12 ? 1069 HOH A O   1 
HETATM 1324 O O   . HOH G 6 .   ? -1.881  -5.236  -10.747 1.00 61.36 ? 1070 HOH A O   1 
HETATM 1325 O O   . HOH G 6 .   ? -14.608 5.228   17.639  1.00 31.37 ? 1071 HOH A O   1 
HETATM 1326 O O   . HOH G 6 .   ? 6.002   -12.694 -6.689  1.00 27.19 ? 1072 HOH A O   1 
HETATM 1327 O O   . HOH G 6 .   ? 6.589   -8.938  3.576   1.00 30.69 ? 1073 HOH A O   1 
HETATM 1328 O O   . HOH G 6 .   ? -10.254 -15.916 -4.457  1.00 52.42 ? 1074 HOH A O   1 
HETATM 1329 O O   . HOH G 6 .   ? 17.566  -18.194 1.536   1.00 36.09 ? 1075 HOH A O   1 
HETATM 1330 O O   . HOH G 6 .   ? 25.731  -2.798  10.340  1.00 34.44 ? 1076 HOH A O   1 
HETATM 1331 O O   . HOH G 6 .   ? -14.277 -7.881  17.845  1.00 47.67 ? 1077 HOH A O   1 
HETATM 1332 O O   . HOH G 6 .   ? 0.694   -11.987 12.282  1.00 44.47 ? 1078 HOH A O   1 
HETATM 1333 O O   . HOH G 6 .   ? -6.405  -9.662  12.417  1.00 30.60 ? 1079 HOH A O   1 
HETATM 1334 O O   . HOH G 6 .   ? -16.424 4.805   15.424  1.00 28.19 ? 1080 HOH A O   1 
HETATM 1335 O O   . HOH G 6 .   ? -18.462 -3.326  5.565   1.00 37.99 ? 1081 HOH A O   1 
HETATM 1336 O O   . HOH G 6 .   ? -13.673 7.702   -5.769  1.00 32.79 ? 1082 HOH A O   1 
HETATM 1337 O O   . HOH G 6 .   ? 3.359   11.765  2.645   1.00 32.84 ? 1083 HOH A O   1 
HETATM 1338 O O   . HOH G 6 .   ? 20.432  1.579   -9.589  1.00 43.43 ? 1084 HOH A O   1 
HETATM 1339 O O   . HOH G 6 .   ? -11.201 10.998  12.531  1.00 31.65 ? 1085 HOH A O   1 
HETATM 1340 O O   . HOH G 6 .   ? 4.042   7.811   1.098   1.00 28.79 ? 1086 HOH A O   1 
HETATM 1341 O O   . HOH G 6 .   ? -7.227  -18.274 -2.154  1.00 34.26 ? 1087 HOH A O   1 
HETATM 1342 O O   . HOH G 6 .   ? 14.519  4.835   -26.598 1.00 28.62 ? 1088 HOH A O   1 
HETATM 1343 O O   . HOH G 6 .   ? -14.349 -5.276  22.073  1.00 26.62 ? 1089 HOH A O   1 
HETATM 1344 O O   . HOH G 6 .   ? -5.222  -12.267 9.761   1.00 58.98 ? 1090 HOH A O   1 
HETATM 1345 O O   . HOH G 6 .   ? 15.696  -9.296  2.151   1.00 51.83 ? 1091 HOH A O   1 
HETATM 1346 O O   . HOH G 6 .   ? 5.994   -6.162  3.420   1.00 38.22 ? 1092 HOH A O   1 
HETATM 1347 O O   . HOH G 6 .   ? -11.415 -13.989 8.774   1.00 44.21 ? 1093 HOH A O   1 
HETATM 1348 O O   . HOH G 6 .   ? -2.964  -12.634 -7.163  1.00 45.32 ? 1094 HOH A O   1 
HETATM 1349 O O   . HOH G 6 .   ? -8.862  -10.800 -7.628  1.00 33.85 ? 1095 HOH A O   1 
HETATM 1350 O O   . HOH G 6 .   ? 19.768  4.403   4.810   1.00 33.42 ? 1096 HOH A O   1 
HETATM 1351 O O   . HOH G 6 .   ? -17.473 -7.747  2.909   1.00 36.31 ? 1097 HOH A O   1 
HETATM 1352 O O   . HOH G 6 .   ? -12.283 -13.684 -7.952  1.00 28.65 ? 1098 HOH A O   1 
HETATM 1353 O O   . HOH G 6 .   ? -1.386  -13.423 -5.256  1.00 34.08 ? 1099 HOH A O   1 
HETATM 1354 O O   . HOH G 6 .   ? 14.927  -14.873 -2.834  1.00 45.03 ? 1100 HOH A O   1 
HETATM 1355 O O   . HOH G 6 .   ? 20.702  -1.568  -11.397 1.00 40.21 ? 1101 HOH A O   1 
HETATM 1356 O O   . HOH G 6 .   ? -11.399 -6.175  23.033  1.00 33.39 ? 1102 HOH A O   1 
HETATM 1357 O O   . HOH G 6 .   ? 5.121   10.417  1.086   1.00 51.48 ? 1103 HOH A O   1 
HETATM 1358 O O   . HOH G 6 .   ? 4.381   -4.521  -2.009  1.00 42.49 ? 1104 HOH A O   1 
HETATM 1359 O O   . HOH G 6 .   ? -7.294  -16.046 4.411   1.00 54.37 ? 1105 HOH A O   1 
HETATM 1360 O O   . HOH G 6 .   ? 8.917   13.477  -14.991 1.00 41.77 ? 1106 HOH A O   1 
HETATM 1361 O O   . HOH G 6 .   ? -6.067  -0.756  -16.130 1.00 38.49 ? 1107 HOH A O   1 
HETATM 1362 O O   . HOH G 6 .   ? -5.476  17.129  -7.730  1.00 63.69 ? 1108 HOH A O   1 
HETATM 1363 O O   . HOH G 6 .   ? -10.476 8.516   -14.559 1.00 45.00 ? 1109 HOH A O   1 
HETATM 1364 O O   . HOH G 6 .   ? 16.399  -3.972  -17.249 1.00 48.01 ? 1110 HOH A O   1 
HETATM 1365 O O   . HOH G 6 .   ? -14.639 6.503   -9.480  1.00 41.58 ? 1111 HOH A O   1 
HETATM 1366 O O   . HOH G 6 .   ? 6.756   6.833   -13.567 1.00 36.11 ? 1112 HOH A O   1 
HETATM 1367 O O   . HOH G 6 .   ? -11.155 3.719   7.257   1.00 26.46 ? 1113 HOH A O   1 
HETATM 1368 O O   . HOH G 6 .   ? 5.565   -13.950 -9.487  1.00 40.71 ? 1114 HOH A O   1 
HETATM 1369 O O   . HOH G 6 .   ? -4.183  -20.705 -2.903  1.00 51.71 ? 1115 HOH A O   1 
HETATM 1370 O O   . HOH G 6 .   ? 10.216  -8.112  1.226   1.00 27.82 ? 1116 HOH A O   1 
HETATM 1371 O O   . HOH G 6 .   ? 17.231  -14.121 -4.036  1.00 41.54 ? 1117 HOH A O   1 
HETATM 1372 O O   . HOH G 6 .   ? -6.385  -7.926  17.774  1.00 36.29 ? 1118 HOH A O   1 
HETATM 1373 O O   . HOH G 6 .   ? -15.550 -11.183 4.773   1.00 48.29 ? 1119 HOH A O   1 
HETATM 1374 O O   . HOH G 6 .   ? 11.807  4.290   -26.132 1.00 36.69 ? 1120 HOH A O   1 
HETATM 1375 O O   . HOH G 6 .   ? 24.306  4.449   -12.354 1.00 39.14 ? 1121 HOH A O   1 
HETATM 1376 O O   . HOH G 6 .   ? -9.240  10.155  -16.757 1.00 53.34 ? 1122 HOH A O   1 
HETATM 1377 O O   . HOH G 6 .   ? 5.253   7.057   3.330   1.00 44.10 ? 1123 HOH A O   1 
HETATM 1378 O O   . HOH G 6 .   ? 4.944   -17.276 1.743   1.00 38.61 ? 1124 HOH A O   1 
HETATM 1379 O O   . HOH G 6 .   ? -1.641  17.244  -1.739  1.00 67.99 ? 1125 HOH A O   1 
HETATM 1380 O O   . HOH G 6 .   ? -10.603 -2.925  -9.494  1.00 40.22 ? 1126 HOH A O   1 
HETATM 1381 O O   . HOH G 6 .   ? -16.353 -1.135  -7.116  1.00 49.54 ? 1127 HOH A O   1 
HETATM 1382 O O   . HOH G 6 .   ? -5.854  -7.711  -8.362  1.00 47.37 ? 1128 HOH A O   1 
HETATM 1383 O O   . HOH G 6 .   ? 10.997  -17.016 -0.884  1.00 73.34 ? 1129 HOH A O   1 
HETATM 1384 O O   . HOH G 6 .   ? -9.925  13.695  5.569   1.00 37.94 ? 1130 HOH A O   1 
HETATM 1385 O O   . HOH G 6 .   ? 20.324  0.386   -16.737 1.00 57.31 ? 1131 HOH A O   1 
HETATM 1386 O O   . HOH G 6 .   ? 4.381   -13.795 7.331   1.00 71.65 ? 1132 HOH A O   1 
HETATM 1387 O O   . HOH G 6 .   ? 13.422  9.573   -7.367  1.00 52.17 ? 1133 HOH A O   1 
HETATM 1388 O O   . HOH G 6 .   ? -1.985  -9.483  15.780  1.00 43.80 ? 1134 HOH A O   1 
HETATM 1389 O O   . HOH G 6 .   ? -0.642  1.363   18.893  1.00 67.30 ? 1135 HOH A O   1 
HETATM 1390 O O   . HOH G 6 .   ? 25.585  2.175   -14.803 1.00 92.68 ? 1136 HOH A O   1 
HETATM 1391 O O   . HOH G 6 .   ? -0.998  -23.069 -0.818  1.00 68.06 ? 1137 HOH A O   1 
HETATM 1392 O O   . HOH G 6 .   ? 1.491   19.633  -1.016  1.00 95.66 ? 1138 HOH A O   1 
HETATM 1393 O O   . HOH G 6 .   ? -19.431 -5.906  10.295  1.00 57.49 ? 1139 HOH A O   1 
HETATM 1394 O O   . HOH G 6 .   ? -13.842 3.097   6.813   1.00 29.36 ? 1140 HOH A O   1 
HETATM 1395 O O   . HOH G 6 .   ? -7.339  8.712   3.035   1.00 25.32 ? 1141 HOH A O   1 
HETATM 1396 O O   . HOH G 6 .   ? -7.829  6.244   2.185   1.00 32.69 ? 1142 HOH A O   1 
HETATM 1397 O O   . HOH G 6 .   ? 7.749   6.292   2.529   1.00 39.02 ? 1143 HOH A O   1 
HETATM 1398 O O   . HOH G 6 .   ? 10.554  -14.222 -15.087 1.00 36.53 ? 1144 HOH A O   1 
HETATM 1399 O O   . HOH G 6 .   ? 21.442  1.368   7.800   1.00 39.67 ? 1145 HOH A O   1 
HETATM 1400 O O   . HOH G 6 .   ? 26.841  -6.760  -3.871  1.00 35.08 ? 1146 HOH A O   1 
HETATM 1401 O O   . HOH G 6 .   ? -11.037 -16.261 -8.222  1.00 35.04 ? 1147 HOH A O   1 
HETATM 1402 O O   . HOH G 6 .   ? 17.175  -19.592 -0.886  1.00 50.25 ? 1148 HOH A O   1 
HETATM 1403 O O   . HOH G 6 .   ? -6.922  8.965   18.264  1.00 40.23 ? 1149 HOH A O   1 
HETATM 1404 O O   . HOH G 6 .   ? 2.256   -12.604 -7.732  1.00 40.71 ? 1150 HOH A O   1 
HETATM 1405 O O   . HOH G 6 .   ? -12.410 12.572  6.329   1.00 37.76 ? 1151 HOH A O   1 
HETATM 1406 O O   . HOH G 6 .   ? 4.558   -15.062 -12.793 1.00 49.27 ? 1152 HOH A O   1 
HETATM 1407 O O   . HOH G 6 .   ? -10.967 -12.887 -5.039  1.00 37.01 ? 1153 HOH A O   1 
HETATM 1408 O O   . HOH G 6 .   ? -4.841  15.261  0.118   1.00 46.40 ? 1154 HOH A O   1 
HETATM 1409 O O   . HOH G 6 .   ? 6.739   -10.404 -9.725  1.00 45.87 ? 1155 HOH A O   1 
HETATM 1410 O O   . HOH G 6 .   ? 19.198  6.131   -9.115  1.00 42.57 ? 1156 HOH A O   1 
HETATM 1411 O O   . HOH G 6 .   ? -8.921  -8.997  15.651  1.00 47.75 ? 1157 HOH A O   1 
HETATM 1412 O O   . HOH G 6 .   ? 0.081   6.011   22.642  1.00 67.91 ? 1158 HOH A O   1 
HETATM 1413 O O   . HOH G 6 .   ? -13.733 -12.500 16.229  1.00 38.32 ? 1159 HOH A O   1 
HETATM 1414 O O   . HOH G 6 .   ? -9.003  2.495   24.771  1.00 52.11 ? 1160 HOH A O   1 
HETATM 1415 O O   . HOH G 6 .   ? 15.686  -7.357  -13.766 1.00 48.99 ? 1161 HOH A O   1 
HETATM 1416 O O   . HOH G 6 .   ? -8.646  6.831   -13.206 1.00 51.02 ? 1162 HOH A O   1 
HETATM 1417 O O   . HOH G 6 .   ? 15.403  -13.034 -13.058 1.00 57.86 ? 1163 HOH A O   1 
HETATM 1418 O O   . HOH G 6 .   ? -15.946 6.302   21.902  1.00 91.97 ? 1164 HOH A O   1 
HETATM 1419 O O   . HOH G 6 .   ? 8.101   -4.004  6.782   1.00 47.74 ? 1165 HOH A O   1 
HETATM 1420 O O   . HOH G 6 .   ? 3.519   -4.732  19.969  1.00 60.95 ? 1166 HOH A O   1 
HETATM 1421 O O   . HOH G 6 .   ? -12.836 -14.437 -0.814  1.00 55.63 ? 1167 HOH A O   1 
HETATM 1422 O O   . HOH G 6 .   ? -7.611  -16.772 8.365   1.00 62.00 ? 1168 HOH A O   1 
HETATM 1423 O O   . HOH G 6 .   ? -3.817  15.066  4.607   1.00 41.24 ? 1169 HOH A O   1 
HETATM 1424 O O   . HOH G 6 .   ? -15.278 5.253   7.887   1.00 69.57 ? 1170 HOH A O   1 
HETATM 1425 O O   . HOH G 6 .   ? 2.369   21.853  -4.596  1.00 55.53 ? 1171 HOH A O   1 
HETATM 1426 O O   . HOH G 6 .   ? 22.675  1.347   -13.973 1.00 63.39 ? 1172 HOH A O   1 
HETATM 1427 O O   . HOH G 6 .   ? -1.093  -6.093  22.612  1.00 45.17 ? 1173 HOH A O   1 
HETATM 1428 O O   . HOH G 6 .   ? -5.927  -9.883  -11.198 1.00 57.99 ? 1174 HOH A O   1 
HETATM 1429 O O   . HOH G 6 .   ? 11.645  0.345   -29.222 1.00 43.06 ? 1175 HOH A O   1 
HETATM 1430 O O   . HOH G 6 .   ? 6.326   15.220  -22.752 1.00 58.14 ? 1176 HOH A O   1 
HETATM 1431 O O   . HOH G 6 .   ? 6.128   -5.071  13.250  1.00 53.84 ? 1177 HOH A O   1 
HETATM 1432 O O   . HOH G 6 .   ? -13.992 5.873   -2.139  1.00 66.27 ? 1178 HOH A O   1 
HETATM 1433 O O   . HOH G 6 .   ? 4.745   -11.029 9.161   1.00 49.59 ? 1179 HOH A O   1 
HETATM 1434 O O   . HOH G 6 .   ? 5.017   -11.783 15.494  1.00 58.47 ? 1180 HOH A O   1 
HETATM 1435 O O   . HOH G 6 .   ? 21.306  4.561   -15.954 1.00 52.05 ? 1181 HOH A O   1 
HETATM 1436 O O   . HOH G 6 .   ? 10.082  16.735  -12.110 1.00 53.93 ? 1182 HOH A O   1 
HETATM 1437 O O   . HOH G 6 .   ? -7.862  -5.478  -9.489  1.00 64.08 ? 1183 HOH A O   1 
HETATM 1438 O O   . HOH G 6 .   ? -13.732 7.713   7.439   1.00 63.01 ? 1184 HOH A O   1 
HETATM 1439 O O   . HOH G 6 .   ? -13.593 9.482   -16.286 1.00 58.29 ? 1185 HOH A O   1 
HETATM 1440 O O   . HOH G 6 .   ? -18.269 -7.881  -5.282  1.00 51.55 ? 1186 HOH A O   1 
HETATM 1441 O O   . HOH G 6 .   ? 17.871  1.672   7.002   1.00 48.97 ? 1187 HOH A O   1 
HETATM 1442 O O   . HOH G 6 .   ? -21.957 -6.548  1.398   1.00 83.68 ? 1188 HOH A O   1 
HETATM 1443 O O   . HOH G 6 .   ? -10.179 -1.249  -14.228 1.00 47.90 ? 1189 HOH A O   1 
HETATM 1444 O O   . HOH G 6 .   ? 27.712  0.955   -13.020 1.00 56.32 ? 1190 HOH A O   1 
HETATM 1445 O O   . HOH G 6 .   ? 4.429   -8.097  17.031  1.00 74.27 ? 1191 HOH A O   1 
HETATM 1446 O O   . HOH G 6 .   ? -13.270 -13.986 5.870   1.00 65.82 ? 1192 HOH A O   1 
HETATM 1447 O O   . HOH G 6 .   ? 14.806  -17.583 5.152   1.00 66.15 ? 1193 HOH A O   1 
HETATM 1448 O O   . HOH G 6 .   ? -14.685 -4.316  -6.504  1.00 70.31 ? 1194 HOH A O   1 
HETATM 1449 O O   . HOH G 6 .   ? -9.999  -19.917 4.224   1.00 64.19 ? 1195 HOH A O   1 
HETATM 1450 O O   . HOH G 6 .   ? -6.513  -22.597 -5.191  1.00 54.50 ? 1196 HOH A O   1 
HETATM 1451 O O   . HOH G 6 .   ? 6.056   -11.195 6.635   1.00 42.48 ? 1197 HOH A O   1 
HETATM 1452 O O   . HOH G 6 .   ? -2.601  -4.122  -14.665 1.00 65.73 ? 1198 HOH A O   1 
HETATM 1453 O O   . HOH G 6 .   ? 12.990  -8.194  4.823   1.00 51.12 ? 1199 HOH A O   1 
HETATM 1454 O O   . HOH G 6 .   ? -21.099 3.995   12.097  1.00 60.05 ? 1200 HOH A O   1 
HETATM 1455 O O   . HOH G 6 .   ? -6.186  6.113   20.233  1.00 72.38 ? 1201 HOH A O   1 
HETATM 1456 O O   . HOH G 6 .   ? 0.153   18.883  1.439   1.00 54.30 ? 1202 HOH A O   1 
HETATM 1457 O O   . HOH G 6 .   ? -4.687  -11.352 14.079  1.00 63.22 ? 1203 HOH A O   1 
HETATM 1458 O O   . HOH G 6 .   ? -3.137  18.932  -6.707  1.00 52.85 ? 1204 HOH A O   1 
# 
